data_6WBT
#
_entry.id   6WBT
#
_cell.length_a   102.797
_cell.length_b   219.724
_cell.length_c   97.978
_cell.angle_alpha   90.000
_cell.angle_beta   90.000
_cell.angle_gamma   90.000
#
_symmetry.space_group_name_H-M   'P 21 21 21'
#
loop_
_entity.id
_entity.type
_entity.pdbx_description
1 polymer 'cellulase IBT99'
2 non-polymer 'MANGANESE (II) ION'
3 non-polymer 6-O-phosphono-alpha-D-glucopyranose
4 non-polymer NICOTINAMIDE-ADENINE-DINUCLEOTIDE
5 non-polymer 'PHOSPHATE ION'
6 non-polymer 1,2-ETHANEDIOL
7 water water
#
_entity_poly.entity_id   1
_entity_poly.type   'polypeptide(L)'
_entity_poly.pdbx_seq_one_letter_code
;(MSE)DKELKIVICGGGSTYTPGIVKDLLDQRQKINIKELWLYDIDEERQNKVALIVKEVIKTEAPEVVLKVTVNPKEAF
TDADYI(MSE)AQ(MSE)RVGGLK(MSE)RVKDEQICLKHGCVGQETCGAGG(MSE)TYG(MSE)RTIYP(MSE)VQLID
YCEEYASKKYWIVNYSNPAAIVAKATYKLRPKARIINICD(MSE)PVEIEAR(MSE)AEILDCKLEDIESDYFGLNHYGW
FTHVRCKGVDVTDKLKEHVRKYGYVSEAS(MSE)NDALLKDPDWVHTFKNSALISS(MSE)FTDYLPNTYWQYYL(MSE)
PDSIVDY(MSE)DINNTRG(MSE)QVINGREKRIFKAAEDIREGKPVDLQQFYVGVHGKFIVKVVESLIHDERSRQLVIV
PNNGAIENLSDDATVEIPGYVTDRGVEPVRVGSIPRFYKGLIEQQDACEGLLVEAAIEHSYEKAL(MSE)AFT(MSE)NR
TIPSSLVAKKLLDD(MSE)IEANKGYWPELK
;
_entity_poly.pdbx_strand_id   A,B,C,D
#
loop_
_chem_comp.id
_chem_comp.type
_chem_comp.name
_chem_comp.formula
EDO non-polymer 1,2-ETHANEDIOL 'C2 H6 O2'
G6P D-saccharide, alpha linking 6-O-phosphono-alpha-D-glucopyranose 'C6 H13 O9 P'
MN non-polymer 'MANGANESE (II) ION' 'Mn 2'
NAD non-polymer NICOTINAMIDE-ADENINE-DINUCLEOTIDE 'C21 H27 N7 O14 P2'
PO4 non-polymer 'PHOSPHATE ION' 'O4 P -3'
#
# COMPACT_ATOMS: atom_id res chain seq x y z
N ASP A 2 -29.85 27.05 18.02
CA ASP A 2 -31.19 26.73 18.49
C ASP A 2 -31.15 26.21 19.91
N LYS A 3 -30.07 25.53 20.26
CA LYS A 3 -29.86 24.99 21.60
C LYS A 3 -28.81 25.81 22.34
N GLU A 4 -29.09 26.10 23.61
CA GLU A 4 -28.13 26.81 24.45
C GLU A 4 -26.96 25.88 24.79
N LEU A 5 -25.74 26.39 24.65
CA LEU A 5 -24.53 25.58 24.74
C LEU A 5 -23.76 25.91 26.02
N LYS A 6 -23.16 24.88 26.61
CA LYS A 6 -22.28 25.02 27.76
C LYS A 6 -20.84 24.90 27.27
N ILE A 7 -20.14 26.03 27.22
CA ILE A 7 -18.77 26.08 26.72
C ILE A 7 -17.81 26.02 27.91
N VAL A 8 -16.84 25.12 27.84
CA VAL A 8 -15.86 24.91 28.91
C VAL A 8 -14.48 25.16 28.34
N ILE A 9 -13.70 25.98 29.04
CA ILE A 9 -12.32 26.27 28.66
C ILE A 9 -11.43 25.46 29.62
N CYS A 10 -10.96 24.30 29.15
CA CYS A 10 -10.07 23.46 29.95
C CYS A 10 -8.71 24.12 30.05
N GLY A 11 -8.43 24.73 31.19
CA GLY A 11 -7.21 25.49 31.37
C GLY A 11 -7.48 26.98 31.41
N GLY A 12 -8.43 27.37 32.26
CA GLY A 12 -8.82 28.77 32.36
C GLY A 12 -7.74 29.69 32.88
N GLY A 13 -6.70 29.13 33.50
CA GLY A 13 -5.60 29.94 33.99
C GLY A 13 -4.51 30.16 32.96
N SER A 14 -4.89 30.12 31.68
CA SER A 14 -3.96 30.30 30.59
C SER A 14 -3.84 31.77 30.23
N THR A 15 -2.69 32.15 29.67
CA THR A 15 -2.49 33.52 29.22
C THR A 15 -3.33 33.85 28.00
N TYR A 16 -3.83 32.84 27.28
CA TYR A 16 -4.69 33.06 26.13
C TYR A 16 -6.17 33.01 26.49
N THR A 17 -6.50 32.78 27.76
CA THR A 17 -7.91 32.69 28.15
C THR A 17 -8.67 33.99 27.95
N PRO A 18 -8.18 35.17 28.40
CA PRO A 18 -8.92 36.40 28.12
C PRO A 18 -9.04 36.72 26.64
N GLY A 19 -8.14 36.19 25.81
CA GLY A 19 -8.22 36.46 24.39
C GLY A 19 -9.34 35.70 23.71
N ILE A 20 -9.40 34.39 23.93
CA ILE A 20 -10.41 33.58 23.27
C ILE A 20 -11.80 33.79 23.86
N VAL A 21 -11.89 34.26 25.11
CA VAL A 21 -13.20 34.60 25.68
C VAL A 21 -13.81 35.76 24.92
N LYS A 22 -13.01 36.79 24.63
CA LYS A 22 -13.50 37.93 23.85
C LYS A 22 -13.79 37.52 22.42
N ASP A 23 -12.95 36.67 21.84
CA ASP A 23 -13.19 36.19 20.48
C ASP A 23 -14.42 35.30 20.42
N LEU A 24 -14.76 34.63 21.52
CA LEU A 24 -15.99 33.84 21.58
C LEU A 24 -17.22 34.71 21.77
N LEU A 25 -17.08 35.79 22.54
CA LEU A 25 -18.20 36.71 22.74
C LEU A 25 -18.52 37.53 21.50
N ASP A 26 -17.52 37.74 20.62
CA ASP A 26 -17.78 38.46 19.38
C ASP A 26 -18.64 37.68 18.40
N GLN A 27 -18.86 36.39 18.65
CA GLN A 27 -19.73 35.58 17.81
C GLN A 27 -20.97 35.17 18.59
N ARG A 28 -21.59 36.14 19.27
CA ARG A 28 -22.67 35.83 20.19
C ARG A 28 -23.94 35.44 19.45
N GLN A 29 -24.18 36.01 18.27
CA GLN A 29 -25.38 35.65 17.51
C GLN A 29 -25.28 34.25 16.93
N LYS A 30 -24.08 33.81 16.57
CA LYS A 30 -23.90 32.49 15.98
C LYS A 30 -23.71 31.39 17.02
N ILE A 31 -23.15 31.72 18.18
CA ILE A 31 -22.92 30.75 19.24
C ILE A 31 -23.81 31.14 20.41
N ASN A 32 -24.82 30.32 20.69
CA ASN A 32 -25.76 30.58 21.78
C ASN A 32 -25.14 30.05 23.07
N ILE A 33 -24.61 30.94 23.89
CA ILE A 33 -23.85 30.56 25.08
C ILE A 33 -24.81 30.49 26.28
N LYS A 34 -25.09 29.27 26.74
CA LYS A 34 -25.84 29.11 27.98
C LYS A 34 -24.99 29.51 29.18
N GLU A 35 -23.81 28.92 29.31
CA GLU A 35 -22.87 29.25 30.39
C GLU A 35 -21.45 29.17 29.85
N LEU A 36 -20.57 29.94 30.48
CA LEU A 36 -19.14 29.91 30.18
C LEU A 36 -18.41 29.37 31.40
N TRP A 37 -17.70 28.26 31.22
CA TRP A 37 -17.04 27.56 32.31
C TRP A 37 -15.53 27.64 32.15
N LEU A 38 -14.84 27.97 33.25
CA LEU A 38 -13.38 27.98 33.29
C LEU A 38 -12.94 26.87 34.24
N TYR A 39 -12.31 25.84 33.68
CA TYR A 39 -11.82 24.71 34.46
C TYR A 39 -10.30 24.68 34.45
N ASP A 40 -9.72 24.34 35.58
CA ASP A 40 -8.28 24.27 35.72
C ASP A 40 -7.94 23.45 36.95
N ILE A 41 -6.70 22.95 37.00
CA ILE A 41 -6.23 22.24 38.17
C ILE A 41 -5.54 23.16 39.18
N ASP A 42 -5.15 24.37 38.77
CA ASP A 42 -4.54 25.35 39.66
C ASP A 42 -5.62 26.36 40.04
N GLU A 43 -6.05 26.32 41.31
CA GLU A 43 -7.17 27.15 41.72
C GLU A 43 -6.77 28.63 41.78
N GLU A 44 -5.63 28.93 42.40
CA GLU A 44 -5.25 30.33 42.60
C GLU A 44 -4.90 31.00 41.28
N ARG A 45 -4.23 30.29 40.38
CA ARG A 45 -3.88 30.88 39.08
C ARG A 45 -5.12 31.16 38.25
N GLN A 46 -6.11 30.26 38.29
CA GLN A 46 -7.32 30.45 37.51
C GLN A 46 -8.17 31.59 38.06
N ASN A 47 -8.19 31.75 39.39
N ASN A 47 -8.19 31.75 39.39
CA ASN A 47 -8.98 32.81 40.00
CA ASN A 47 -9.00 32.82 39.98
C ASN A 47 -8.48 34.19 39.59
C ASN A 47 -8.48 34.20 39.60
N LYS A 48 -7.17 34.34 39.39
CA LYS A 48 -6.62 35.62 38.95
C LYS A 48 -6.99 35.90 37.51
N VAL A 49 -6.89 34.89 36.64
CA VAL A 49 -7.30 35.06 35.25
C VAL A 49 -8.81 35.26 35.14
N ALA A 50 -9.58 34.62 36.03
CA ALA A 50 -11.02 34.80 36.02
C ALA A 50 -11.40 36.25 36.30
N LEU A 51 -10.57 36.97 37.06
CA LEU A 51 -10.82 38.40 37.29
C LEU A 51 -10.80 39.17 35.97
N ILE A 52 -9.88 38.82 35.08
CA ILE A 52 -9.83 39.48 33.77
C ILE A 52 -10.97 39.02 32.90
N VAL A 53 -11.32 37.73 32.95
CA VAL A 53 -12.42 37.21 32.16
C VAL A 53 -13.73 37.89 32.54
N LYS A 54 -13.93 38.13 33.84
CA LYS A 54 -15.10 38.88 34.28
C LYS A 54 -15.07 40.31 33.77
N GLU A 55 -13.87 40.91 33.72
CA GLU A 55 -13.74 42.26 33.18
C GLU A 55 -13.97 42.28 31.67
N VAL A 56 -13.57 41.21 30.97
CA VAL A 56 -13.85 41.11 29.55
C VAL A 56 -15.33 40.90 29.31
N ILE A 57 -15.97 40.04 30.12
CA ILE A 57 -17.41 39.85 30.02
C ILE A 57 -18.15 41.15 30.33
N LYS A 58 -17.67 41.89 31.34
CA LYS A 58 -18.30 43.15 31.70
C LYS A 58 -18.16 44.21 30.61
N THR A 59 -17.22 44.03 29.69
CA THR A 59 -16.95 45.01 28.64
C THR A 59 -17.63 44.68 27.32
N GLU A 60 -17.66 43.40 26.92
CA GLU A 60 -18.19 43.01 25.63
C GLU A 60 -19.61 42.48 25.68
N ALA A 61 -19.94 41.67 26.69
CA ALA A 61 -21.27 41.08 26.79
C ALA A 61 -21.59 40.74 28.25
N PRO A 62 -22.21 41.66 29.00
CA PRO A 62 -22.44 41.41 30.43
C PRO A 62 -23.52 40.39 30.72
N GLU A 63 -24.26 39.91 29.73
CA GLU A 63 -25.35 38.97 29.95
C GLU A 63 -24.88 37.52 29.98
N VAL A 64 -23.59 37.26 29.80
CA VAL A 64 -23.05 35.91 29.80
C VAL A 64 -22.61 35.56 31.22
N VAL A 65 -23.19 34.50 31.78
CA VAL A 65 -22.84 34.05 33.12
C VAL A 65 -21.55 33.24 33.06
N LEU A 66 -20.65 33.52 33.99
CA LEU A 66 -19.35 32.86 34.07
C LEU A 66 -19.27 32.01 35.32
N LYS A 67 -18.94 30.73 35.13
CA LYS A 67 -18.74 29.79 36.23
C LYS A 67 -17.29 29.34 36.26
N VAL A 68 -16.68 29.37 37.44
CA VAL A 68 -15.29 29.00 37.63
C VAL A 68 -15.23 27.85 38.63
N THR A 69 -14.48 26.81 38.30
CA THR A 69 -14.40 25.64 39.16
C THR A 69 -13.10 24.89 38.89
N VAL A 70 -12.72 24.07 39.87
CA VAL A 70 -11.62 23.12 39.72
C VAL A 70 -12.09 21.68 39.77
N ASN A 71 -13.39 21.45 39.94
CA ASN A 71 -13.94 20.09 40.00
C ASN A 71 -14.28 19.63 38.58
N PRO A 72 -13.70 18.52 38.10
CA PRO A 72 -13.97 18.12 36.71
C PRO A 72 -15.41 17.68 36.48
N LYS A 73 -16.05 17.03 37.46
CA LYS A 73 -17.42 16.59 37.26
C LYS A 73 -18.37 17.78 37.13
N GLU A 74 -18.17 18.81 37.95
CA GLU A 74 -18.98 20.01 37.82
C GLU A 74 -18.64 20.77 36.54
N ALA A 75 -17.39 20.69 36.09
CA ALA A 75 -16.96 21.45 34.91
C ALA A 75 -17.42 20.79 33.61
N PHE A 76 -17.37 19.46 33.55
CA PHE A 76 -17.61 18.73 32.31
C PHE A 76 -18.98 18.08 32.23
N THR A 77 -19.83 18.24 33.24
CA THR A 77 -21.17 17.67 33.17
C THR A 77 -22.00 18.42 32.15
N ASP A 78 -22.58 17.68 31.21
CA ASP A 78 -23.42 18.24 30.14
C ASP A 78 -22.67 19.29 29.32
N ALA A 79 -21.35 19.13 29.22
CA ALA A 79 -20.54 20.05 28.43
C ALA A 79 -20.80 19.84 26.94
N ASP A 80 -21.04 20.94 26.23
CA ASP A 80 -21.29 20.92 24.80
C ASP A 80 -20.03 21.13 23.96
N TYR A 81 -19.14 22.04 24.39
CA TYR A 81 -17.90 22.29 23.66
C TYR A 81 -16.79 22.58 24.66
N ILE A 82 -15.70 21.82 24.56
CA ILE A 82 -14.57 21.95 25.45
C ILE A 82 -13.38 22.46 24.65
N MSE A 83 -12.90 23.64 25.00
CA MSE A 83 -11.73 24.21 24.35
C MSE A 83 -10.50 24.05 25.24
O MSE A 83 -10.33 24.77 26.23
CB MSE A 83 -11.96 25.69 24.01
CG MSE A 83 -13.06 25.91 22.98
SE MSE A 83 -13.27 27.79 22.47
CE MSE A 83 -13.84 28.51 24.19
N ALA A 84 -9.65 23.09 24.88
CA ALA A 84 -8.50 22.72 25.69
C ALA A 84 -7.31 23.62 25.36
N GLN A 85 -6.70 24.18 26.41
CA GLN A 85 -5.50 24.99 26.25
C GLN A 85 -4.60 24.77 27.47
N MSE A 86 -4.40 23.51 27.85
CA MSE A 86 -3.58 23.18 29.01
C MSE A 86 -2.10 23.24 28.68
O MSE A 86 -1.69 23.11 27.53
CB MSE A 86 -3.94 21.77 29.51
CG MSE A 86 -3.54 20.66 28.57
SE MSE A 86 -3.94 18.87 29.26
CE MSE A 86 -5.88 19.02 29.34
N ARG A 87 -1.30 23.46 29.72
CA ARG A 87 0.16 23.40 29.63
C ARG A 87 0.63 22.61 30.85
N VAL A 88 0.72 21.29 30.70
CA VAL A 88 1.12 20.43 31.81
C VAL A 88 2.53 20.81 32.24
N GLY A 89 2.69 21.05 33.54
CA GLY A 89 3.93 21.56 34.08
C GLY A 89 4.05 23.07 34.08
N GLY A 90 3.19 23.78 33.34
CA GLY A 90 3.22 25.22 33.30
C GLY A 90 4.48 25.76 32.60
N LEU A 91 4.60 27.08 32.65
CA LEU A 91 5.79 27.73 32.12
C LEU A 91 7.03 27.41 32.95
N LYS A 92 6.86 26.92 34.17
CA LYS A 92 8.00 26.54 35.00
C LYS A 92 8.75 25.36 34.38
N MSE A 93 8.03 24.36 33.90
CA MSE A 93 8.66 23.19 33.30
C MSE A 93 9.14 23.48 31.89
O MSE A 93 10.03 22.79 31.37
CB MSE A 93 7.70 22.01 33.29
CG MSE A 93 7.52 21.34 34.64
SE MSE A 93 9.23 20.77 35.40
CE MSE A 93 9.88 19.71 33.90
N ARG A 94 8.57 24.51 31.26
CA ARG A 94 8.99 24.87 29.91
C ARG A 94 10.41 25.42 29.90
N VAL A 95 10.74 26.29 30.86
CA VAL A 95 12.08 26.85 30.91
C VAL A 95 13.09 25.79 31.32
N LYS A 96 12.65 24.77 32.06
CA LYS A 96 13.56 23.70 32.44
C LYS A 96 13.83 22.77 31.27
N ASP A 97 12.85 22.57 30.39
CA ASP A 97 13.09 21.79 29.18
C ASP A 97 14.04 22.52 28.24
N GLU A 98 13.88 23.83 28.08
CA GLU A 98 14.74 24.59 27.18
C GLU A 98 16.16 24.68 27.73
N GLN A 99 16.30 24.79 29.05
CA GLN A 99 17.63 24.91 29.64
C GLN A 99 18.40 23.60 29.57
N ILE A 100 17.71 22.47 29.75
CA ILE A 100 18.38 21.17 29.70
C ILE A 100 18.89 20.90 28.28
N CYS A 101 18.12 21.31 27.27
CA CYS A 101 18.55 21.10 25.89
C CYS A 101 19.77 21.95 25.57
N LEU A 102 19.73 23.24 25.91
CA LEU A 102 20.87 24.12 25.63
C LEU A 102 22.10 23.71 26.43
N LYS A 103 21.91 23.07 27.58
CA LYS A 103 23.02 22.53 28.34
C LYS A 103 23.74 21.41 27.58
N HIS A 104 23.05 20.73 26.67
CA HIS A 104 23.65 19.68 25.85
C HIS A 104 23.89 20.15 24.42
N GLY A 105 23.78 21.44 24.15
CA GLY A 105 24.03 21.95 22.81
C GLY A 105 22.99 21.57 21.78
N CYS A 106 21.73 21.49 22.18
CA CYS A 106 20.64 21.15 21.27
C CYS A 106 19.57 22.24 21.31
N VAL A 107 18.73 22.25 20.28
CA VAL A 107 17.69 23.26 20.17
C VAL A 107 16.66 23.05 21.27
N GLY A 108 16.55 24.03 22.16
CA GLY A 108 15.55 23.98 23.22
C GLY A 108 14.32 24.78 22.87
N GLN A 109 13.32 24.12 22.28
CA GLN A 109 12.10 24.77 21.82
C GLN A 109 10.91 24.20 22.58
N GLU A 110 9.80 24.93 22.52
CA GLU A 110 8.58 24.52 23.22
C GLU A 110 8.06 23.20 22.69
N THR A 111 7.96 23.07 21.37
CA THR A 111 7.33 21.91 20.76
C THR A 111 8.25 21.16 19.78
N CYS A 112 9.47 21.61 19.59
CA CYS A 112 10.40 20.98 18.66
C CYS A 112 11.67 20.55 19.37
N GLY A 113 12.20 19.41 18.98
CA GLY A 113 13.41 18.89 19.60
C GLY A 113 13.12 18.10 20.86
N ALA A 114 14.15 17.99 21.71
CA ALA A 114 13.99 17.27 22.97
C ALA A 114 13.04 17.98 23.92
N GLY A 115 12.97 19.32 23.85
CA GLY A 115 12.06 20.04 24.70
C GLY A 115 10.60 19.79 24.35
N GLY A 116 10.31 19.59 23.08
CA GLY A 116 8.97 19.30 22.63
C GLY A 116 8.53 17.88 22.96
N MSE A 117 9.44 16.93 22.77
CA MSE A 117 9.17 15.54 23.11
C MSE A 117 8.96 15.38 24.61
O MSE A 117 8.11 14.60 25.05
CB MSE A 117 10.33 14.64 22.65
CG MSE A 117 10.46 14.54 21.15
SE MSE A 117 11.79 13.24 20.59
CE MSE A 117 13.40 14.12 21.27
N THR A 118 9.73 16.13 25.39
CA THR A 118 9.54 16.12 26.85
C THR A 118 8.20 16.75 27.22
N TYR A 119 7.87 17.89 26.61
CA TYR A 119 6.57 18.50 26.81
C TYR A 119 5.45 17.58 26.34
N GLY A 120 5.71 16.78 25.30
CA GLY A 120 4.67 15.90 24.78
C GLY A 120 4.29 14.80 25.75
N MSE A 121 5.28 14.16 26.37
CA MSE A 121 5.03 13.05 27.28
C MSE A 121 4.33 13.51 28.56
O MSE A 121 3.67 12.71 29.23
CB MSE A 121 6.32 12.32 27.62
CG MSE A 121 6.93 11.55 26.45
SE MSE A 121 7.95 10.00 27.04
CE MSE A 121 6.53 9.03 27.95
N ARG A 122 4.48 14.79 28.91
CA ARG A 122 3.74 15.34 30.03
C ARG A 122 2.27 15.52 29.70
N THR A 123 1.92 15.64 28.43
CA THR A 123 0.57 16.00 28.00
C THR A 123 -0.25 14.80 27.54
N ILE A 124 0.37 13.65 27.28
CA ILE A 124 -0.34 12.51 26.69
C ILE A 124 -1.47 12.05 27.61
N TYR A 125 -1.13 11.58 28.80
CA TYR A 125 -2.12 11.01 29.70
C TYR A 125 -3.07 12.06 30.29
N PRO A 126 -2.60 13.26 30.66
CA PRO A 126 -3.57 14.30 31.06
C PRO A 126 -4.59 14.63 29.98
N MSE A 127 -4.21 14.56 28.71
CA MSE A 127 -5.16 14.77 27.62
C MSE A 127 -6.14 13.61 27.53
O MSE A 127 -7.33 13.81 27.25
CB MSE A 127 -4.42 14.95 26.29
CG MSE A 127 -4.01 16.38 25.99
SE MSE A 127 -5.55 17.57 25.85
CE MSE A 127 -6.57 16.58 24.52
N VAL A 128 -5.64 12.39 27.76
CA VAL A 128 -6.51 11.22 27.76
C VAL A 128 -7.52 11.31 28.89
N GLN A 129 -7.10 11.82 30.05
CA GLN A 129 -8.03 12.00 31.16
C GLN A 129 -9.09 13.04 30.82
N LEU A 130 -8.74 14.06 30.04
CA LEU A 130 -9.73 15.02 29.57
C LEU A 130 -10.74 14.35 28.65
N ILE A 131 -10.28 13.40 27.84
CA ILE A 131 -11.19 12.68 26.94
C ILE A 131 -12.19 11.85 27.75
N ASP A 132 -11.68 11.12 28.74
CA ASP A 132 -12.56 10.26 29.54
C ASP A 132 -13.54 11.06 30.38
N TYR A 133 -13.18 12.29 30.74
CA TYR A 133 -14.13 13.16 31.44
C TYR A 133 -15.35 13.45 30.57
N CYS A 134 -15.12 13.77 29.29
CA CYS A 134 -16.21 14.12 28.40
C CYS A 134 -17.00 12.89 27.96
N GLU A 135 -16.34 11.74 27.84
CA GLU A 135 -17.05 10.50 27.53
C GLU A 135 -17.99 10.11 28.67
N GLU A 136 -17.67 10.51 29.90
CA GLU A 136 -18.42 10.10 31.08
C GLU A 136 -19.41 11.15 31.55
N TYR A 137 -19.05 12.43 31.50
CA TYR A 137 -19.85 13.51 32.04
C TYR A 137 -20.49 14.40 30.99
N ALA A 138 -19.80 14.67 29.88
CA ALA A 138 -20.29 15.64 28.92
C ALA A 138 -21.41 15.06 28.06
N SER A 139 -21.94 15.90 27.18
CA SER A 139 -22.98 15.48 26.26
C SER A 139 -22.47 14.41 25.32
N LYS A 140 -23.40 13.59 24.81
CA LYS A 140 -23.04 12.55 23.87
C LYS A 140 -22.64 13.09 22.50
N LYS A 141 -22.93 14.37 22.22
CA LYS A 141 -22.46 15.03 21.01
C LYS A 141 -21.43 16.11 21.32
N TYR A 142 -20.61 15.90 22.35
CA TYR A 142 -19.62 16.88 22.74
C TYR A 142 -18.55 17.02 21.66
N TRP A 143 -17.79 18.10 21.74
CA TRP A 143 -16.66 18.32 20.85
C TRP A 143 -15.53 18.96 21.65
N ILE A 144 -14.33 18.41 21.50
CA ILE A 144 -13.13 18.96 22.14
C ILE A 144 -12.27 19.55 21.04
N VAL A 145 -12.34 20.87 20.87
CA VAL A 145 -11.47 21.54 19.92
C VAL A 145 -10.13 21.78 20.60
N ASN A 146 -9.24 20.80 20.48
CA ASN A 146 -7.95 20.85 21.17
C ASN A 146 -6.94 21.63 20.35
N TYR A 147 -6.34 22.63 20.98
CA TYR A 147 -5.23 23.36 20.36
C TYR A 147 -4.05 23.46 21.32
N SER A 148 -3.96 22.55 22.28
CA SER A 148 -2.83 22.53 23.20
C SER A 148 -1.66 21.78 22.57
N ASN A 149 -0.47 22.23 22.91
CA ASN A 149 0.77 21.72 22.33
C ASN A 149 1.41 20.68 23.25
N PRO A 150 2.24 19.78 22.70
CA PRO A 150 2.54 19.61 21.27
C PRO A 150 1.41 18.93 20.53
N ALA A 151 0.77 19.65 19.61
CA ALA A 151 -0.40 19.12 18.91
C ALA A 151 -0.06 17.89 18.08
N ALA A 152 1.19 17.75 17.65
CA ALA A 152 1.58 16.59 16.86
C ALA A 152 1.60 15.32 17.71
N ILE A 153 2.21 15.39 18.89
CA ILE A 153 2.37 14.20 19.71
C ILE A 153 1.05 13.83 20.38
N VAL A 154 0.29 14.82 20.85
CA VAL A 154 -0.94 14.52 21.57
C VAL A 154 -2.01 13.98 20.64
N ALA A 155 -2.03 14.42 19.38
CA ALA A 155 -3.02 13.93 18.44
C ALA A 155 -2.75 12.48 18.06
N LYS A 156 -1.47 12.15 17.83
CA LYS A 156 -1.12 10.76 17.53
C LYS A 156 -1.34 9.86 18.74
N ALA A 157 -1.17 10.39 19.95
CA ALA A 157 -1.38 9.58 21.15
C ALA A 157 -2.87 9.41 21.45
N THR A 158 -3.64 10.50 21.38
CA THR A 158 -5.07 10.42 21.66
C THR A 158 -5.80 9.58 20.60
N TYR A 159 -5.33 9.60 19.35
CA TYR A 159 -5.98 8.80 18.31
C TYR A 159 -5.70 7.31 18.50
N LYS A 160 -4.53 6.96 19.02
CA LYS A 160 -4.23 5.56 19.27
C LYS A 160 -4.94 5.03 20.52
N LEU A 161 -5.00 5.84 21.58
CA LEU A 161 -5.60 5.36 22.82
C LEU A 161 -7.12 5.51 22.80
N ARG A 162 -7.61 6.66 22.35
CA ARG A 162 -9.05 6.96 22.29
C ARG A 162 -9.40 7.30 20.85
N PRO A 163 -9.53 6.28 19.99
CA PRO A 163 -9.82 6.55 18.57
C PRO A 163 -11.23 7.08 18.36
N LYS A 164 -12.18 6.75 19.24
CA LYS A 164 -13.56 7.17 19.10
C LYS A 164 -13.84 8.54 19.69
N ALA A 165 -12.81 9.24 20.18
CA ALA A 165 -13.03 10.53 20.83
C ALA A 165 -13.50 11.57 19.83
N ARG A 166 -14.47 12.38 20.26
CA ARG A 166 -14.97 13.48 19.43
C ARG A 166 -14.09 14.70 19.68
N ILE A 167 -12.89 14.64 19.10
CA ILE A 167 -11.86 15.65 19.30
C ILE A 167 -11.32 16.09 17.95
N ILE A 168 -10.96 17.37 17.87
CA ILE A 168 -10.34 17.93 16.67
C ILE A 168 -9.13 18.76 17.11
N ASN A 169 -7.95 18.34 16.67
CA ASN A 169 -6.71 19.02 17.01
C ASN A 169 -6.33 20.01 15.92
N ILE A 170 -6.09 21.25 16.30
CA ILE A 170 -5.80 22.33 15.37
C ILE A 170 -4.53 23.06 15.81
N CYS A 171 -4.13 24.04 15.02
CA CYS A 171 -2.94 24.83 15.29
C CYS A 171 -3.07 26.17 14.55
N ASP A 172 -2.55 27.22 15.18
CA ASP A 172 -2.65 28.57 14.62
C ASP A 172 -1.38 29.04 13.95
N MSE A 173 -0.32 28.22 13.95
CA MSE A 173 0.93 28.60 13.30
C MSE A 173 0.78 28.77 11.78
O MSE A 173 1.29 29.74 11.22
CB MSE A 173 2.04 27.59 13.61
CG MSE A 173 3.42 28.00 13.12
SE MSE A 173 4.14 29.55 14.08
CE MSE A 173 4.00 30.88 12.66
N PRO A 174 0.09 27.84 11.10
CA PRO A 174 -0.21 28.08 9.68
C PRO A 174 -1.09 29.30 9.47
N VAL A 175 -2.05 29.54 10.36
CA VAL A 175 -2.92 30.71 10.23
C VAL A 175 -2.15 31.99 10.47
N GLU A 176 -1.17 31.96 11.37
CA GLU A 176 -0.33 33.14 11.60
C GLU A 176 0.57 33.41 10.39
N ILE A 177 1.04 32.35 9.73
CA ILE A 177 1.79 32.53 8.49
C ILE A 177 0.89 33.10 7.41
N GLU A 178 -0.36 32.65 7.36
CA GLU A 178 -1.31 33.20 6.40
C GLU A 178 -1.61 34.67 6.68
N ALA A 179 -1.50 35.10 7.94
CA ALA A 179 -1.66 36.51 8.25
C ALA A 179 -0.53 37.33 7.67
N ARG A 180 0.69 36.79 7.68
CA ARG A 180 1.82 37.49 7.08
C ARG A 180 1.68 37.52 5.55
N MSE A 181 1.23 36.43 4.95
CA MSE A 181 1.01 36.37 3.52
C MSE A 181 -0.09 37.35 3.10
O MSE A 181 -0.09 37.87 1.98
CB MSE A 181 0.67 34.95 3.08
CG MSE A 181 1.79 33.96 3.32
SE MSE A 181 1.50 32.20 2.49
CE MSE A 181 0.58 31.30 3.95
N ALA A 182 -1.03 37.59 4.02
CA ALA A 182 -2.07 38.58 3.75
C ALA A 182 -1.50 40.00 3.72
N GLU A 183 -0.51 40.27 4.56
CA GLU A 183 0.08 41.61 4.60
C GLU A 183 1.05 41.82 3.44
N ILE A 184 1.76 40.77 3.03
CA ILE A 184 2.72 40.88 1.94
C ILE A 184 2.01 41.23 0.64
N LEU A 185 0.84 40.62 0.41
CA LEU A 185 0.07 40.84 -0.81
C LEU A 185 -0.91 41.99 -0.69
N ASP A 186 -1.01 42.63 0.48
CA ASP A 186 -2.05 43.60 0.76
C ASP A 186 -3.43 43.01 0.50
N CYS A 187 -3.58 41.73 0.86
CA CYS A 187 -4.80 40.96 0.70
C CYS A 187 -5.45 40.76 2.05
N LYS A 188 -6.78 40.72 2.06
CA LYS A 188 -7.53 40.49 3.29
C LYS A 188 -7.47 39.02 3.67
N LEU A 189 -7.34 38.75 4.97
CA LEU A 189 -7.16 37.37 5.45
C LEU A 189 -8.37 36.51 5.12
N GLU A 190 -9.56 37.10 5.02
CA GLU A 190 -10.74 36.33 4.63
C GLU A 190 -10.59 35.76 3.24
N ASP A 191 -9.88 36.46 2.34
CA ASP A 191 -9.75 36.04 0.97
C ASP A 191 -8.60 35.07 0.74
N ILE A 192 -7.86 34.70 1.78
CA ILE A 192 -6.70 33.83 1.65
C ILE A 192 -7.14 32.39 1.84
N GLU A 193 -6.43 31.49 1.16
CA GLU A 193 -6.67 30.06 1.25
C GLU A 193 -5.49 29.35 0.61
N SER A 194 -4.97 28.33 1.28
CA SER A 194 -3.74 27.67 0.85
C SER A 194 -3.90 26.16 0.94
N ASP A 195 -3.14 25.47 0.09
CA ASP A 195 -3.00 24.03 0.14
C ASP A 195 -1.76 23.69 0.96
N TYR A 196 -1.90 22.72 1.86
CA TYR A 196 -0.91 22.49 2.89
C TYR A 196 -0.87 21.01 3.25
N PHE A 197 0.32 20.53 3.60
CA PHE A 197 0.48 19.15 4.07
C PHE A 197 1.70 19.07 4.97
N GLY A 198 1.76 17.98 5.74
CA GLY A 198 2.85 17.71 6.64
C GLY A 198 2.34 17.41 8.03
N LEU A 199 3.23 17.49 9.01
CA LEU A 199 2.88 17.31 10.40
C LEU A 199 2.74 18.67 11.09
N ASN A 200 2.31 18.64 12.34
CA ASN A 200 2.18 19.88 13.11
C ASN A 200 3.55 20.50 13.33
N HIS A 201 3.68 21.77 12.96
CA HIS A 201 4.96 22.48 12.97
C HIS A 201 6.01 21.76 12.12
N TYR A 202 5.55 21.19 11.00
CA TYR A 202 6.39 20.33 10.17
C TYR A 202 5.77 20.18 8.80
N GLY A 203 5.25 21.28 8.23
CA GLY A 203 4.51 21.21 6.99
C GLY A 203 5.01 22.14 5.92
N TRP A 204 4.27 22.22 4.81
CA TRP A 204 4.65 23.03 3.66
C TRP A 204 3.40 23.59 2.99
N PHE A 205 3.51 24.80 2.47
CA PHE A 205 2.44 25.44 1.72
C PHE A 205 2.69 25.24 0.24
N THR A 206 1.92 24.34 -0.39
CA THR A 206 2.14 24.03 -1.79
C THR A 206 1.59 25.11 -2.71
N HIS A 207 0.39 25.61 -2.42
CA HIS A 207 -0.22 26.67 -3.21
C HIS A 207 -0.94 27.63 -2.28
N VAL A 208 -0.86 28.93 -2.58
CA VAL A 208 -1.56 29.97 -1.84
C VAL A 208 -2.26 30.88 -2.84
N ARG A 209 -3.50 31.25 -2.55
CA ARG A 209 -4.29 32.05 -3.46
C ARG A 209 -5.09 33.09 -2.69
N CYS A 210 -5.11 34.32 -3.21
CA CYS A 210 -5.89 35.42 -2.66
C CYS A 210 -7.03 35.73 -3.62
N LYS A 211 -8.26 35.69 -3.10
CA LYS A 211 -9.47 35.90 -3.91
C LYS A 211 -9.52 34.94 -5.09
N GLY A 212 -9.11 33.69 -4.84
CA GLY A 212 -9.07 32.67 -5.87
C GLY A 212 -7.88 32.72 -6.79
N VAL A 213 -7.19 33.85 -6.88
CA VAL A 213 -6.06 33.98 -7.81
C VAL A 213 -4.81 33.44 -7.13
N ASP A 214 -4.13 32.49 -7.78
CA ASP A 214 -2.93 31.90 -7.23
C ASP A 214 -1.85 32.97 -7.09
N VAL A 215 -1.32 33.11 -5.87
CA VAL A 215 -0.31 34.10 -5.55
C VAL A 215 0.93 33.44 -4.95
N THR A 216 1.13 32.16 -5.21
CA THR A 216 2.26 31.44 -4.62
C THR A 216 3.59 31.97 -5.16
N ASP A 217 3.68 32.14 -6.49
CA ASP A 217 4.93 32.62 -7.08
C ASP A 217 5.26 34.03 -6.62
N LYS A 218 4.24 34.86 -6.40
CA LYS A 218 4.49 36.22 -5.92
C LYS A 218 4.94 36.21 -4.47
N LEU A 219 4.38 35.31 -3.65
CA LEU A 219 4.74 35.25 -2.25
C LEU A 219 6.16 34.75 -2.06
N LYS A 220 6.52 33.65 -2.74
CA LYS A 220 7.87 33.12 -2.61
C LYS A 220 8.92 34.06 -3.17
N GLU A 221 8.52 35.02 -4.01
CA GLU A 221 9.45 36.06 -4.44
C GLU A 221 9.81 36.97 -3.28
N HIS A 222 8.84 37.29 -2.42
CA HIS A 222 9.07 38.16 -1.28
C HIS A 222 9.72 37.40 -0.12
N VAL A 223 9.31 36.15 0.09
CA VAL A 223 9.81 35.39 1.24
C VAL A 223 11.29 35.06 1.07
N ARG A 224 11.72 34.79 -0.16
CA ARG A 224 13.11 34.45 -0.40
C ARG A 224 14.07 35.59 -0.08
N LYS A 225 13.58 36.83 -0.06
CA LYS A 225 14.42 37.99 0.21
C LYS A 225 14.22 38.57 1.61
N TYR A 226 12.98 38.59 2.10
CA TYR A 226 12.69 39.17 3.41
C TYR A 226 12.02 38.19 4.37
N GLY A 227 11.76 36.96 3.95
CA GLY A 227 11.03 36.06 4.80
C GLY A 227 9.55 36.41 4.85
N TYR A 228 8.90 35.95 5.92
CA TYR A 228 7.50 36.25 6.15
C TYR A 228 7.28 37.63 6.79
N VAL A 229 8.27 38.50 6.71
CA VAL A 229 8.21 39.83 7.31
C VAL A 229 8.04 40.87 6.20
N SER A 230 7.00 41.70 6.33
CA SER A 230 6.80 42.85 5.46
C SER A 230 6.85 44.12 6.30
N GLU A 231 6.83 45.26 5.61
CA GLU A 231 6.83 46.54 6.31
C GLU A 231 5.50 46.81 7.00
N ALA A 232 4.41 46.22 6.51
CA ALA A 232 3.14 46.27 7.22
C ALA A 232 3.05 45.25 8.34
N SER A 233 3.90 44.22 8.30
CA SER A 233 3.92 43.23 9.38
C SER A 233 4.46 43.83 10.67
N MSE A 234 5.33 44.82 10.56
CA MSE A 234 5.93 45.45 11.74
C MSE A 234 4.91 46.22 12.56
O MSE A 234 5.11 46.44 13.76
CB MSE A 234 7.06 46.40 11.31
CG MSE A 234 8.16 45.75 10.47
SE MSE A 234 9.08 44.30 11.39
CE MSE A 234 10.77 44.37 10.42
N ASN A 235 3.82 46.64 11.92
CA ASN A 235 2.81 47.44 12.59
C ASN A 235 1.92 46.62 13.51
N ASP A 236 1.79 45.32 13.29
CA ASP A 236 0.95 44.49 14.15
C ASP A 236 1.64 44.21 15.48
N ALA A 237 0.95 43.47 16.35
CA ALA A 237 1.44 43.24 17.70
C ALA A 237 2.34 42.02 17.83
N LEU A 238 2.17 41.02 16.95
CA LEU A 238 3.00 39.83 17.05
C LEU A 238 4.45 40.12 16.69
N LEU A 239 4.68 40.95 15.68
CA LEU A 239 6.02 41.27 15.24
C LEU A 239 6.74 42.26 16.15
N LYS A 240 6.12 42.66 17.27
CA LYS A 240 6.84 43.47 18.25
C LYS A 240 7.93 42.66 18.94
N ASP A 241 7.65 41.40 19.25
CA ASP A 241 8.63 40.51 19.85
C ASP A 241 9.78 40.30 18.89
N PRO A 242 11.02 40.63 19.28
CA PRO A 242 12.15 40.43 18.35
C PRO A 242 12.39 38.97 18.01
N ASP A 243 11.97 38.03 18.86
CA ASP A 243 12.14 36.63 18.54
C ASP A 243 11.25 36.21 17.38
N TRP A 244 10.06 36.78 17.26
CA TRP A 244 9.19 36.46 16.14
C TRP A 244 9.70 37.08 14.84
N VAL A 245 10.38 38.22 14.91
CA VAL A 245 10.96 38.82 13.72
C VAL A 245 12.09 37.94 13.19
N HIS A 246 12.99 37.50 14.08
CA HIS A 246 14.04 36.58 13.69
C HIS A 246 13.46 35.24 13.22
N THR A 247 12.33 34.83 13.79
CA THR A 247 11.73 33.56 13.41
C THR A 247 11.13 33.61 12.01
N PHE A 248 10.46 34.72 11.68
CA PHE A 248 9.86 34.84 10.35
C PHE A 248 10.92 35.12 9.29
N LYS A 249 11.96 35.88 9.63
CA LYS A 249 12.98 36.25 8.66
C LYS A 249 13.93 35.11 8.34
N ASN A 250 13.95 34.05 9.13
CA ASN A 250 14.78 32.89 8.83
C ASN A 250 14.22 32.04 7.70
N SER A 251 12.95 32.22 7.34
CA SER A 251 12.35 31.45 6.26
C SER A 251 12.92 31.83 4.89
N ALA A 252 13.68 32.92 4.80
CA ALA A 252 14.26 33.30 3.52
C ALA A 252 15.29 32.28 3.04
N LEU A 253 16.12 31.79 3.96
CA LEU A 253 17.12 30.80 3.59
C LEU A 253 16.48 29.47 3.18
N ILE A 254 15.47 29.04 3.93
CA ILE A 254 14.81 27.77 3.64
C ILE A 254 14.05 27.84 2.33
N SER A 255 13.35 28.96 2.09
CA SER A 255 12.61 29.13 0.85
C SER A 255 13.51 29.36 -0.36
N SER A 256 14.80 29.64 -0.15
CA SER A 256 15.73 29.82 -1.25
C SER A 256 16.45 28.54 -1.64
N MSE A 257 16.71 27.67 -0.68
CA MSE A 257 17.40 26.42 -0.95
C MSE A 257 16.46 25.37 -1.52
O MSE A 257 16.83 24.61 -2.43
CB MSE A 257 18.07 25.89 0.32
CG MSE A 257 19.05 26.86 0.95
SE MSE A 257 19.68 26.31 2.71
CE MSE A 257 20.74 24.75 2.19
N PHE A 258 15.23 25.33 -1.00
CA PHE A 258 14.20 24.40 -1.45
C PHE A 258 13.05 25.23 -2.01
N THR A 259 12.89 25.21 -3.33
CA THR A 259 12.05 26.15 -4.04
C THR A 259 10.68 25.57 -4.43
N ASP A 260 10.34 24.39 -3.95
CA ASP A 260 9.06 23.79 -4.31
C ASP A 260 7.90 24.52 -3.62
N TYR A 261 7.93 24.57 -2.29
CA TYR A 261 6.83 25.09 -1.50
C TYR A 261 7.32 26.18 -0.57
N LEU A 262 6.38 26.93 -0.01
CA LEU A 262 6.68 27.88 1.05
C LEU A 262 6.71 27.14 2.38
N PRO A 263 7.82 27.19 3.12
CA PRO A 263 7.97 26.31 4.29
C PRO A 263 7.18 26.79 5.49
N ASN A 264 6.84 25.84 6.35
CA ASN A 264 6.32 26.18 7.67
C ASN A 264 7.42 26.84 8.48
N THR A 265 7.01 27.72 9.39
CA THR A 265 7.98 28.51 10.17
C THR A 265 8.87 27.61 11.01
N TYR A 266 8.32 26.53 11.57
CA TYR A 266 9.06 25.70 12.51
C TYR A 266 10.14 24.84 11.87
N TRP A 267 10.32 24.89 10.54
CA TRP A 267 11.48 24.25 9.94
C TRP A 267 12.78 24.95 10.34
N GLN A 268 12.70 26.09 11.00
CA GLN A 268 13.89 26.80 11.47
C GLN A 268 14.71 25.95 12.43
N TYR A 269 14.06 25.08 13.20
CA TYR A 269 14.75 24.29 14.21
C TYR A 269 15.19 22.93 13.71
N TYR A 270 14.54 22.38 12.69
CA TYR A 270 14.91 21.08 12.15
C TYR A 270 15.98 21.19 11.07
N LEU A 271 15.78 22.08 10.09
CA LEU A 271 16.74 22.25 9.02
C LEU A 271 17.96 23.07 9.44
N MSE A 272 17.82 23.90 10.46
CA MSE A 272 18.94 24.74 10.92
C MSE A 272 19.12 24.72 12.44
O MSE A 272 18.97 25.75 13.09
CB MSE A 272 18.74 26.18 10.44
CG MSE A 272 18.49 26.31 8.94
SE MSE A 272 17.67 28.01 8.44
CE MSE A 272 19.24 29.16 8.54
N PRO A 273 19.45 23.55 13.01
CA PRO A 273 19.72 23.53 14.46
C PRO A 273 21.01 24.24 14.83
N ASP A 274 21.97 24.35 13.91
CA ASP A 274 23.21 25.05 14.19
C ASP A 274 22.94 26.53 14.48
N SER A 275 22.16 27.18 13.62
CA SER A 275 21.91 28.60 13.77
C SER A 275 20.95 28.94 14.91
N ILE A 276 20.36 27.92 15.56
CA ILE A 276 19.43 28.15 16.65
C ILE A 276 20.10 27.97 18.02
N VAL A 277 20.96 26.96 18.15
CA VAL A 277 21.71 26.78 19.39
C VAL A 277 22.58 28.00 19.67
N ASP A 278 23.10 28.63 18.62
CA ASP A 278 23.90 29.85 18.79
C ASP A 278 23.02 31.07 19.08
N TYR A 279 21.80 31.08 18.56
CA TYR A 279 20.92 32.25 18.73
C TYR A 279 20.29 32.30 20.11
N MSE A 280 20.04 31.15 20.73
CA MSE A 280 19.34 31.10 22.01
C MSE A 280 20.28 31.36 23.18
O MSE A 280 21.48 31.09 23.10
CB MSE A 280 18.65 29.76 22.18
CG MSE A 280 17.45 29.57 21.27
SE MSE A 280 16.56 27.85 21.54
CE MSE A 280 14.98 28.16 20.44
N ASP A 281 19.73 31.87 24.28
CA ASP A 281 20.47 32.15 25.49
C ASP A 281 20.03 31.16 26.57
N ILE A 282 21.02 30.50 27.19
CA ILE A 282 20.71 29.54 28.25
C ILE A 282 20.06 30.22 29.44
N ASN A 283 20.43 31.47 29.72
CA ASN A 283 19.90 32.19 30.87
C ASN A 283 18.70 33.06 30.54
N ASN A 284 18.17 32.99 29.31
CA ASN A 284 16.99 33.76 28.90
C ASN A 284 16.36 33.01 27.71
N THR A 285 15.84 31.83 27.98
CA THR A 285 15.16 31.05 26.97
C THR A 285 13.81 31.68 26.64
N ARG A 286 13.15 31.13 25.62
CA ARG A 286 11.86 31.66 25.18
C ARG A 286 10.81 31.54 26.28
N GLY A 287 10.85 30.45 27.04
CA GLY A 287 9.91 30.30 28.15
C GLY A 287 10.10 31.37 29.21
N MSE A 288 11.34 31.77 29.45
CA MSE A 288 11.63 32.83 30.40
C MSE A 288 11.13 34.18 29.90
O MSE A 288 10.74 35.04 30.68
CB MSE A 288 13.14 32.91 30.68
CG MSE A 288 13.67 31.80 31.57
SE MSE A 288 15.60 31.87 31.74
CE MSE A 288 15.79 30.86 33.39
N GLN A 289 11.13 34.35 28.58
CA GLN A 289 10.68 35.61 27.99
C GLN A 289 9.18 35.80 28.16
N VAL A 290 8.39 34.72 27.94
CA VAL A 290 6.95 34.83 28.14
C VAL A 290 6.59 34.90 29.62
N ILE A 291 7.49 34.46 30.50
CA ILE A 291 7.27 34.64 31.93
C ILE A 291 7.43 36.10 32.32
N ASN A 292 8.47 36.75 31.80
CA ASN A 292 8.68 38.17 32.02
C ASN A 292 7.87 39.04 31.07
N GLY A 293 7.04 38.44 30.21
CA GLY A 293 6.28 39.20 29.25
C GLY A 293 4.79 38.92 29.27
N ARG A 294 4.36 37.86 28.59
CA ARG A 294 2.94 37.58 28.50
C ARG A 294 2.36 37.15 29.84
N GLU A 295 3.09 36.34 30.60
CA GLU A 295 2.61 35.91 31.90
C GLU A 295 2.69 37.04 32.93
N LYS A 296 3.73 37.88 32.83
CA LYS A 296 3.86 39.00 33.75
C LYS A 296 2.74 40.02 33.55
N ARG A 297 2.40 40.32 32.30
CA ARG A 297 1.39 41.33 32.02
C ARG A 297 -0.03 40.85 32.23
N ILE A 298 -0.25 39.56 32.49
CA ILE A 298 -1.60 39.05 32.68
C ILE A 298 -1.88 38.89 34.17
N PHE A 299 -0.82 38.72 34.97
CA PHE A 299 -0.97 38.72 36.41
C PHE A 299 -0.84 40.13 37.00
N LYS A 300 -0.24 41.05 36.24
CA LYS A 300 -0.28 42.46 36.61
C LYS A 300 -1.68 43.02 36.46
N ALA A 301 -2.36 42.68 35.36
CA ALA A 301 -3.72 43.15 35.15
C ALA A 301 -4.69 42.60 36.18
N ALA A 302 -4.40 41.40 36.71
CA ALA A 302 -5.23 40.86 37.78
C ALA A 302 -5.09 41.68 39.05
N GLU A 303 -3.87 42.08 39.40
CA GLU A 303 -3.68 42.93 40.57
C GLU A 303 -4.23 44.33 40.34
N ASP A 304 -4.13 44.85 39.11
CA ASP A 304 -4.70 46.15 38.81
C ASP A 304 -6.23 46.14 38.94
N ILE A 305 -6.86 45.02 38.57
CA ILE A 305 -8.31 44.89 38.74
C ILE A 305 -8.66 44.92 40.23
N ARG A 306 -7.91 44.16 41.03
CA ARG A 306 -8.16 44.11 42.47
C ARG A 306 -7.78 45.40 43.18
N GLU A 307 -7.06 46.30 42.51
CA GLU A 307 -6.71 47.60 43.07
C GLU A 307 -7.58 48.73 42.53
N GLY A 308 -8.60 48.40 41.74
CA GLY A 308 -9.47 49.41 41.17
C GLY A 308 -8.89 50.20 40.02
N LYS A 309 -7.62 49.99 39.69
CA LYS A 309 -7.00 50.71 38.60
C LYS A 309 -7.52 50.19 37.26
N PRO A 310 -7.55 51.03 36.22
CA PRO A 310 -8.10 50.59 34.94
C PRO A 310 -7.14 49.67 34.21
N VAL A 311 -7.70 48.63 33.60
CA VAL A 311 -6.93 47.60 32.91
C VAL A 311 -7.19 47.72 31.41
N ASP A 312 -6.11 47.74 30.63
CA ASP A 312 -6.19 47.75 29.17
C ASP A 312 -6.45 46.33 28.68
N LEU A 313 -7.70 46.06 28.30
CA LEU A 313 -8.09 44.71 27.88
C LEU A 313 -7.65 44.39 26.46
N GLN A 314 -7.27 45.39 25.66
CA GLN A 314 -6.82 45.10 24.30
C GLN A 314 -5.43 44.48 24.25
N GLN A 315 -4.77 44.35 25.40
CA GLN A 315 -3.49 43.63 25.45
C GLN A 315 -3.65 42.21 24.93
N PHE A 316 -4.70 41.52 25.36
CA PHE A 316 -4.89 40.11 25.08
C PHE A 316 -5.79 39.86 23.88
N TYR A 317 -6.22 40.90 23.17
CA TYR A 317 -7.09 40.77 22.02
C TYR A 317 -6.31 40.73 20.70
N VAL A 318 -5.07 40.26 20.72
CA VAL A 318 -4.21 40.29 19.56
C VAL A 318 -3.99 38.86 19.06
N GLY A 319 -3.75 38.75 17.76
CA GLY A 319 -3.49 37.48 17.12
C GLY A 319 -4.72 36.86 16.50
N VAL A 320 -4.49 35.91 15.60
CA VAL A 320 -5.57 35.17 14.95
C VAL A 320 -5.84 33.92 15.76
N HIS A 321 -5.32 33.88 16.98
CA HIS A 321 -5.46 32.71 17.83
C HIS A 321 -6.93 32.46 18.17
N GLY A 322 -7.59 33.46 18.75
CA GLY A 322 -8.99 33.29 19.13
C GLY A 322 -9.93 33.26 17.95
N LYS A 323 -9.61 33.97 16.88
CA LYS A 323 -10.50 34.01 15.71
C LYS A 323 -10.57 32.65 15.03
N PHE A 324 -9.46 31.92 14.99
CA PHE A 324 -9.43 30.64 14.28
C PHE A 324 -10.10 29.53 15.08
N ILE A 325 -9.94 29.54 16.40
CA ILE A 325 -10.51 28.48 17.23
C ILE A 325 -12.03 28.63 17.32
N VAL A 326 -12.51 29.88 17.43
CA VAL A 326 -13.95 30.10 17.49
C VAL A 326 -14.62 29.72 16.18
N LYS A 327 -13.93 29.96 15.05
CA LYS A 327 -14.49 29.60 13.75
C LYS A 327 -14.68 28.09 13.63
N VAL A 328 -13.81 27.29 14.25
CA VAL A 328 -13.95 25.84 14.19
C VAL A 328 -15.18 25.39 14.97
N VAL A 329 -15.32 25.85 16.22
CA VAL A 329 -16.50 25.51 17.01
C VAL A 329 -17.76 25.98 16.32
N GLU A 330 -17.74 27.20 15.80
CA GLU A 330 -18.90 27.74 15.10
C GLU A 330 -19.26 26.88 13.89
N SER A 331 -18.25 26.38 13.17
CA SER A 331 -18.52 25.50 12.05
C SER A 331 -19.01 24.13 12.50
N LEU A 332 -18.68 23.72 13.73
CA LEU A 332 -19.21 22.49 14.28
C LEU A 332 -20.67 22.63 14.70
N ILE A 333 -21.08 23.84 15.08
CA ILE A 333 -22.45 24.05 15.55
C ILE A 333 -23.41 24.12 14.37
N HIS A 334 -23.09 24.95 13.38
CA HIS A 334 -24.00 25.23 12.27
C HIS A 334 -23.65 24.46 11.00
N ASP A 335 -22.65 23.58 11.04
CA ASP A 335 -22.25 22.78 9.88
C ASP A 335 -21.90 23.70 8.70
N GLU A 336 -21.02 24.66 8.96
CA GLU A 336 -20.67 25.67 7.96
C GLU A 336 -19.71 25.16 6.90
N ARG A 337 -19.15 23.96 7.07
CA ARG A 337 -18.23 23.37 6.11
C ARG A 337 -17.01 24.26 5.88
N SER A 338 -16.48 24.82 6.96
CA SER A 338 -15.31 25.69 6.86
C SER A 338 -14.07 24.87 6.54
N ARG A 339 -13.26 25.36 5.60
CA ARG A 339 -12.05 24.67 5.17
C ARG A 339 -10.87 25.16 5.99
N GLN A 340 -10.40 24.32 6.91
CA GLN A 340 -9.32 24.66 7.81
C GLN A 340 -8.22 23.60 7.73
N LEU A 341 -7.04 23.97 8.22
CA LEU A 341 -5.90 23.06 8.29
C LEU A 341 -5.91 22.41 9.66
N VAL A 342 -6.43 21.19 9.74
CA VAL A 342 -6.56 20.46 11.00
C VAL A 342 -5.68 19.22 10.94
N ILE A 343 -5.57 18.57 12.09
CA ILE A 343 -4.74 17.37 12.25
C ILE A 343 -5.66 16.16 12.29
N VAL A 344 -5.55 15.31 11.28
CA VAL A 344 -6.42 14.13 11.16
C VAL A 344 -5.55 12.91 10.98
N PRO A 345 -6.09 11.72 11.31
CA PRO A 345 -5.39 10.48 10.96
C PRO A 345 -5.32 10.33 9.44
N ASN A 346 -4.13 9.95 8.95
CA ASN A 346 -3.89 9.84 7.52
C ASN A 346 -4.87 8.88 6.86
N ASN A 347 -4.67 7.57 7.07
CA ASN A 347 -5.55 6.54 6.53
C ASN A 347 -5.71 6.67 5.01
N GLY A 348 -4.63 7.03 4.34
CA GLY A 348 -4.62 7.17 2.90
C GLY A 348 -4.77 8.58 2.37
N ALA A 349 -4.92 9.58 3.24
CA ALA A 349 -4.99 10.96 2.78
C ALA A 349 -3.72 11.36 2.03
N ILE A 350 -2.57 11.16 2.67
CA ILE A 350 -1.27 11.25 2.01
C ILE A 350 -0.81 9.81 1.79
N GLU A 351 -0.75 9.39 0.52
CA GLU A 351 -0.62 7.97 0.21
C GLU A 351 0.73 7.41 0.63
N ASN A 352 1.81 8.20 0.49
CA ASN A 352 3.14 7.69 0.79
C ASN A 352 3.39 7.50 2.28
N LEU A 353 2.45 7.86 3.14
CA LEU A 353 2.64 7.80 4.59
C LEU A 353 1.80 6.71 5.21
N SER A 354 2.17 6.34 6.43
CA SER A 354 1.48 5.29 7.16
C SER A 354 0.06 5.75 7.54
N ASP A 355 -0.76 4.77 7.93
CA ASP A 355 -2.16 5.09 8.23
C ASP A 355 -2.28 5.88 9.53
N ASP A 356 -1.53 5.49 10.56
CA ASP A 356 -1.61 6.12 11.86
C ASP A 356 -0.80 7.42 11.97
N ALA A 357 -0.36 7.96 10.84
CA ALA A 357 0.35 9.24 10.84
C ALA A 357 -0.66 10.38 10.94
N THR A 358 -0.51 11.23 11.95
CA THR A 358 -1.40 12.35 12.16
C THR A 358 -0.90 13.53 11.35
N VAL A 359 -1.40 13.65 10.12
CA VAL A 359 -0.98 14.69 9.19
C VAL A 359 -1.85 15.92 9.38
N GLU A 360 -1.30 17.08 9.01
CA GLU A 360 -1.99 18.36 9.11
C GLU A 360 -2.34 18.80 7.68
N ILE A 361 -3.60 18.61 7.31
CA ILE A 361 -4.06 18.84 5.94
C ILE A 361 -5.38 19.61 5.97
N PRO A 362 -5.72 20.27 4.87
CA PRO A 362 -7.01 20.99 4.83
C PRO A 362 -8.19 20.03 4.89
N GLY A 363 -9.23 20.45 5.61
CA GLY A 363 -10.43 19.65 5.73
C GLY A 363 -11.63 20.55 5.97
N TYR A 364 -12.81 20.01 5.66
CA TYR A 364 -14.07 20.73 5.82
C TYR A 364 -14.69 20.35 7.16
N VAL A 365 -14.83 21.35 8.04
CA VAL A 365 -15.34 21.12 9.39
C VAL A 365 -16.86 21.00 9.31
N THR A 366 -17.39 19.82 9.58
CA THR A 366 -18.82 19.56 9.62
C THR A 366 -19.26 19.36 11.05
N ASP A 367 -20.58 19.30 11.25
CA ASP A 367 -21.11 19.01 12.59
C ASP A 367 -20.88 17.56 13.00
N ARG A 368 -20.34 16.73 12.12
CA ARG A 368 -20.03 15.34 12.41
C ARG A 368 -18.54 15.08 12.58
N GLY A 369 -17.70 16.07 12.32
CA GLY A 369 -16.26 15.94 12.39
C GLY A 369 -15.62 16.65 11.22
N VAL A 370 -14.42 16.20 10.87
CA VAL A 370 -13.66 16.78 9.76
C VAL A 370 -13.68 15.80 8.59
N GLU A 371 -13.91 16.33 7.39
CA GLU A 371 -13.82 15.55 6.16
C GLU A 371 -12.56 15.97 5.42
N PRO A 372 -11.45 15.26 5.57
CA PRO A 372 -10.20 15.66 4.92
C PRO A 372 -10.21 15.34 3.44
N VAL A 373 -9.53 16.20 2.67
CA VAL A 373 -9.44 16.04 1.23
C VAL A 373 -8.30 15.08 0.90
N ARG A 374 -8.47 14.34 -0.19
CA ARG A 374 -7.45 13.39 -0.65
C ARG A 374 -6.28 14.18 -1.22
N VAL A 375 -5.20 14.27 -0.45
CA VAL A 375 -4.04 15.05 -0.88
C VAL A 375 -3.29 14.34 -2.00
N GLY A 376 -3.06 13.04 -1.84
CA GLY A 376 -2.30 12.28 -2.81
C GLY A 376 -0.87 12.05 -2.37
N SER A 377 -0.02 11.77 -3.36
CA SER A 377 1.38 11.48 -3.10
C SER A 377 2.20 12.77 -2.99
N ILE A 378 3.19 12.74 -2.11
CA ILE A 378 4.10 13.88 -1.94
C ILE A 378 5.49 13.45 -2.43
N PRO A 379 6.31 14.38 -2.93
CA PRO A 379 7.62 14.00 -3.46
C PRO A 379 8.54 13.43 -2.39
N ARG A 380 9.69 12.93 -2.85
CA ARG A 380 10.55 12.11 -2.00
C ARG A 380 11.16 12.92 -0.86
N PHE A 381 11.63 14.15 -1.15
CA PHE A 381 12.31 14.93 -0.12
C PHE A 381 11.42 15.22 1.08
N TYR A 382 10.11 15.37 0.85
CA TYR A 382 9.19 15.66 1.95
C TYR A 382 8.61 14.40 2.57
N LYS A 383 8.64 13.27 1.86
CA LYS A 383 8.27 12.00 2.47
C LYS A 383 9.31 11.57 3.50
N GLY A 384 10.59 11.62 3.14
CA GLY A 384 11.63 11.17 4.04
C GLY A 384 11.72 12.00 5.31
N LEU A 385 11.43 13.30 5.21
CA LEU A 385 11.44 14.15 6.39
C LEU A 385 10.28 13.82 7.32
N ILE A 386 9.09 13.58 6.75
CA ILE A 386 7.94 13.24 7.57
C ILE A 386 8.06 11.82 8.11
N GLU A 387 8.65 10.90 7.35
CA GLU A 387 8.82 9.54 7.82
C GLU A 387 9.71 9.48 9.06
N GLN A 388 10.73 10.34 9.12
CA GLN A 388 11.62 10.35 10.28
C GLN A 388 10.89 10.88 11.51
N GLN A 389 10.18 12.00 11.37
CA GLN A 389 9.47 12.57 12.51
C GLN A 389 8.31 11.70 12.94
N ASP A 390 7.58 11.12 11.98
CA ASP A 390 6.45 10.26 12.33
C ASP A 390 6.93 9.03 13.10
N ALA A 391 8.09 8.48 12.72
CA ALA A 391 8.68 7.40 13.50
C ALA A 391 9.13 7.90 14.86
N CYS A 392 9.71 9.10 14.90
CA CYS A 392 10.14 9.68 16.18
C CYS A 392 8.94 9.89 17.10
N GLU A 393 7.90 10.55 16.60
CA GLU A 393 6.70 10.77 17.41
C GLU A 393 5.98 9.46 17.69
N GLY A 394 6.05 8.50 16.77
CA GLY A 394 5.41 7.21 17.00
C GLY A 394 6.11 6.41 18.08
N LEU A 395 7.44 6.43 18.09
CA LEU A 395 8.18 5.73 19.14
C LEU A 395 7.98 6.39 20.50
N LEU A 396 7.75 7.69 20.53
CA LEU A 396 7.52 8.38 21.80
C LEU A 396 6.15 8.04 22.38
N VAL A 397 5.15 7.84 21.52
CA VAL A 397 3.83 7.44 22.01
C VAL A 397 3.89 6.01 22.54
N GLU A 398 4.63 5.13 21.87
CA GLU A 398 4.78 3.77 22.36
C GLU A 398 5.53 3.73 23.69
N ALA A 399 6.41 4.70 23.93
CA ALA A 399 7.13 4.76 25.20
C ALA A 399 6.18 5.10 26.35
N ALA A 400 5.15 5.89 26.09
CA ALA A 400 4.17 6.24 27.12
C ALA A 400 3.21 5.09 27.38
N ILE A 401 2.88 4.30 26.36
CA ILE A 401 1.93 3.21 26.52
C ILE A 401 2.61 2.00 27.14
N GLU A 402 3.75 1.60 26.59
CA GLU A 402 4.45 0.40 27.01
C GLU A 402 5.42 0.63 28.16
N HIS A 403 5.58 1.88 28.61
CA HIS A 403 6.47 2.22 29.71
C HIS A 403 7.90 1.75 29.44
N SER A 404 8.33 1.86 28.18
CA SER A 404 9.61 1.33 27.75
C SER A 404 10.63 2.47 27.69
N TYR A 405 11.71 2.33 28.45
CA TYR A 405 12.81 3.30 28.39
C TYR A 405 13.50 3.26 27.04
N GLU A 406 13.59 2.08 26.42
CA GLU A 406 14.30 1.96 25.15
C GLU A 406 13.53 2.63 24.01
N LYS A 407 12.19 2.60 24.06
CA LYS A 407 11.41 3.30 23.04
C LYS A 407 11.62 4.81 23.13
N ALA A 408 11.80 5.33 24.35
CA ALA A 408 12.08 6.76 24.51
C ALA A 408 13.46 7.11 23.96
N LEU A 409 14.45 6.25 24.20
CA LEU A 409 15.78 6.48 23.64
C LEU A 409 15.75 6.42 22.12
N MSE A 410 14.90 5.55 21.56
CA MSE A 410 14.73 5.46 20.12
C MSE A 410 14.07 6.72 19.57
O MSE A 410 14.35 7.15 18.45
CB MSE A 410 13.91 4.22 19.76
CG MSE A 410 14.67 2.91 19.90
SE MSE A 410 13.55 1.35 19.55
CE MSE A 410 14.95 -0.01 19.45
N ALA A 411 13.18 7.31 20.38
CA ALA A 411 12.50 8.53 19.96
C ALA A 411 13.46 9.71 19.94
N PHE A 412 14.36 9.79 20.93
CA PHE A 412 15.31 10.89 20.98
C PHE A 412 16.41 10.72 19.94
N THR A 413 16.85 9.48 19.70
CA THR A 413 17.86 9.24 18.68
C THR A 413 17.36 9.59 17.29
N MSE A 414 16.07 9.37 17.03
CA MSE A 414 15.49 9.59 15.71
C MSE A 414 15.40 11.07 15.33
O MSE A 414 15.50 11.42 14.16
CB MSE A 414 14.10 8.95 15.65
CG MSE A 414 13.42 9.05 14.28
SE MSE A 414 14.26 7.89 12.95
CE MSE A 414 13.91 6.17 13.81
N ASN A 415 15.23 11.92 16.34
CA ASN A 415 14.97 13.34 16.08
C ASN A 415 16.16 13.99 15.39
N ARG A 416 15.86 14.94 14.49
CA ARG A 416 16.92 15.62 13.75
C ARG A 416 17.71 16.57 14.62
N THR A 417 17.10 17.13 15.66
CA THR A 417 17.81 18.05 16.54
C THR A 417 18.93 17.35 17.28
N ILE A 418 18.70 16.11 17.70
CA ILE A 418 19.70 15.34 18.44
C ILE A 418 20.74 14.83 17.46
N PRO A 419 22.03 15.16 17.66
CA PRO A 419 23.03 14.76 16.66
C PRO A 419 23.37 13.28 16.70
N SER A 420 23.51 12.69 17.88
CA SER A 420 23.90 11.30 18.01
C SER A 420 23.03 10.61 19.05
N SER A 421 23.11 9.27 19.06
CA SER A 421 22.38 8.51 20.07
C SER A 421 22.98 8.69 21.46
N LEU A 422 24.28 9.02 21.53
CA LEU A 422 24.91 9.27 22.82
C LEU A 422 24.34 10.53 23.48
N VAL A 423 24.14 11.59 22.69
CA VAL A 423 23.51 12.79 23.23
C VAL A 423 22.05 12.52 23.56
N ALA A 424 21.41 11.61 22.84
CA ALA A 424 20.02 11.27 23.10
C ALA A 424 19.84 10.64 24.47
N LYS A 425 20.83 9.86 24.93
CA LYS A 425 20.71 9.21 26.24
C LYS A 425 20.94 10.21 27.37
N LYS A 426 21.96 11.07 27.23
CA LYS A 426 22.22 12.07 28.26
C LYS A 426 21.08 13.08 28.37
N LEU A 427 20.42 13.39 27.25
CA LEU A 427 19.25 14.26 27.31
C LEU A 427 18.04 13.54 27.87
N LEU A 428 17.85 12.26 27.49
CA LEU A 428 16.70 11.52 27.99
C LEU A 428 16.77 11.34 29.50
N ASP A 429 17.91 10.88 30.02
CA ASP A 429 18.06 10.70 31.45
C ASP A 429 17.92 12.02 32.20
N ASP A 430 18.33 13.13 31.58
CA ASP A 430 18.10 14.44 32.20
C ASP A 430 16.63 14.78 32.27
N MSE A 431 15.84 14.31 31.30
CA MSE A 431 14.41 14.58 31.30
C MSE A 431 13.66 13.63 32.24
O MSE A 431 12.58 13.96 32.71
CB MSE A 431 13.85 14.45 29.88
CG MSE A 431 14.44 15.43 28.89
SE MSE A 431 14.23 17.29 29.44
CE MSE A 431 14.83 18.15 27.79
N ILE A 432 14.25 12.46 32.49
CA ILE A 432 13.65 11.52 33.43
C ILE A 432 13.60 12.12 34.82
N GLU A 433 14.70 12.75 35.25
CA GLU A 433 14.76 13.34 36.58
C GLU A 433 13.96 14.63 36.67
N ALA A 434 14.07 15.49 35.66
CA ALA A 434 13.38 16.78 35.70
C ALA A 434 11.87 16.62 35.62
N ASN A 435 11.37 15.48 35.15
CA ASN A 435 9.94 15.25 34.98
C ASN A 435 9.42 14.17 35.92
N LYS A 436 10.12 13.91 37.02
CA LYS A 436 9.64 12.95 38.01
C LYS A 436 8.38 13.48 38.68
N GLY A 437 7.25 12.83 38.42
CA GLY A 437 5.95 13.28 38.84
C GLY A 437 5.04 13.66 37.69
N TYR A 438 5.60 13.97 36.53
CA TYR A 438 4.84 14.29 35.32
C TYR A 438 4.89 13.19 34.27
N TRP A 439 6.05 12.58 34.07
CA TRP A 439 6.22 11.55 33.06
C TRP A 439 5.71 10.20 33.55
N PRO A 440 5.34 9.32 32.62
CA PRO A 440 5.08 7.93 33.00
C PRO A 440 6.39 7.23 33.37
N GLU A 441 6.27 6.19 34.18
CA GLU A 441 7.43 5.40 34.55
C GLU A 441 7.98 4.67 33.33
N LEU A 442 9.30 4.63 33.22
CA LEU A 442 9.98 4.00 32.08
C LEU A 442 10.96 2.97 32.61
N LYS A 443 10.66 1.69 32.38
CA LYS A 443 11.55 0.61 32.78
C LYS A 443 12.38 0.14 31.59
N ASP B 2 -17.65 35.89 -13.35
CA ASP B 2 -18.02 37.29 -13.51
C ASP B 2 -17.81 37.73 -14.95
N LYS B 3 -17.19 36.86 -15.74
CA LYS B 3 -16.92 37.12 -17.15
C LYS B 3 -17.96 36.43 -18.02
N GLU B 4 -18.21 37.01 -19.19
CA GLU B 4 -19.10 36.39 -20.17
C GLU B 4 -18.55 35.03 -20.59
N LEU B 5 -19.37 34.01 -20.49
CA LEU B 5 -18.96 32.62 -20.70
C LEU B 5 -19.56 32.06 -21.97
N LYS B 6 -18.77 31.27 -22.69
CA LYS B 6 -19.25 30.55 -23.88
C LYS B 6 -19.55 29.11 -23.46
N ILE B 7 -20.83 28.81 -23.31
CA ILE B 7 -21.27 27.47 -22.91
C ILE B 7 -21.48 26.64 -24.17
N VAL B 8 -20.85 25.46 -24.22
CA VAL B 8 -20.90 24.58 -25.37
C VAL B 8 -21.51 23.25 -24.95
N ILE B 9 -22.49 22.79 -25.71
CA ILE B 9 -23.13 21.50 -25.46
C ILE B 9 -22.60 20.51 -26.49
N CYS B 10 -21.80 19.56 -26.05
CA CYS B 10 -21.28 18.51 -26.91
C CYS B 10 -22.34 17.42 -27.04
N GLY B 11 -22.93 17.30 -28.23
CA GLY B 11 -24.05 16.41 -28.43
C GLY B 11 -25.37 17.16 -28.37
N GLY B 12 -25.50 18.19 -29.21
CA GLY B 12 -26.69 19.03 -29.18
C GLY B 12 -27.95 18.31 -29.61
N GLY B 13 -27.82 17.30 -30.47
CA GLY B 13 -28.96 16.52 -30.91
C GLY B 13 -29.45 15.50 -29.91
N SER B 14 -28.99 15.58 -28.66
CA SER B 14 -29.42 14.65 -27.63
C SER B 14 -30.87 14.93 -27.23
N THR B 15 -31.53 13.89 -26.71
CA THR B 15 -32.90 14.04 -26.23
C THR B 15 -32.98 14.83 -24.93
N TYR B 16 -31.88 14.92 -24.19
CA TYR B 16 -31.83 15.69 -22.95
C TYR B 16 -31.44 17.15 -23.18
N THR B 17 -31.17 17.55 -24.42
CA THR B 17 -30.72 18.91 -24.69
C THR B 17 -31.76 19.96 -24.30
N PRO B 18 -33.06 19.83 -24.63
CA PRO B 18 -34.00 20.89 -24.21
C PRO B 18 -34.10 21.02 -22.69
N GLY B 19 -34.09 19.91 -21.96
CA GLY B 19 -34.15 20.00 -20.51
C GLY B 19 -32.90 20.59 -19.90
N ILE B 20 -31.74 20.35 -20.52
CA ILE B 20 -30.49 20.92 -20.01
C ILE B 20 -30.49 22.44 -20.18
N VAL B 21 -30.96 22.92 -21.34
CA VAL B 21 -30.92 24.35 -21.63
C VAL B 21 -31.79 25.12 -20.64
N LYS B 22 -33.01 24.63 -20.39
CA LYS B 22 -33.93 25.34 -19.50
C LYS B 22 -33.38 25.39 -18.09
N ASP B 23 -32.80 24.28 -17.61
CA ASP B 23 -32.16 24.29 -16.29
C ASP B 23 -30.95 25.20 -16.28
N LEU B 24 -30.28 25.38 -17.42
CA LEU B 24 -29.22 26.36 -17.51
C LEU B 24 -29.76 27.78 -17.54
N LEU B 25 -30.95 27.97 -18.14
CA LEU B 25 -31.58 29.29 -18.14
C LEU B 25 -32.26 29.61 -16.82
N ASP B 26 -32.59 28.60 -16.02
CA ASP B 26 -33.10 28.83 -14.68
C ASP B 26 -32.06 29.41 -13.73
N GLN B 27 -30.78 29.36 -14.10
CA GLN B 27 -29.71 29.94 -13.29
C GLN B 27 -29.01 31.04 -14.06
N ARG B 28 -29.78 31.98 -14.61
CA ARG B 28 -29.20 33.03 -15.44
C ARG B 28 -28.45 34.07 -14.61
N GLN B 29 -29.03 34.48 -13.48
CA GLN B 29 -28.41 35.51 -12.66
C GLN B 29 -27.11 35.05 -12.01
N LYS B 30 -26.77 33.77 -12.10
CA LYS B 30 -25.51 33.28 -11.56
C LYS B 30 -24.53 32.79 -12.61
N ILE B 31 -25.00 32.45 -13.81
CA ILE B 31 -24.15 32.00 -14.90
C ILE B 31 -24.28 33.02 -16.02
N ASN B 32 -23.22 33.79 -16.26
CA ASN B 32 -23.22 34.86 -17.27
C ASN B 32 -23.00 34.22 -18.63
N ILE B 33 -24.11 33.91 -19.31
CA ILE B 33 -24.06 33.23 -20.60
C ILE B 33 -23.81 34.27 -21.69
N LYS B 34 -22.76 34.06 -22.48
CA LYS B 34 -22.49 34.92 -23.63
C LYS B 34 -23.06 34.32 -24.92
N GLU B 35 -22.73 33.06 -25.18
CA GLU B 35 -23.24 32.33 -26.34
C GLU B 35 -23.48 30.89 -25.93
N LEU B 36 -24.68 30.39 -26.22
CA LEU B 36 -25.03 29.00 -25.97
C LEU B 36 -24.85 28.22 -27.28
N TRP B 37 -23.83 27.36 -27.32
CA TRP B 37 -23.46 26.66 -28.53
C TRP B 37 -23.93 25.21 -28.48
N LEU B 38 -24.48 24.74 -29.60
CA LEU B 38 -24.88 23.34 -29.76
C LEU B 38 -23.95 22.69 -30.78
N TYR B 39 -23.20 21.70 -30.35
CA TYR B 39 -22.27 20.98 -31.20
C TYR B 39 -22.70 19.52 -31.32
N ASP B 40 -22.51 18.96 -32.51
CA ASP B 40 -22.86 17.56 -32.77
C ASP B 40 -22.21 17.16 -34.08
N ILE B 41 -22.15 15.84 -34.31
CA ILE B 41 -21.66 15.30 -35.58
C ILE B 41 -22.79 14.91 -36.53
N ASP B 42 -24.03 14.86 -36.04
CA ASP B 42 -25.20 14.58 -36.88
C ASP B 42 -25.92 15.91 -37.08
N GLU B 43 -25.73 16.49 -38.27
CA GLU B 43 -26.21 17.85 -38.51
C GLU B 43 -27.73 17.91 -38.57
N GLU B 44 -28.34 17.05 -39.40
CA GLU B 44 -29.79 17.08 -39.57
C GLU B 44 -30.53 16.65 -38.31
N ARG B 45 -29.90 15.86 -37.44
CA ARG B 45 -30.55 15.52 -36.18
C ARG B 45 -30.49 16.70 -35.20
N GLN B 46 -29.35 17.39 -35.14
CA GLN B 46 -29.22 18.53 -34.24
C GLN B 46 -30.12 19.68 -34.67
N ASN B 47 -30.30 19.88 -35.99
CA ASN B 47 -31.15 20.95 -36.46
C ASN B 47 -32.58 20.79 -35.98
N LYS B 48 -33.05 19.54 -35.88
CA LYS B 48 -34.41 19.30 -35.38
C LYS B 48 -34.50 19.57 -33.89
N VAL B 49 -33.48 19.16 -33.13
CA VAL B 49 -33.49 19.40 -31.69
C VAL B 49 -33.22 20.87 -31.38
N ALA B 50 -32.47 21.55 -32.24
CA ALA B 50 -32.19 22.97 -32.03
C ALA B 50 -33.44 23.82 -32.15
N LEU B 51 -34.42 23.38 -32.95
CA LEU B 51 -35.68 24.11 -33.05
C LEU B 51 -36.43 24.12 -31.73
N ILE B 52 -36.31 23.06 -30.94
CA ILE B 52 -36.91 23.06 -29.60
C ILE B 52 -36.12 23.96 -28.67
N VAL B 53 -34.79 23.93 -28.79
CA VAL B 53 -33.95 24.82 -27.99
C VAL B 53 -34.26 26.28 -28.31
N LYS B 54 -34.55 26.56 -29.58
CA LYS B 54 -34.96 27.91 -29.96
C LYS B 54 -36.30 28.28 -29.34
N GLU B 55 -37.16 27.30 -29.07
CA GLU B 55 -38.41 27.59 -28.40
C GLU B 55 -38.25 27.61 -26.87
N VAL B 56 -37.34 26.81 -26.34
CA VAL B 56 -37.03 26.89 -24.92
C VAL B 56 -36.42 28.24 -24.58
N ILE B 57 -35.55 28.74 -25.46
CA ILE B 57 -34.98 30.06 -25.27
C ILE B 57 -36.05 31.14 -25.37
N LYS B 58 -36.97 31.00 -26.33
CA LYS B 58 -38.01 32.01 -26.51
C LYS B 58 -38.92 32.08 -25.30
N THR B 59 -39.26 30.93 -24.71
CA THR B 59 -40.22 30.89 -23.62
C THR B 59 -39.61 31.21 -22.27
N GLU B 60 -38.28 31.10 -22.13
CA GLU B 60 -37.62 31.33 -20.85
C GLU B 60 -36.73 32.55 -20.83
N ALA B 61 -35.94 32.78 -21.89
CA ALA B 61 -35.02 33.91 -21.92
C ALA B 61 -34.64 34.26 -23.36
N PRO B 62 -35.44 35.08 -24.05
CA PRO B 62 -35.18 35.34 -25.47
C PRO B 62 -33.90 36.11 -25.74
N GLU B 63 -33.24 36.67 -24.72
CA GLU B 63 -32.02 37.43 -24.93
C GLU B 63 -30.80 36.53 -25.12
N VAL B 64 -30.90 35.24 -24.76
CA VAL B 64 -29.77 34.32 -24.90
C VAL B 64 -29.53 34.05 -26.38
N VAL B 65 -28.28 34.25 -26.81
CA VAL B 65 -27.90 34.04 -28.20
C VAL B 65 -27.55 32.57 -28.40
N LEU B 66 -28.19 31.93 -29.38
CA LEU B 66 -27.97 30.53 -29.68
C LEU B 66 -27.07 30.37 -30.91
N LYS B 67 -26.26 29.32 -30.90
CA LYS B 67 -25.38 29.00 -32.01
C LYS B 67 -25.40 27.50 -32.23
N VAL B 68 -25.56 27.09 -33.48
CA VAL B 68 -25.61 25.67 -33.85
C VAL B 68 -24.57 25.43 -34.94
N THR B 69 -23.74 24.42 -34.74
CA THR B 69 -22.70 24.09 -35.72
C THR B 69 -22.30 22.64 -35.56
N VAL B 70 -21.69 22.10 -36.63
CA VAL B 70 -21.08 20.79 -36.59
C VAL B 70 -19.57 20.85 -36.78
N ASN B 71 -18.99 22.05 -36.86
CA ASN B 71 -17.55 22.20 -36.98
C ASN B 71 -16.94 22.33 -35.59
N PRO B 72 -15.99 21.46 -35.22
CA PRO B 72 -15.43 21.55 -33.86
C PRO B 72 -14.64 22.82 -33.61
N LYS B 73 -14.04 23.41 -34.66
CA LYS B 73 -13.29 24.64 -34.46
C LYS B 73 -14.21 25.80 -34.08
N GLU B 74 -15.37 25.91 -34.74
CA GLU B 74 -16.32 26.96 -34.38
C GLU B 74 -16.90 26.72 -32.98
N ALA B 75 -17.24 25.47 -32.67
CA ALA B 75 -17.95 25.19 -31.42
C ALA B 75 -17.03 25.32 -30.21
N PHE B 76 -15.76 24.97 -30.35
CA PHE B 76 -14.87 24.86 -29.20
C PHE B 76 -13.85 25.98 -29.09
N THR B 77 -13.80 26.92 -30.05
CA THR B 77 -12.87 28.03 -29.94
C THR B 77 -13.30 28.94 -28.79
N ASP B 78 -12.38 29.18 -27.85
CA ASP B 78 -12.65 29.96 -26.64
C ASP B 78 -13.81 29.38 -25.84
N ALA B 79 -13.95 28.06 -25.83
CA ALA B 79 -14.99 27.42 -25.05
C ALA B 79 -14.62 27.43 -23.57
N ASP B 80 -15.51 27.98 -22.74
CA ASP B 80 -15.27 28.07 -21.31
C ASP B 80 -15.72 26.82 -20.57
N TYR B 81 -16.94 26.36 -20.83
CA TYR B 81 -17.47 25.16 -20.21
C TYR B 81 -18.13 24.30 -21.28
N ILE B 82 -17.82 23.01 -21.29
CA ILE B 82 -18.30 22.08 -22.30
C ILE B 82 -19.01 20.95 -21.57
N MSE B 83 -20.34 21.00 -21.57
CA MSE B 83 -21.13 19.91 -20.99
C MSE B 83 -21.30 18.79 -22.00
O MSE B 83 -22.05 18.93 -22.97
CB MSE B 83 -22.49 20.44 -20.52
CG MSE B 83 -22.40 21.50 -19.44
SE MSE B 83 -24.14 22.31 -19.10
CE MSE B 83 -24.59 22.77 -20.94
N ALA B 84 -20.59 17.69 -21.79
CA ALA B 84 -20.56 16.58 -22.72
C ALA B 84 -21.70 15.61 -22.46
N GLN B 85 -22.43 15.25 -23.51
CA GLN B 85 -23.53 14.29 -23.42
C GLN B 85 -23.66 13.58 -24.77
N MSE B 86 -22.61 12.91 -25.20
CA MSE B 86 -22.64 12.20 -26.47
C MSE B 86 -23.04 10.74 -26.30
O MSE B 86 -22.81 10.14 -25.26
CB MSE B 86 -21.28 12.29 -27.17
CG MSE B 86 -20.19 11.48 -26.49
SE MSE B 86 -18.51 11.45 -27.49
CE MSE B 86 -18.16 13.37 -27.55
N ARG B 87 -23.66 10.19 -27.34
CA ARG B 87 -23.97 8.76 -27.42
C ARG B 87 -23.40 8.26 -28.73
N VAL B 88 -22.18 7.72 -28.68
CA VAL B 88 -21.52 7.25 -29.90
C VAL B 88 -22.29 6.06 -30.46
N GLY B 89 -22.67 6.16 -31.73
CA GLY B 89 -23.47 5.15 -32.38
C GLY B 89 -24.96 5.37 -32.27
N GLY B 90 -25.42 6.21 -31.34
CA GLY B 90 -26.83 6.50 -31.20
C GLY B 90 -27.58 5.36 -30.54
N LEU B 91 -28.88 5.59 -30.36
CA LEU B 91 -29.76 4.57 -29.78
C LEU B 91 -29.90 3.36 -30.67
N LYS B 92 -29.62 3.50 -31.97
CA LYS B 92 -29.68 2.35 -32.88
C LYS B 92 -28.60 1.33 -32.54
N MSE B 93 -27.42 1.80 -32.14
CA MSE B 93 -26.34 0.91 -31.74
C MSE B 93 -26.56 0.38 -30.33
O MSE B 93 -26.03 -0.67 -29.96
CB MSE B 93 -24.99 1.63 -31.82
CG MSE B 93 -24.43 1.72 -33.23
SE MSE B 93 -24.10 -0.04 -33.99
CE MSE B 93 -23.04 -0.80 -32.55
N ARG B 94 -27.37 1.10 -29.55
CA ARG B 94 -27.67 0.66 -28.19
C ARG B 94 -28.52 -0.61 -28.21
N VAL B 95 -29.56 -0.63 -29.04
CA VAL B 95 -30.40 -1.82 -29.13
C VAL B 95 -29.63 -2.99 -29.72
N LYS B 96 -28.58 -2.70 -30.51
CA LYS B 96 -27.74 -3.78 -31.01
C LYS B 96 -26.93 -4.41 -29.89
N ASP B 97 -26.48 -3.60 -28.93
CA ASP B 97 -25.78 -4.12 -27.77
C ASP B 97 -26.73 -4.93 -26.89
N GLU B 98 -27.98 -4.47 -26.76
CA GLU B 98 -28.95 -5.14 -25.91
C GLU B 98 -29.49 -6.41 -26.55
N GLN B 99 -29.56 -6.46 -27.89
CA GLN B 99 -30.04 -7.66 -28.57
C GLN B 99 -29.00 -8.77 -28.55
N ILE B 100 -27.74 -8.42 -28.77
CA ILE B 100 -26.68 -9.44 -28.79
C ILE B 100 -26.51 -10.06 -27.42
N CYS B 101 -26.62 -9.26 -26.36
CA CYS B 101 -26.50 -9.79 -25.00
C CYS B 101 -27.64 -10.76 -24.69
N LEU B 102 -28.89 -10.33 -24.92
CA LEU B 102 -30.02 -11.20 -24.66
C LEU B 102 -30.06 -12.41 -25.59
N LYS B 103 -29.42 -12.32 -26.76
CA LYS B 103 -29.33 -13.48 -27.63
C LYS B 103 -28.46 -14.57 -27.02
N HIS B 104 -27.43 -14.19 -26.27
CA HIS B 104 -26.56 -15.14 -25.59
C HIS B 104 -26.98 -15.42 -24.15
N GLY B 105 -28.14 -14.92 -23.74
CA GLY B 105 -28.66 -15.18 -22.41
C GLY B 105 -28.13 -14.27 -21.32
N CYS B 106 -27.29 -13.31 -21.65
CA CYS B 106 -26.74 -12.36 -20.67
C CYS B 106 -27.56 -11.07 -20.69
N VAL B 107 -27.41 -10.29 -19.62
CA VAL B 107 -28.20 -9.07 -19.48
C VAL B 107 -27.77 -8.06 -20.54
N GLY B 108 -28.73 -7.32 -21.06
CA GLY B 108 -28.46 -6.29 -22.05
C GLY B 108 -28.83 -4.91 -21.57
N GLN B 109 -27.86 -4.19 -21.00
CA GLN B 109 -28.09 -2.88 -20.41
C GLN B 109 -27.19 -1.85 -21.08
N GLU B 110 -27.56 -0.58 -20.91
CA GLU B 110 -26.81 0.50 -21.55
C GLU B 110 -25.41 0.61 -20.97
N THR B 111 -25.26 0.44 -19.66
CA THR B 111 -23.99 0.67 -18.99
C THR B 111 -23.46 -0.54 -18.23
N CYS B 112 -24.27 -1.57 -18.02
CA CYS B 112 -23.87 -2.73 -17.24
C CYS B 112 -23.84 -3.97 -18.12
N GLY B 113 -22.92 -4.88 -17.80
CA GLY B 113 -22.79 -6.12 -18.54
C GLY B 113 -21.99 -5.94 -19.83
N ALA B 114 -22.13 -6.91 -20.72
CA ALA B 114 -21.41 -6.88 -21.99
C ALA B 114 -21.89 -5.72 -22.86
N GLY B 115 -23.13 -5.27 -22.69
CA GLY B 115 -23.63 -4.15 -23.47
C GLY B 115 -22.94 -2.85 -23.11
N GLY B 116 -22.77 -2.58 -21.82
CA GLY B 116 -22.10 -1.36 -21.40
C GLY B 116 -20.63 -1.35 -21.75
N MSE B 117 -19.98 -2.52 -21.75
CA MSE B 117 -18.59 -2.62 -22.13
C MSE B 117 -18.42 -2.37 -23.62
O MSE B 117 -17.43 -1.79 -24.06
CB MSE B 117 -18.04 -4.00 -21.76
CG MSE B 117 -18.15 -4.32 -20.28
SE MSE B 117 -17.47 -6.09 -19.84
CE MSE B 117 -15.67 -5.86 -20.53
N THR B 118 -19.40 -2.82 -24.41
CA THR B 118 -19.40 -2.53 -25.83
C THR B 118 -19.65 -1.05 -26.10
N TYR B 119 -20.60 -0.46 -25.37
CA TYR B 119 -20.83 0.98 -25.47
C TYR B 119 -19.62 1.78 -25.01
N GLY B 120 -18.82 1.21 -24.10
CA GLY B 120 -17.66 1.94 -23.60
C GLY B 120 -16.58 2.13 -24.64
N MSE B 121 -16.21 1.05 -25.33
CA MSE B 121 -15.12 1.11 -26.31
C MSE B 121 -15.51 1.89 -27.56
O MSE B 121 -14.65 2.17 -28.40
CB MSE B 121 -14.67 -0.30 -26.68
CG MSE B 121 -13.85 -1.00 -25.60
SE MSE B 121 -13.07 -2.68 -26.19
CE MSE B 121 -11.99 -2.01 -27.67
N ARG B 122 -16.79 2.21 -27.70
CA ARG B 122 -17.21 3.14 -28.73
C ARG B 122 -17.03 4.59 -28.30
N THR B 123 -16.98 4.86 -27.00
CA THR B 123 -16.92 6.22 -26.48
C THR B 123 -15.54 6.61 -25.98
N ILE B 124 -14.60 5.66 -25.92
CA ILE B 124 -13.28 5.95 -25.35
C ILE B 124 -12.54 6.99 -26.19
N TYR B 125 -12.31 6.66 -27.46
CA TYR B 125 -11.53 7.52 -28.34
C TYR B 125 -12.29 8.78 -28.77
N PRO B 126 -13.59 8.71 -29.05
CA PRO B 126 -14.33 9.97 -29.30
C PRO B 126 -14.30 10.92 -28.13
N MSE B 127 -14.20 10.43 -26.91
CA MSE B 127 -14.10 11.30 -25.73
C MSE B 127 -12.72 11.94 -25.65
O MSE B 127 -12.58 13.10 -25.30
CB MSE B 127 -14.41 10.53 -24.45
CG MSE B 127 -15.82 10.73 -23.96
SE MSE B 127 -16.13 12.58 -23.43
CE MSE B 127 -17.99 12.74 -23.96
N VAL B 128 -11.70 11.15 -25.97
CA VAL B 128 -10.33 11.68 -26.01
C VAL B 128 -10.21 12.74 -27.10
N GLN B 129 -10.91 12.53 -28.22
CA GLN B 129 -10.93 13.55 -29.27
C GLN B 129 -11.61 14.82 -28.78
N LEU B 130 -12.64 14.69 -27.94
CA LEU B 130 -13.24 15.85 -27.31
C LEU B 130 -12.27 16.55 -26.38
N ILE B 131 -11.41 15.78 -25.70
CA ILE B 131 -10.40 16.37 -24.83
C ILE B 131 -9.40 17.17 -25.67
N ASP B 132 -8.94 16.60 -26.77
CA ASP B 132 -7.94 17.28 -27.61
C ASP B 132 -8.53 18.49 -28.31
N TYR B 133 -9.84 18.49 -28.58
CA TYR B 133 -10.48 19.67 -29.14
C TYR B 133 -10.40 20.85 -28.17
N CYS B 134 -10.71 20.61 -26.90
CA CYS B 134 -10.68 21.69 -25.91
C CYS B 134 -9.26 22.13 -25.59
N GLU B 135 -8.31 21.20 -25.60
CA GLU B 135 -6.92 21.57 -25.35
C GLU B 135 -6.36 22.48 -26.43
N GLU B 136 -6.87 22.35 -27.66
CA GLU B 136 -6.40 23.13 -28.79
C GLU B 136 -7.15 24.44 -28.95
N TYR B 137 -8.48 24.39 -28.97
CA TYR B 137 -9.29 25.56 -29.30
C TYR B 137 -9.87 26.27 -28.08
N ALA B 138 -10.25 25.53 -27.04
CA ALA B 138 -11.02 26.11 -25.95
C ALA B 138 -10.14 26.99 -25.06
N SER B 139 -10.78 27.61 -24.09
CA SER B 139 -10.05 28.43 -23.11
C SER B 139 -9.04 27.58 -22.37
N LYS B 140 -7.92 28.21 -22.00
CA LYS B 140 -6.87 27.51 -21.27
C LYS B 140 -7.36 27.00 -19.93
N LYS B 141 -8.40 27.61 -19.37
CA LYS B 141 -9.00 27.12 -18.12
C LYS B 141 -10.40 26.58 -18.40
N TYR B 142 -10.54 25.74 -19.42
CA TYR B 142 -11.83 25.17 -19.76
C TYR B 142 -12.25 24.15 -18.71
N TRP B 143 -13.47 23.64 -18.87
CA TRP B 143 -13.97 22.57 -18.03
C TRP B 143 -14.93 21.71 -18.83
N ILE B 144 -14.75 20.40 -18.75
CA ILE B 144 -15.62 19.44 -19.41
C ILE B 144 -16.40 18.70 -18.33
N VAL B 145 -17.66 19.09 -18.14
CA VAL B 145 -18.56 18.42 -17.20
C VAL B 145 -19.21 17.28 -17.97
N ASN B 146 -18.54 16.14 -18.02
CA ASN B 146 -18.99 14.99 -18.79
C ASN B 146 -19.93 14.14 -17.95
N TYR B 147 -21.14 13.90 -18.46
CA TYR B 147 -22.06 12.95 -17.86
C TYR B 147 -22.52 11.90 -18.87
N SER B 148 -21.79 11.75 -19.98
CA SER B 148 -22.12 10.74 -20.97
C SER B 148 -21.61 9.38 -20.52
N ASN B 149 -22.41 8.35 -20.76
CA ASN B 149 -22.11 7.00 -20.31
C ASN B 149 -21.35 6.23 -21.38
N PRO B 150 -20.62 5.16 -21.01
CA PRO B 150 -20.40 4.67 -19.64
C PRO B 150 -19.41 5.53 -18.86
N ALA B 151 -19.88 6.15 -17.78
CA ALA B 151 -19.04 7.05 -17.01
C ALA B 151 -17.88 6.31 -16.35
N ALA B 152 -18.10 5.06 -15.94
CA ALA B 152 -17.05 4.30 -15.29
C ALA B 152 -15.90 3.99 -16.24
N ILE B 153 -16.22 3.60 -17.48
CA ILE B 153 -15.19 3.25 -18.43
C ILE B 153 -14.54 4.49 -19.05
N VAL B 154 -15.35 5.52 -19.33
CA VAL B 154 -14.82 6.73 -19.94
C VAL B 154 -13.89 7.46 -18.98
N ALA B 155 -14.31 7.62 -17.73
CA ALA B 155 -13.47 8.31 -16.75
C ALA B 155 -12.17 7.56 -16.51
N LYS B 156 -12.22 6.23 -16.52
CA LYS B 156 -11.00 5.45 -16.36
C LYS B 156 -10.11 5.55 -17.59
N ALA B 157 -10.72 5.60 -18.79
CA ALA B 157 -9.94 5.70 -20.02
C ALA B 157 -9.36 7.10 -20.18
N THR B 158 -10.17 8.13 -19.93
CA THR B 158 -9.70 9.50 -20.12
C THR B 158 -8.63 9.88 -19.10
N TYR B 159 -8.67 9.31 -17.89
CA TYR B 159 -7.65 9.62 -16.91
C TYR B 159 -6.32 8.97 -17.25
N LYS B 160 -6.35 7.77 -17.84
CA LYS B 160 -5.10 7.11 -18.23
C LYS B 160 -4.52 7.70 -19.50
N LEU B 161 -5.36 8.19 -20.40
CA LEU B 161 -4.88 8.77 -21.65
C LEU B 161 -4.58 10.26 -21.54
N ARG B 162 -5.47 11.03 -20.89
CA ARG B 162 -5.29 12.46 -20.72
C ARG B 162 -5.40 12.80 -19.24
N PRO B 163 -4.33 12.59 -18.47
CA PRO B 163 -4.41 12.87 -17.03
C PRO B 163 -4.55 14.34 -16.70
N LYS B 164 -4.08 15.24 -17.56
CA LYS B 164 -4.12 16.67 -17.32
C LYS B 164 -5.41 17.33 -17.79
N ALA B 165 -6.37 16.55 -18.28
CA ALA B 165 -7.60 17.12 -18.82
C ALA B 165 -8.44 17.75 -17.72
N ARG B 166 -8.82 19.01 -17.91
CA ARG B 166 -9.71 19.71 -16.99
C ARG B 166 -11.13 19.17 -17.22
N ILE B 167 -11.41 18.04 -16.60
CA ILE B 167 -12.63 17.29 -16.82
C ILE B 167 -13.22 16.87 -15.49
N ILE B 168 -14.56 16.77 -15.44
CA ILE B 168 -15.28 16.27 -14.27
C ILE B 168 -16.35 15.31 -14.76
N ASN B 169 -16.24 14.05 -14.37
CA ASN B 169 -17.18 13.01 -14.78
C ASN B 169 -18.20 12.79 -13.67
N ILE B 170 -19.48 12.99 -14.00
CA ILE B 170 -20.56 12.91 -13.02
C ILE B 170 -21.66 12.00 -13.53
N CYS B 171 -22.52 11.58 -12.61
CA CYS B 171 -23.70 10.79 -12.91
C CYS B 171 -24.84 11.26 -12.01
N ASP B 172 -26.07 11.15 -12.52
CA ASP B 172 -27.24 11.62 -11.80
C ASP B 172 -28.04 10.50 -11.16
N MSE B 173 -27.65 9.24 -11.36
CA MSE B 173 -28.34 8.12 -10.74
C MSE B 173 -28.32 8.17 -9.20
O MSE B 173 -29.34 7.91 -8.58
CB MSE B 173 -27.77 6.78 -11.24
CG MSE B 173 -28.57 5.57 -10.79
SE MSE B 173 -30.33 5.49 -11.65
CE MSE B 173 -31.44 5.48 -10.05
N PRO B 174 -27.17 8.52 -8.59
CA PRO B 174 -27.21 8.77 -7.15
C PRO B 174 -28.13 9.93 -6.79
N VAL B 175 -28.17 10.97 -7.61
CA VAL B 175 -29.07 12.10 -7.34
C VAL B 175 -30.52 11.67 -7.49
N GLU B 176 -30.80 10.78 -8.44
CA GLU B 176 -32.17 10.28 -8.60
C GLU B 176 -32.59 9.40 -7.42
N ILE B 177 -31.64 8.68 -6.81
CA ILE B 177 -31.99 7.83 -5.67
C ILE B 177 -32.35 8.68 -4.46
N GLU B 178 -31.51 9.66 -4.14
CA GLU B 178 -31.83 10.56 -3.03
C GLU B 178 -33.03 11.44 -3.33
N ALA B 179 -33.39 11.60 -4.60
CA ALA B 179 -34.68 12.22 -4.92
C ALA B 179 -35.83 11.33 -4.47
N ARG B 180 -35.70 10.01 -4.67
CA ARG B 180 -36.67 9.08 -4.13
C ARG B 180 -36.62 9.04 -2.60
N MSE B 181 -35.41 9.05 -2.04
CA MSE B 181 -35.22 8.99 -0.60
C MSE B 181 -35.81 10.20 0.11
O MSE B 181 -36.30 10.10 1.23
CB MSE B 181 -33.73 8.87 -0.28
CG MSE B 181 -33.11 7.55 -0.74
SE MSE B 181 -31.16 7.54 -0.62
CE MSE B 181 -30.89 9.28 0.21
N ALA B 182 -35.77 11.35 -0.56
CA ALA B 182 -36.32 12.57 0.02
C ALA B 182 -37.85 12.49 0.11
N GLU B 183 -38.49 11.90 -0.90
CA GLU B 183 -39.94 11.76 -0.87
C GLU B 183 -40.41 10.74 0.16
N ILE B 184 -39.59 9.73 0.44
CA ILE B 184 -39.97 8.72 1.42
C ILE B 184 -40.11 9.35 2.80
N LEU B 185 -39.41 10.45 3.04
CA LEU B 185 -39.30 11.06 4.35
C LEU B 185 -40.02 12.40 4.45
N ASP B 186 -40.71 12.83 3.40
CA ASP B 186 -41.27 14.17 3.32
C ASP B 186 -40.17 15.24 3.44
N CYS B 187 -38.92 14.86 3.16
CA CYS B 187 -37.80 15.77 3.18
C CYS B 187 -37.60 16.38 1.80
N LYS B 188 -37.07 17.60 1.77
CA LYS B 188 -36.78 18.27 0.51
C LYS B 188 -35.39 17.89 0.02
N LEU B 189 -35.24 17.81 -1.30
CA LEU B 189 -34.03 17.25 -1.89
C LEU B 189 -32.80 18.10 -1.57
N GLU B 190 -32.96 19.42 -1.44
CA GLU B 190 -31.82 20.26 -1.10
C GLU B 190 -31.32 20.00 0.32
N ASP B 191 -32.15 19.44 1.19
CA ASP B 191 -31.76 19.15 2.56
C ASP B 191 -31.22 17.73 2.73
N ILE B 192 -31.15 16.96 1.65
CA ILE B 192 -30.63 15.59 1.70
C ILE B 192 -29.14 15.63 1.43
N GLU B 193 -28.43 14.65 1.98
CA GLU B 193 -26.99 14.50 1.79
C GLU B 193 -26.58 13.13 2.32
N SER B 194 -25.78 12.42 1.54
CA SER B 194 -25.44 11.05 1.86
C SER B 194 -23.96 10.81 1.61
N ASP B 195 -23.38 9.92 2.41
CA ASP B 195 -22.04 9.42 2.19
C ASP B 195 -22.09 8.22 1.25
N TYR B 196 -21.13 8.14 0.34
CA TYR B 196 -21.23 7.24 -0.80
C TYR B 196 -19.83 6.82 -1.23
N PHE B 197 -19.74 5.61 -1.78
CA PHE B 197 -18.47 5.12 -2.32
C PHE B 197 -18.76 4.02 -3.32
N GLY B 198 -17.76 3.72 -4.14
CA GLY B 198 -17.84 2.70 -5.16
C GLY B 198 -17.54 3.26 -6.53
N LEU B 199 -17.68 2.40 -7.54
CA LEU B 199 -17.51 2.82 -8.93
C LEU B 199 -18.84 3.35 -9.46
N ASN B 200 -18.82 3.83 -10.70
CA ASN B 200 -20.03 4.35 -11.31
C ASN B 200 -21.01 3.22 -11.60
N HIS B 201 -22.27 3.42 -11.26
CA HIS B 201 -23.29 2.38 -11.34
C HIS B 201 -22.86 1.14 -10.55
N TYR B 202 -22.18 1.38 -9.42
CA TYR B 202 -21.55 0.32 -8.66
C TYR B 202 -21.19 0.82 -7.28
N GLY B 203 -22.11 1.51 -6.61
CA GLY B 203 -21.83 2.16 -5.35
C GLY B 203 -22.86 1.81 -4.28
N TRP B 204 -22.65 2.41 -3.11
CA TRP B 204 -23.49 2.17 -1.94
C TRP B 204 -23.66 3.46 -1.16
N PHE B 205 -24.84 3.64 -0.57
CA PHE B 205 -25.11 4.76 0.33
C PHE B 205 -24.85 4.30 1.76
N THR B 206 -23.75 4.77 2.34
CA THR B 206 -23.37 4.32 3.68
C THR B 206 -24.15 5.04 4.77
N HIS B 207 -24.29 6.36 4.67
CA HIS B 207 -25.03 7.14 5.65
C HIS B 207 -25.84 8.21 4.94
N VAL B 208 -27.08 8.39 5.37
CA VAL B 208 -27.99 9.38 4.80
C VAL B 208 -28.51 10.26 5.92
N ARG B 209 -28.62 11.55 5.66
CA ARG B 209 -29.13 12.50 6.64
C ARG B 209 -29.95 13.58 5.94
N CYS B 210 -31.14 13.85 6.48
CA CYS B 210 -31.99 14.94 6.01
C CYS B 210 -31.78 16.13 6.94
N LYS B 211 -31.07 17.15 6.44
CA LYS B 211 -30.75 18.35 7.21
C LYS B 211 -29.97 17.99 8.48
N GLY B 212 -28.85 17.28 8.29
CA GLY B 212 -27.92 16.99 9.35
C GLY B 212 -28.30 15.83 10.27
N VAL B 213 -29.57 15.45 10.32
CA VAL B 213 -30.03 14.38 11.20
C VAL B 213 -29.94 13.06 10.45
N ASP B 214 -29.18 12.11 10.99
CA ASP B 214 -29.00 10.83 10.32
C ASP B 214 -30.34 10.13 10.14
N VAL B 215 -30.42 9.28 9.13
CA VAL B 215 -31.71 8.87 8.58
C VAL B 215 -31.60 7.44 8.09
N THR B 216 -30.38 7.01 7.75
CA THR B 216 -30.09 5.71 7.13
C THR B 216 -30.98 4.58 7.65
N ASP B 217 -31.21 4.53 8.96
CA ASP B 217 -32.09 3.51 9.51
C ASP B 217 -33.53 3.71 9.06
N LYS B 218 -33.99 4.96 9.00
CA LYS B 218 -35.36 5.23 8.57
C LYS B 218 -35.58 4.85 7.11
N LEU B 219 -34.56 5.06 6.27
CA LEU B 219 -34.64 4.66 4.88
C LEU B 219 -34.46 3.16 4.71
N LYS B 220 -33.54 2.56 5.49
CA LYS B 220 -33.32 1.13 5.40
C LYS B 220 -34.60 0.35 5.67
N GLU B 221 -35.40 0.79 6.65
CA GLU B 221 -36.64 0.10 6.96
C GLU B 221 -37.62 0.16 5.78
N HIS B 222 -37.67 1.30 5.09
CA HIS B 222 -38.62 1.45 3.99
C HIS B 222 -38.15 0.73 2.73
N VAL B 223 -36.86 0.86 2.40
CA VAL B 223 -36.36 0.29 1.15
C VAL B 223 -36.42 -1.24 1.20
N ARG B 224 -36.13 -1.84 2.36
CA ARG B 224 -36.19 -3.29 2.46
C ARG B 224 -37.61 -3.83 2.33
N LYS B 225 -38.62 -2.98 2.50
CA LYS B 225 -40.02 -3.39 2.39
C LYS B 225 -40.65 -3.00 1.06
N TYR B 226 -40.39 -1.79 0.58
CA TYR B 226 -40.97 -1.31 -0.67
C TYR B 226 -39.96 -0.96 -1.74
N GLY B 227 -38.67 -0.91 -1.42
CA GLY B 227 -37.69 -0.43 -2.37
C GLY B 227 -37.60 1.09 -2.32
N TYR B 228 -37.09 1.65 -3.42
CA TYR B 228 -36.96 3.10 -3.53
C TYR B 228 -38.26 3.77 -3.98
N VAL B 229 -39.34 3.02 -4.13
CA VAL B 229 -40.63 3.61 -4.49
C VAL B 229 -41.33 4.08 -3.22
N SER B 230 -42.15 5.12 -3.36
CA SER B 230 -42.95 5.62 -2.27
C SER B 230 -44.33 6.00 -2.82
N GLU B 231 -45.26 6.27 -1.90
CA GLU B 231 -46.61 6.64 -2.31
C GLU B 231 -46.62 7.96 -3.08
N ALA B 232 -45.69 8.86 -2.75
CA ALA B 232 -45.55 10.12 -3.48
C ALA B 232 -44.60 10.03 -4.66
N SER B 233 -43.83 8.94 -4.77
CA SER B 233 -42.92 8.80 -5.89
C SER B 233 -43.67 8.63 -7.21
N MSE B 234 -44.82 7.97 -7.19
CA MSE B 234 -45.59 7.70 -8.39
C MSE B 234 -46.06 8.97 -9.07
O MSE B 234 -46.35 8.98 -10.27
CB MSE B 234 -46.77 6.79 -8.07
CG MSE B 234 -46.41 5.54 -7.28
SE MSE B 234 -44.91 4.56 -8.04
CE MSE B 234 -45.65 4.19 -9.81
N ASN B 235 -46.16 10.05 -8.31
CA ASN B 235 -46.53 11.35 -8.86
C ASN B 235 -45.33 12.00 -9.55
N LEU B 238 -40.55 10.53 -13.73
CA LEU B 238 -39.75 9.36 -14.09
C LEU B 238 -40.45 8.07 -13.66
N LEU B 239 -41.13 8.12 -12.52
CA LEU B 239 -41.88 6.96 -12.05
C LEU B 239 -43.10 6.65 -12.91
N LYS B 240 -43.46 7.55 -13.84
CA LYS B 240 -44.47 7.22 -14.83
C LYS B 240 -43.96 6.19 -15.85
N ASP B 241 -42.65 5.99 -15.92
CA ASP B 241 -42.07 4.99 -16.79
C ASP B 241 -42.19 3.62 -16.14
N PRO B 242 -42.82 2.64 -16.79
CA PRO B 242 -43.04 1.33 -16.17
C PRO B 242 -41.78 0.47 -16.06
N ASP B 243 -40.61 0.99 -16.42
CA ASP B 243 -39.37 0.24 -16.28
C ASP B 243 -38.53 0.70 -15.10
N TRP B 244 -38.56 1.99 -14.75
CA TRP B 244 -37.89 2.47 -13.55
C TRP B 244 -38.66 2.13 -12.28
N VAL B 245 -39.94 1.75 -12.39
CA VAL B 245 -40.65 1.25 -11.22
C VAL B 245 -40.18 -0.16 -10.89
N HIS B 246 -39.69 -0.90 -11.88
CA HIS B 246 -39.12 -2.23 -11.64
C HIS B 246 -37.74 -2.12 -11.01
N THR B 247 -36.97 -1.11 -11.41
CA THR B 247 -35.63 -0.94 -10.86
C THR B 247 -35.69 -0.47 -9.40
N PHE B 248 -36.51 0.54 -9.13
CA PHE B 248 -36.61 1.06 -7.77
C PHE B 248 -37.23 0.05 -6.82
N LYS B 249 -38.10 -0.82 -7.32
CA LYS B 249 -38.63 -1.89 -6.47
C LYS B 249 -37.62 -3.01 -6.27
N ASN B 250 -36.78 -3.28 -7.27
CA ASN B 250 -35.81 -4.36 -7.19
C ASN B 250 -34.75 -4.12 -6.13
N SER B 251 -34.64 -2.90 -5.61
CA SER B 251 -33.68 -2.61 -4.55
C SER B 251 -34.11 -3.17 -3.20
N ALA B 252 -35.33 -3.70 -3.09
CA ALA B 252 -35.80 -4.21 -1.81
C ALA B 252 -35.09 -5.51 -1.43
N LEU B 253 -34.95 -6.43 -2.38
CA LEU B 253 -34.30 -7.70 -2.08
C LEU B 253 -32.81 -7.52 -1.84
N ILE B 254 -32.18 -6.59 -2.53
CA ILE B 254 -30.75 -6.35 -2.36
C ILE B 254 -30.47 -5.76 -0.98
N SER B 255 -31.23 -4.74 -0.60
CA SER B 255 -31.04 -4.09 0.69
C SER B 255 -31.44 -4.99 1.85
N SER B 256 -32.15 -6.09 1.61
CA SER B 256 -32.54 -7.01 2.66
C SER B 256 -31.52 -8.11 2.89
N MSE B 257 -30.86 -8.56 1.83
CA MSE B 257 -29.82 -9.59 1.95
C MSE B 257 -28.54 -9.00 2.52
O MSE B 257 -27.92 -9.56 3.42
CB MSE B 257 -29.56 -10.25 0.60
CG MSE B 257 -30.70 -11.12 0.09
SE MSE B 257 -30.35 -11.94 -1.64
CE MSE B 257 -30.42 -10.34 -2.75
N PHE B 258 -28.14 -7.85 1.97
CA PHE B 258 -26.94 -7.14 2.40
C PHE B 258 -27.40 -5.85 3.09
N THR B 259 -27.20 -5.77 4.41
CA THR B 259 -27.85 -4.78 5.24
C THR B 259 -26.91 -3.70 5.76
N ASP B 260 -25.67 -3.64 5.26
CA ASP B 260 -24.75 -2.61 5.74
C ASP B 260 -25.13 -1.24 5.21
N TYR B 261 -25.39 -1.14 3.90
CA TYR B 261 -25.61 0.14 3.25
C TYR B 261 -26.88 0.08 2.42
N LEU B 262 -27.26 1.23 1.85
CA LEU B 262 -28.35 1.33 0.90
C LEU B 262 -27.81 1.23 -0.52
N PRO B 263 -28.30 0.29 -1.33
CA PRO B 263 -27.65 -0.02 -2.60
C PRO B 263 -28.06 0.90 -3.75
N ASN B 264 -27.15 1.01 -4.71
CA ASN B 264 -27.47 1.64 -5.98
C ASN B 264 -28.38 0.71 -6.78
N THR B 265 -29.30 1.29 -7.55
CA THR B 265 -30.26 0.50 -8.29
C THR B 265 -29.58 -0.36 -9.38
N TYR B 266 -28.40 0.05 -9.84
CA TYR B 266 -27.70 -0.72 -10.87
C TYR B 266 -27.12 -2.03 -10.35
N TRP B 267 -27.23 -2.32 -9.06
CA TRP B 267 -26.76 -3.59 -8.53
C TRP B 267 -27.67 -4.75 -8.91
N GLN B 268 -28.87 -4.48 -9.43
CA GLN B 268 -29.76 -5.55 -9.85
C GLN B 268 -29.20 -6.33 -11.03
N TYR B 269 -28.40 -5.68 -11.87
CA TYR B 269 -27.84 -6.35 -13.05
C TYR B 269 -26.65 -7.23 -12.72
N TYR B 270 -25.96 -6.95 -11.62
CA TYR B 270 -24.81 -7.74 -11.19
C TYR B 270 -25.16 -8.77 -10.13
N LEU B 271 -25.92 -8.39 -9.11
CA LEU B 271 -26.28 -9.33 -8.06
C LEU B 271 -27.36 -10.31 -8.53
N MSE B 272 -28.29 -9.86 -9.35
CA MSE B 272 -29.36 -10.75 -9.82
C MSE B 272 -29.51 -10.67 -11.34
O MSE B 272 -30.53 -10.20 -11.83
CB MSE B 272 -30.69 -10.39 -9.13
CG MSE B 272 -30.57 -10.11 -7.64
SE MSE B 272 -31.73 -8.65 -7.05
CE MSE B 272 -33.42 -9.60 -6.88
N PRO B 273 -28.48 -11.13 -12.08
CA PRO B 273 -28.57 -11.06 -13.54
C PRO B 273 -29.53 -12.08 -14.13
N ASP B 274 -29.71 -13.22 -13.49
CA ASP B 274 -30.63 -14.23 -14.00
C ASP B 274 -32.07 -13.74 -13.95
N SER B 275 -32.42 -12.95 -12.94
CA SER B 275 -33.76 -12.38 -12.86
C SER B 275 -33.95 -11.26 -13.88
N ILE B 276 -32.87 -10.53 -14.19
CA ILE B 276 -32.97 -9.44 -15.16
C ILE B 276 -33.17 -9.99 -16.57
N VAL B 277 -32.50 -11.11 -16.89
CA VAL B 277 -32.62 -11.69 -18.23
C VAL B 277 -34.05 -12.14 -18.49
N ASP B 278 -34.65 -12.82 -17.53
CA ASP B 278 -36.04 -13.27 -17.69
C ASP B 278 -37.01 -12.10 -17.69
N TYR B 279 -36.65 -10.98 -17.07
CA TYR B 279 -37.53 -9.82 -17.05
C TYR B 279 -37.54 -9.10 -18.39
N MSE B 280 -36.39 -9.05 -19.06
CA MSE B 280 -36.27 -8.32 -20.32
C MSE B 280 -36.93 -9.04 -21.49
O MSE B 280 -37.38 -10.18 -21.37
CB MSE B 280 -34.81 -8.04 -20.64
CG MSE B 280 -34.15 -7.03 -19.71
SE MSE B 280 -32.32 -6.62 -20.26
CE MSE B 280 -31.94 -5.18 -18.99
N ASP B 281 -36.99 -8.36 -22.64
CA ASP B 281 -37.56 -8.90 -23.86
C ASP B 281 -36.69 -8.47 -25.02
N ILE B 282 -36.18 -9.44 -25.78
CA ILE B 282 -35.30 -9.10 -26.90
C ILE B 282 -36.08 -8.40 -28.01
N ASN B 283 -37.39 -8.64 -28.09
CA ASN B 283 -38.21 -7.99 -29.10
C ASN B 283 -38.63 -6.57 -28.71
N ASN B 284 -38.36 -6.15 -27.48
CA ASN B 284 -38.69 -4.80 -27.01
C ASN B 284 -37.70 -4.43 -25.91
N THR B 285 -36.45 -4.18 -26.31
CA THR B 285 -35.41 -3.79 -25.38
C THR B 285 -35.63 -2.36 -24.89
N ARG B 286 -34.85 -1.98 -23.87
CA ARG B 286 -34.98 -0.64 -23.30
C ARG B 286 -34.67 0.43 -24.33
N GLY B 287 -33.67 0.19 -25.19
CA GLY B 287 -33.39 1.14 -26.24
C GLY B 287 -34.55 1.30 -27.20
N MSE B 288 -35.26 0.22 -27.49
CA MSE B 288 -36.44 0.27 -28.34
C MSE B 288 -37.56 1.03 -27.65
O MSE B 288 -38.41 1.64 -28.30
CB MSE B 288 -36.90 -1.15 -28.70
CG MSE B 288 -36.01 -1.87 -29.69
SE MSE B 288 -36.53 -3.73 -29.93
CE MSE B 288 -35.83 -4.00 -31.72
N GLN B 289 -37.57 0.97 -26.32
CA GLN B 289 -38.61 1.64 -25.55
C GLN B 289 -38.42 3.16 -25.53
N VAL B 290 -37.17 3.62 -25.67
CA VAL B 290 -36.92 5.06 -25.69
C VAL B 290 -36.91 5.62 -27.11
N ILE B 291 -36.67 4.79 -28.13
CA ILE B 291 -36.83 5.24 -29.50
C ILE B 291 -38.29 5.52 -29.80
N ASN B 292 -39.18 4.65 -29.33
CA ASN B 292 -40.62 4.84 -29.42
C ASN B 292 -41.17 5.69 -28.28
N GLY B 293 -40.30 6.24 -27.43
CA GLY B 293 -40.75 7.03 -26.31
C GLY B 293 -40.13 8.42 -26.24
N ARG B 294 -38.95 8.53 -25.63
CA ARG B 294 -38.33 9.83 -25.45
C ARG B 294 -37.90 10.44 -26.78
N GLU B 295 -37.34 9.61 -27.67
CA GLU B 295 -36.87 10.13 -28.95
C GLU B 295 -38.03 10.45 -29.89
N LYS B 296 -39.13 9.69 -29.81
CA LYS B 296 -40.27 10.01 -30.67
C LYS B 296 -40.91 11.32 -30.27
N ARG B 297 -41.07 11.57 -28.95
CA ARG B 297 -41.71 12.78 -28.50
C ARG B 297 -40.86 14.03 -28.73
N ILE B 298 -39.55 13.88 -28.93
CA ILE B 298 -38.72 15.03 -29.24
C ILE B 298 -38.63 15.26 -30.75
N PHE B 299 -38.81 14.21 -31.56
CA PHE B 299 -38.93 14.40 -33.00
C PHE B 299 -40.31 14.91 -33.37
N LYS B 300 -41.35 14.44 -32.65
CA LYS B 300 -42.70 14.93 -32.88
C LYS B 300 -42.82 16.40 -32.56
N ALA B 301 -42.17 16.85 -31.47
CA ALA B 301 -42.20 18.26 -31.12
C ALA B 301 -41.47 19.11 -32.16
N ALA B 302 -40.41 18.57 -32.76
CA ALA B 302 -39.70 19.29 -33.81
C ALA B 302 -40.56 19.43 -35.06
N GLU B 303 -41.33 18.39 -35.39
CA GLU B 303 -42.22 18.48 -36.54
C GLU B 303 -43.38 19.44 -36.29
N ASP B 304 -43.84 19.53 -35.04
CA ASP B 304 -44.92 20.48 -34.73
C ASP B 304 -44.45 21.92 -34.86
N ILE B 305 -43.20 22.19 -34.45
CA ILE B 305 -42.65 23.54 -34.63
C ILE B 305 -42.56 23.88 -36.11
N ARG B 306 -42.18 22.91 -36.93
CA ARG B 306 -42.13 23.15 -38.38
C ARG B 306 -43.53 23.38 -38.95
N GLU B 307 -44.55 22.76 -38.36
CA GLU B 307 -45.93 22.95 -38.79
C GLU B 307 -46.60 24.13 -38.09
N GLY B 308 -45.85 24.89 -37.29
CA GLY B 308 -46.40 26.03 -36.59
C GLY B 308 -47.35 25.70 -35.45
N LYS B 309 -47.54 24.42 -35.13
CA LYS B 309 -48.44 24.06 -34.05
C LYS B 309 -47.79 24.30 -32.69
N PRO B 310 -48.58 24.60 -31.66
CA PRO B 310 -48.02 24.79 -30.33
C PRO B 310 -47.47 23.49 -29.78
N VAL B 311 -46.34 23.59 -29.08
CA VAL B 311 -45.68 22.44 -28.49
C VAL B 311 -45.69 22.58 -26.97
N ASP B 312 -45.76 21.45 -26.28
CA ASP B 312 -45.66 21.41 -24.82
C ASP B 312 -44.17 21.28 -24.47
N LEU B 313 -43.56 22.40 -24.08
CA LEU B 313 -42.14 22.40 -23.74
C LEU B 313 -41.87 21.81 -22.37
N GLN B 314 -42.90 21.53 -21.57
CA GLN B 314 -42.71 20.96 -20.25
C GLN B 314 -42.52 19.45 -20.26
N GLN B 315 -42.56 18.81 -21.43
CA GLN B 315 -42.23 17.39 -21.51
C GLN B 315 -40.79 17.14 -21.11
N PHE B 316 -39.90 18.07 -21.46
CA PHE B 316 -38.47 17.92 -21.26
C PHE B 316 -37.97 18.55 -19.97
N TYR B 317 -38.82 19.28 -19.25
CA TYR B 317 -38.41 19.94 -18.01
C TYR B 317 -38.65 19.03 -16.80
N VAL B 318 -38.19 17.78 -16.88
CA VAL B 318 -38.45 16.78 -15.86
C VAL B 318 -37.13 16.15 -15.43
N GLY B 319 -37.05 15.78 -14.15
CA GLY B 319 -35.90 15.09 -13.61
C GLY B 319 -34.91 16.04 -12.97
N VAL B 320 -34.12 15.49 -12.05
CA VAL B 320 -33.04 16.21 -11.40
C VAL B 320 -31.77 16.11 -12.26
N HIS B 321 -31.93 15.55 -13.46
CA HIS B 321 -30.80 15.42 -14.38
C HIS B 321 -30.19 16.78 -14.71
N GLY B 322 -31.02 17.70 -15.21
CA GLY B 322 -30.49 18.99 -15.62
C GLY B 322 -30.09 19.88 -14.46
N LYS B 323 -30.79 19.75 -13.32
CA LYS B 323 -30.51 20.61 -12.18
C LYS B 323 -29.15 20.28 -11.56
N PHE B 324 -28.83 19.00 -11.44
CA PHE B 324 -27.57 18.61 -10.82
C PHE B 324 -26.37 18.97 -11.68
N ILE B 325 -26.52 18.92 -13.01
CA ILE B 325 -25.41 19.21 -13.89
C ILE B 325 -25.10 20.71 -13.91
N VAL B 326 -26.14 21.54 -13.92
CA VAL B 326 -25.93 22.99 -13.91
C VAL B 326 -25.30 23.44 -12.60
N LYS B 327 -25.68 22.80 -11.49
CA LYS B 327 -25.08 23.12 -10.20
C LYS B 327 -23.57 22.86 -10.21
N VAL B 328 -23.16 21.76 -10.85
CA VAL B 328 -21.73 21.47 -10.96
C VAL B 328 -21.02 22.58 -11.72
N VAL B 329 -21.61 23.02 -12.84
CA VAL B 329 -21.04 24.13 -13.59
C VAL B 329 -21.06 25.40 -12.75
N GLU B 330 -22.16 25.65 -12.04
CA GLU B 330 -22.27 26.85 -11.22
C GLU B 330 -21.22 26.87 -10.12
N SER B 331 -20.93 25.72 -9.52
CA SER B 331 -19.90 25.65 -8.50
C SER B 331 -18.51 25.84 -9.09
N LEU B 332 -18.31 25.45 -10.35
CA LEU B 332 -17.02 25.66 -11.00
C LEU B 332 -16.78 27.12 -11.36
N ILE B 333 -17.85 27.91 -11.51
CA ILE B 333 -17.71 29.30 -11.91
C ILE B 333 -17.45 30.20 -10.71
N HIS B 334 -18.17 29.99 -9.61
CA HIS B 334 -18.10 30.86 -8.44
C HIS B 334 -17.38 30.22 -7.26
N ASP B 335 -16.79 29.04 -7.43
CA ASP B 335 -16.06 28.36 -6.37
C ASP B 335 -16.93 28.16 -5.13
N GLU B 336 -18.15 27.67 -5.35
CA GLU B 336 -19.13 27.56 -4.29
C GLU B 336 -18.89 26.39 -3.36
N ARG B 337 -17.94 25.51 -3.67
CA ARG B 337 -17.59 24.37 -2.83
C ARG B 337 -18.81 23.46 -2.61
N SER B 338 -19.51 23.16 -3.70
CA SER B 338 -20.66 22.28 -3.64
C SER B 338 -20.23 20.83 -3.49
N ARG B 339 -20.88 20.12 -2.57
CA ARG B 339 -20.56 18.73 -2.27
C ARG B 339 -21.41 17.81 -3.15
N GLN B 340 -20.79 17.18 -4.14
CA GLN B 340 -21.48 16.31 -5.07
C GLN B 340 -20.77 14.97 -5.14
N LEU B 341 -21.53 13.93 -5.48
CA LEU B 341 -21.00 12.58 -5.64
C LEU B 341 -20.45 12.45 -7.06
N VAL B 342 -19.16 12.75 -7.21
CA VAL B 342 -18.53 12.76 -8.52
C VAL B 342 -17.53 11.62 -8.64
N ILE B 343 -16.94 11.46 -9.82
CA ILE B 343 -16.01 10.38 -10.11
C ILE B 343 -14.62 10.98 -10.23
N VAL B 344 -13.70 10.51 -9.39
CA VAL B 344 -12.34 11.04 -9.36
C VAL B 344 -11.37 9.87 -9.31
N PRO B 345 -10.13 10.08 -9.72
CA PRO B 345 -9.10 9.06 -9.49
C PRO B 345 -8.90 8.84 -8.00
N ASN B 346 -8.77 7.56 -7.62
CA ASN B 346 -8.65 7.18 -6.21
C ASN B 346 -7.41 7.81 -5.59
N ASN B 347 -6.24 7.22 -5.85
CA ASN B 347 -4.97 7.74 -5.36
C ASN B 347 -4.97 7.87 -3.84
N GLY B 348 -5.58 6.89 -3.17
CA GLY B 348 -5.61 6.85 -1.72
C GLY B 348 -6.90 7.32 -1.07
N ALA B 349 -7.86 7.79 -1.86
CA ALA B 349 -9.15 8.19 -1.29
C ALA B 349 -9.83 7.01 -0.60
N ILE B 350 -9.89 5.88 -1.29
CA ILE B 350 -10.25 4.60 -0.69
C ILE B 350 -8.98 3.77 -0.60
N GLU B 351 -8.52 3.51 0.61
CA GLU B 351 -7.17 2.98 0.82
C GLU B 351 -7.02 1.58 0.22
N ASN B 352 -8.01 0.72 0.40
CA ASN B 352 -7.84 -0.67 -0.02
C ASN B 352 -8.31 -0.84 -1.45
N LEU B 353 -8.09 0.19 -2.25
CA LEU B 353 -8.36 0.15 -3.67
C LEU B 353 -7.14 0.68 -4.42
N SER B 354 -7.06 0.34 -5.70
CA SER B 354 -5.94 0.74 -6.52
C SER B 354 -5.97 2.24 -6.79
N ASP B 355 -4.82 2.76 -7.26
CA ASP B 355 -4.71 4.20 -7.50
C ASP B 355 -5.42 4.60 -8.79
N ASP B 356 -5.26 3.82 -9.86
CA ASP B 356 -5.89 4.13 -11.14
C ASP B 356 -7.40 3.86 -11.14
N ALA B 357 -7.95 3.37 -10.04
CA ALA B 357 -9.39 3.16 -9.95
C ALA B 357 -10.11 4.50 -9.86
N THR B 358 -11.16 4.66 -10.66
CA THR B 358 -11.95 5.89 -10.68
C THR B 358 -13.18 5.66 -9.82
N VAL B 359 -13.08 6.04 -8.55
CA VAL B 359 -14.15 5.84 -7.58
C VAL B 359 -15.13 7.00 -7.65
N GLU B 360 -16.37 6.72 -7.28
CA GLU B 360 -17.45 7.71 -7.25
C GLU B 360 -17.70 8.04 -5.79
N ILE B 361 -17.12 9.15 -5.32
CA ILE B 361 -17.12 9.50 -3.91
C ILE B 361 -17.50 10.98 -3.77
N PRO B 362 -17.95 11.39 -2.58
CA PRO B 362 -18.27 12.81 -2.39
C PRO B 362 -17.03 13.69 -2.49
N GLY B 363 -17.20 14.86 -3.11
CA GLY B 363 -16.13 15.82 -3.24
C GLY B 363 -16.69 17.22 -3.29
N TYR B 364 -15.89 18.17 -2.85
CA TYR B 364 -16.28 19.58 -2.86
C TYR B 364 -15.81 20.23 -4.15
N VAL B 365 -16.76 20.66 -4.98
CA VAL B 365 -16.47 21.19 -6.31
C VAL B 365 -15.91 22.60 -6.17
N THR B 366 -14.62 22.75 -6.40
CA THR B 366 -13.96 24.05 -6.39
C THR B 366 -13.81 24.57 -7.83
N ASP B 367 -13.40 25.83 -7.95
CA ASP B 367 -13.13 26.38 -9.27
C ASP B 367 -11.90 25.77 -9.92
N ARG B 368 -11.08 25.04 -9.16
CA ARG B 368 -9.91 24.36 -9.69
C ARG B 368 -10.15 22.88 -9.93
N GLY B 369 -11.30 22.34 -9.52
CA GLY B 369 -11.62 20.95 -9.70
C GLY B 369 -12.30 20.41 -8.46
N VAL B 370 -12.30 19.08 -8.35
CA VAL B 370 -12.95 18.40 -7.23
C VAL B 370 -11.91 18.14 -6.14
N GLU B 371 -12.27 18.45 -4.89
CA GLU B 371 -11.48 18.06 -3.73
C GLU B 371 -12.14 16.86 -3.08
N PRO B 372 -11.73 15.64 -3.42
CA PRO B 372 -12.42 14.46 -2.90
C PRO B 372 -12.09 14.22 -1.43
N VAL B 373 -13.12 13.88 -0.67
CA VAL B 373 -12.97 13.57 0.74
C VAL B 373 -12.36 12.19 0.89
N ARG B 374 -11.37 12.07 1.79
CA ARG B 374 -10.76 10.78 2.08
C ARG B 374 -11.78 9.89 2.78
N VAL B 375 -12.12 8.77 2.16
CA VAL B 375 -13.12 7.85 2.69
C VAL B 375 -12.52 6.89 3.70
N GLY B 376 -11.40 6.26 3.35
CA GLY B 376 -10.77 5.28 4.19
C GLY B 376 -10.92 3.87 3.65
N SER B 377 -10.80 2.90 4.56
CA SER B 377 -10.93 1.50 4.19
C SER B 377 -12.40 1.09 4.10
N ILE B 378 -12.70 0.21 3.16
CA ILE B 378 -14.05 -0.30 2.97
C ILE B 378 -14.07 -1.77 3.34
N PRO B 379 -15.23 -2.34 3.70
CA PRO B 379 -15.27 -3.75 4.09
C PRO B 379 -14.85 -4.69 2.96
N ARG B 380 -14.73 -5.97 3.31
CA ARG B 380 -14.19 -6.96 2.39
C ARG B 380 -15.18 -7.28 1.27
N PHE B 381 -16.47 -7.44 1.60
CA PHE B 381 -17.46 -7.80 0.60
C PHE B 381 -17.56 -6.74 -0.51
N TYR B 382 -17.32 -5.48 -0.16
CA TYR B 382 -17.40 -4.41 -1.15
C TYR B 382 -16.08 -4.19 -1.88
N LYS B 383 -14.97 -4.51 -1.24
CA LYS B 383 -13.68 -4.49 -1.93
C LYS B 383 -13.64 -5.56 -3.02
N GLY B 384 -14.10 -6.77 -2.70
CA GLY B 384 -14.04 -7.85 -3.67
C GLY B 384 -14.89 -7.59 -4.90
N LEU B 385 -16.06 -6.99 -4.71
CA LEU B 385 -16.91 -6.65 -5.85
C LEU B 385 -16.29 -5.55 -6.70
N ILE B 386 -15.74 -4.52 -6.06
CA ILE B 386 -15.14 -3.42 -6.80
C ILE B 386 -13.84 -3.87 -7.48
N GLU B 387 -13.07 -4.73 -6.81
CA GLU B 387 -11.84 -5.23 -7.42
C GLU B 387 -12.13 -6.01 -8.70
N GLN B 388 -13.30 -6.64 -8.79
CA GLN B 388 -13.64 -7.37 -10.01
C GLN B 388 -14.01 -6.42 -11.14
N GLN B 389 -14.86 -5.43 -10.85
CA GLN B 389 -15.27 -4.48 -11.89
C GLN B 389 -14.11 -3.56 -12.27
N ASP B 390 -13.29 -3.15 -11.29
CA ASP B 390 -12.16 -2.29 -11.61
C ASP B 390 -11.16 -3.00 -12.52
N ALA B 391 -10.93 -4.29 -12.27
CA ALA B 391 -10.09 -5.06 -13.19
C ALA B 391 -10.80 -5.25 -14.53
N CYS B 392 -12.12 -5.43 -14.50
CA CYS B 392 -12.88 -5.57 -15.73
C CYS B 392 -12.80 -4.29 -16.57
N GLU B 393 -13.01 -3.14 -15.95
CA GLU B 393 -12.90 -1.88 -16.66
C GLU B 393 -11.46 -1.59 -17.05
N GLY B 394 -10.50 -1.97 -16.20
CA GLY B 394 -9.11 -1.75 -16.51
C GLY B 394 -8.63 -2.56 -17.70
N LEU B 395 -9.00 -3.84 -17.76
CA LEU B 395 -8.65 -4.67 -18.90
C LEU B 395 -9.33 -4.19 -20.17
N LEU B 396 -10.50 -3.57 -20.05
CA LEU B 396 -11.19 -3.06 -21.24
C LEU B 396 -10.48 -1.81 -21.78
N VAL B 397 -10.01 -0.94 -20.89
CA VAL B 397 -9.27 0.24 -21.33
C VAL B 397 -7.95 -0.18 -21.98
N GLU B 398 -7.23 -1.09 -21.34
CA GLU B 398 -5.97 -1.58 -21.90
C GLU B 398 -6.18 -2.25 -23.25
N ALA B 399 -7.36 -2.84 -23.47
CA ALA B 399 -7.66 -3.42 -24.77
C ALA B 399 -7.78 -2.35 -25.85
N ALA B 400 -8.23 -1.15 -25.48
CA ALA B 400 -8.31 -0.05 -26.44
C ALA B 400 -6.97 0.61 -26.66
N ILE B 401 -6.12 0.66 -25.63
CA ILE B 401 -4.81 1.30 -25.77
C ILE B 401 -3.89 0.43 -26.62
N GLU B 402 -3.86 -0.87 -26.33
CA GLU B 402 -2.94 -1.81 -26.96
C GLU B 402 -3.52 -2.48 -28.20
N HIS B 403 -4.80 -2.25 -28.51
CA HIS B 403 -5.46 -2.90 -29.63
C HIS B 403 -5.33 -4.41 -29.55
N SER B 404 -5.66 -4.95 -28.38
CA SER B 404 -5.47 -6.36 -28.08
C SER B 404 -6.81 -7.07 -28.00
N TYR B 405 -6.91 -8.20 -28.70
CA TYR B 405 -8.12 -9.02 -28.63
C TYR B 405 -8.19 -9.77 -27.31
N GLU B 406 -7.05 -10.23 -26.80
CA GLU B 406 -7.04 -11.03 -25.57
C GLU B 406 -7.37 -10.17 -24.36
N LYS B 407 -6.91 -8.92 -24.35
CA LYS B 407 -7.23 -8.03 -23.24
C LYS B 407 -8.72 -7.78 -23.13
N ALA B 408 -9.39 -7.57 -24.27
CA ALA B 408 -10.84 -7.42 -24.25
C ALA B 408 -11.53 -8.71 -23.85
N LEU B 409 -10.99 -9.85 -24.30
CA LEU B 409 -11.55 -11.13 -23.91
C LEU B 409 -11.42 -11.36 -22.41
N MSE B 410 -10.29 -10.95 -21.84
CA MSE B 410 -10.09 -11.03 -20.39
C MSE B 410 -11.07 -10.15 -19.66
O MSE B 410 -11.58 -10.51 -18.59
CB MSE B 410 -8.65 -10.62 -20.03
CG MSE B 410 -7.59 -11.65 -20.37
SE MSE B 410 -5.79 -10.99 -20.06
CE MSE B 410 -4.83 -12.68 -20.21
N ALA B 411 -11.37 -8.98 -20.24
CA ALA B 411 -12.30 -8.06 -19.62
C ALA B 411 -13.73 -8.59 -19.68
N PHE B 412 -14.10 -9.26 -20.78
CA PHE B 412 -15.42 -9.85 -20.88
C PHE B 412 -15.59 -11.02 -19.92
N THR B 413 -14.53 -11.82 -19.74
CA THR B 413 -14.61 -12.94 -18.81
C THR B 413 -14.71 -12.48 -17.36
N MSE B 414 -14.15 -11.30 -17.06
CA MSE B 414 -14.12 -10.79 -15.70
C MSE B 414 -15.49 -10.34 -15.20
O MSE B 414 -15.77 -10.37 -14.01
CB MSE B 414 -13.13 -9.63 -15.59
CG MSE B 414 -12.91 -9.10 -14.19
SE MSE B 414 -11.96 -10.36 -13.05
CE MSE B 414 -10.26 -10.41 -14.03
N ASN B 415 -16.34 -9.92 -16.12
CA ASN B 415 -17.63 -9.34 -15.76
C ASN B 415 -18.53 -10.37 -15.09
N ARG B 416 -19.29 -9.91 -14.09
CA ARG B 416 -20.21 -10.79 -13.38
C ARG B 416 -21.38 -11.21 -14.25
N THR B 417 -21.73 -10.43 -15.26
CA THR B 417 -22.83 -10.80 -16.15
C THR B 417 -22.48 -12.03 -16.98
N ILE B 418 -21.29 -12.02 -17.59
CA ILE B 418 -20.83 -13.14 -18.40
C ILE B 418 -20.53 -14.32 -17.49
N PRO B 419 -21.19 -15.46 -17.68
CA PRO B 419 -21.05 -16.57 -16.72
C PRO B 419 -19.86 -17.47 -16.98
N SER B 420 -19.35 -17.49 -18.22
CA SER B 420 -18.30 -18.43 -18.58
C SER B 420 -17.31 -17.77 -19.52
N SER B 421 -16.08 -18.29 -19.53
CA SER B 421 -15.08 -17.84 -20.49
C SER B 421 -15.50 -18.13 -21.92
N LEU B 422 -16.25 -19.21 -22.13
CA LEU B 422 -16.73 -19.53 -23.47
C LEU B 422 -17.81 -18.55 -23.93
N VAL B 423 -18.65 -18.09 -23.00
CA VAL B 423 -19.67 -17.11 -23.36
C VAL B 423 -19.03 -15.77 -23.67
N ALA B 424 -17.95 -15.43 -22.97
CA ALA B 424 -17.27 -14.16 -23.20
C ALA B 424 -16.70 -14.09 -24.61
N LYS B 425 -16.16 -15.20 -25.11
CA LYS B 425 -15.59 -15.21 -26.45
C LYS B 425 -16.66 -15.11 -27.52
N LYS B 426 -17.80 -15.77 -27.30
CA LYS B 426 -18.89 -15.71 -28.27
C LYS B 426 -19.58 -14.35 -28.23
N LEU B 427 -19.68 -13.73 -27.05
CA LEU B 427 -20.23 -12.39 -26.96
C LEU B 427 -19.28 -11.36 -27.57
N LEU B 428 -17.97 -11.56 -27.39
CA LEU B 428 -16.99 -10.60 -27.91
C LEU B 428 -16.95 -10.63 -29.43
N ASP B 429 -16.98 -11.82 -30.02
CA ASP B 429 -16.89 -11.93 -31.47
C ASP B 429 -18.11 -11.34 -32.17
N ASP B 430 -19.27 -11.34 -31.49
CA ASP B 430 -20.46 -10.73 -32.07
C ASP B 430 -20.40 -9.20 -32.00
N MSE B 431 -19.79 -8.66 -30.96
CA MSE B 431 -19.67 -7.21 -30.81
C MSE B 431 -18.70 -6.63 -31.83
O MSE B 431 -18.92 -5.54 -32.36
CB MSE B 431 -19.23 -6.85 -29.39
CG MSE B 431 -20.21 -7.26 -28.31
SE MSE B 431 -22.00 -6.52 -28.60
CE MSE B 431 -22.80 -7.01 -26.89
N ILE B 432 -17.63 -7.36 -32.11
CA ILE B 432 -16.66 -6.92 -33.10
C ILE B 432 -17.31 -6.82 -34.47
N GLU B 433 -18.23 -7.73 -34.78
CA GLU B 433 -18.92 -7.69 -36.06
C GLU B 433 -19.91 -6.53 -36.12
N ALA B 434 -20.57 -6.23 -35.00
CA ALA B 434 -21.58 -5.18 -34.95
C ALA B 434 -21.01 -3.80 -34.68
N ASN B 435 -19.70 -3.69 -34.43
CA ASN B 435 -19.07 -2.41 -34.12
C ASN B 435 -17.95 -2.09 -35.11
N LYS B 436 -18.05 -2.60 -36.33
CA LYS B 436 -17.06 -2.29 -37.36
C LYS B 436 -17.17 -0.81 -37.73
N GLY B 437 -16.06 -0.07 -37.55
CA GLY B 437 -16.05 1.36 -37.72
C GLY B 437 -16.20 2.13 -36.42
N TYR B 438 -16.68 1.48 -35.36
CA TYR B 438 -16.79 2.09 -34.04
C TYR B 438 -15.65 1.67 -33.12
N TRP B 439 -15.48 0.36 -32.93
CA TRP B 439 -14.47 -0.15 -32.02
C TRP B 439 -13.07 0.05 -32.60
N PRO B 440 -12.05 0.14 -31.76
CA PRO B 440 -10.68 0.01 -32.24
C PRO B 440 -10.41 -1.42 -32.69
N GLU B 441 -9.56 -1.54 -33.70
CA GLU B 441 -9.27 -2.85 -34.27
C GLU B 441 -8.46 -3.70 -33.29
N LEU B 442 -8.95 -4.90 -33.01
CA LEU B 442 -8.33 -5.80 -32.05
C LEU B 442 -7.53 -6.88 -32.79
N LYS B 443 -6.35 -7.20 -32.25
CA LYS B 443 -5.47 -8.17 -32.87
C LYS B 443 -5.08 -9.28 -31.88
N LYS C 3 17.77 -37.61 15.45
CA LYS C 3 17.03 -38.00 16.65
C LYS C 3 15.80 -38.83 16.29
N GLU C 4 15.33 -39.62 17.25
CA GLU C 4 14.13 -40.40 17.05
C GLU C 4 12.90 -39.50 17.00
N LEU C 5 11.99 -39.80 16.07
CA LEU C 5 10.85 -38.95 15.79
C LEU C 5 9.55 -39.75 15.92
N LYS C 6 8.57 -39.16 16.59
CA LYS C 6 7.23 -39.72 16.69
C LYS C 6 6.39 -39.15 15.55
N ILE C 7 6.00 -40.00 14.61
CA ILE C 7 5.25 -39.58 13.43
C ILE C 7 3.78 -39.93 13.65
N VAL C 8 2.92 -38.94 13.43
CA VAL C 8 1.47 -39.10 13.64
C VAL C 8 0.75 -38.78 12.35
N ILE C 9 -0.11 -39.68 11.92
CA ILE C 9 -0.95 -39.49 10.74
C ILE C 9 -2.35 -39.12 11.22
N CYS C 10 -2.70 -37.85 11.10
CA CYS C 10 -4.01 -37.36 11.54
C CYS C 10 -5.04 -37.79 10.49
N GLY C 11 -5.81 -38.82 10.81
CA GLY C 11 -6.76 -39.39 9.87
C GLY C 11 -6.27 -40.71 9.30
N GLY C 12 -6.07 -41.69 10.18
CA GLY C 12 -5.54 -42.97 9.75
C GLY C 12 -6.49 -43.75 8.86
N GLY C 13 -7.79 -43.56 9.02
CA GLY C 13 -8.77 -44.22 8.18
C GLY C 13 -8.84 -43.71 6.76
N SER C 14 -7.97 -42.78 6.38
CA SER C 14 -7.96 -42.23 5.03
C SER C 14 -7.53 -43.29 4.02
N THR C 15 -7.96 -43.11 2.77
CA THR C 15 -7.59 -44.02 1.71
C THR C 15 -6.14 -43.85 1.28
N TYR C 16 -5.52 -42.71 1.59
CA TYR C 16 -4.13 -42.45 1.25
C TYR C 16 -3.16 -42.90 2.34
N THR C 17 -3.66 -43.44 3.44
CA THR C 17 -2.78 -43.85 4.53
C THR C 17 -1.76 -44.92 4.10
N PRO C 18 -2.14 -45.99 3.38
CA PRO C 18 -1.12 -46.94 2.94
C PRO C 18 -0.11 -46.34 1.98
N GLY C 19 -0.52 -45.38 1.15
CA GLY C 19 0.40 -44.80 0.20
C GLY C 19 1.46 -43.94 0.86
N ILE C 20 1.04 -43.05 1.77
CA ILE C 20 2.00 -42.17 2.43
C ILE C 20 2.88 -42.93 3.41
N VAL C 21 2.42 -44.07 3.94
CA VAL C 21 3.27 -44.89 4.80
C VAL C 21 4.38 -45.52 3.96
N LYS C 22 4.03 -46.03 2.77
CA LYS C 22 5.04 -46.57 1.86
C LYS C 22 6.07 -45.50 1.50
N ASP C 23 5.61 -44.31 1.10
CA ASP C 23 6.51 -43.24 0.74
C ASP C 23 7.24 -42.68 1.96
N LEU C 24 6.74 -42.92 3.17
CA LEU C 24 7.47 -42.50 4.37
C LEU C 24 8.55 -43.52 4.73
N LEU C 25 8.27 -44.82 4.52
CA LEU C 25 9.25 -45.85 4.82
C LEU C 25 10.37 -45.90 3.79
N ASP C 26 10.15 -45.34 2.58
CA ASP C 26 11.23 -45.29 1.60
C ASP C 26 12.35 -44.35 2.02
N GLN C 27 12.06 -43.39 2.90
CA GLN C 27 13.06 -42.46 3.42
C GLN C 27 13.38 -42.78 4.89
N ARG C 28 13.39 -44.07 5.24
CA ARG C 28 13.69 -44.47 6.61
C ARG C 28 15.11 -44.13 7.03
N GLN C 29 16.04 -44.02 6.06
CA GLN C 29 17.40 -43.61 6.40
C GLN C 29 17.50 -42.11 6.62
N LYS C 30 16.59 -41.34 6.01
CA LYS C 30 16.58 -39.89 6.18
C LYS C 30 15.54 -39.41 7.19
N ILE C 31 14.65 -40.30 7.64
CA ILE C 31 13.64 -39.98 8.64
C ILE C 31 13.72 -41.06 9.70
N ASN C 32 14.33 -40.73 10.85
CA ASN C 32 14.49 -41.69 11.94
C ASN C 32 13.15 -41.87 12.63
N ILE C 33 12.43 -42.92 12.28
CA ILE C 33 11.07 -43.15 12.75
C ILE C 33 11.14 -43.92 14.07
N LYS C 34 10.77 -43.24 15.16
CA LYS C 34 10.70 -43.90 16.46
C LYS C 34 9.41 -44.72 16.57
N GLU C 35 8.27 -44.08 16.35
CA GLU C 35 6.98 -44.74 16.33
C GLU C 35 6.12 -44.12 15.23
N LEU C 36 5.25 -44.94 14.65
CA LEU C 36 4.27 -44.48 13.66
C LEU C 36 2.89 -44.55 14.29
N TRP C 37 2.22 -43.41 14.39
CA TRP C 37 0.94 -43.30 15.08
C TRP C 37 -0.16 -42.99 14.09
N LEU C 38 -1.25 -43.76 14.16
CA LEU C 38 -2.43 -43.56 13.34
C LEU C 38 -3.56 -43.09 14.23
N TYR C 39 -3.92 -41.81 14.12
CA TYR C 39 -4.98 -41.21 14.92
C TYR C 39 -6.17 -40.88 14.03
N ASP C 40 -7.38 -41.02 14.59
CA ASP C 40 -8.61 -40.75 13.88
C ASP C 40 -9.73 -40.70 14.91
N ILE C 41 -10.88 -40.17 14.49
CA ILE C 41 -12.06 -40.19 15.35
C ILE C 41 -12.92 -41.43 15.07
N ASP C 42 -12.85 -41.98 13.87
CA ASP C 42 -13.59 -43.18 13.50
C ASP C 42 -12.75 -44.39 13.88
N GLU C 43 -13.16 -45.09 14.94
CA GLU C 43 -12.38 -46.21 15.43
C GLU C 43 -12.50 -47.43 14.53
N GLU C 44 -13.72 -47.72 14.06
CA GLU C 44 -13.94 -48.90 13.23
C GLU C 44 -13.29 -48.75 11.86
N ARG C 45 -13.32 -47.53 11.30
CA ARG C 45 -12.76 -47.33 9.97
C ARG C 45 -11.23 -47.39 9.99
N GLN C 46 -10.60 -46.81 11.01
CA GLN C 46 -9.15 -46.73 11.04
C GLN C 46 -8.52 -48.10 11.22
N ASN C 47 -9.07 -48.93 12.11
CA ASN C 47 -8.50 -50.24 12.36
C ASN C 47 -8.52 -51.10 11.10
N LYS C 48 -9.56 -50.97 10.27
CA LYS C 48 -9.60 -51.68 9.01
C LYS C 48 -8.50 -51.19 8.07
N VAL C 49 -8.33 -49.86 7.97
CA VAL C 49 -7.23 -49.32 7.19
C VAL C 49 -5.90 -49.64 7.85
N ALA C 50 -5.88 -49.75 9.19
CA ALA C 50 -4.64 -50.09 9.88
C ALA C 50 -4.15 -51.47 9.50
N LEU C 51 -5.06 -52.38 9.11
CA LEU C 51 -4.64 -53.70 8.65
C LEU C 51 -3.71 -53.60 7.46
N ILE C 52 -4.07 -52.77 6.48
CA ILE C 52 -3.21 -52.58 5.31
C ILE C 52 -1.88 -51.97 5.73
N VAL C 53 -1.92 -51.02 6.68
CA VAL C 53 -0.69 -50.41 7.16
C VAL C 53 0.20 -51.44 7.85
N LYS C 54 -0.40 -52.44 8.49
CA LYS C 54 0.40 -53.47 9.15
C LYS C 54 1.17 -54.31 8.13
N GLU C 55 0.53 -54.64 7.00
CA GLU C 55 1.20 -55.43 5.98
C GLU C 55 2.09 -54.59 5.08
N VAL C 56 1.86 -53.27 5.00
CA VAL C 56 2.79 -52.40 4.29
C VAL C 56 4.11 -52.33 5.02
N ILE C 57 4.07 -52.12 6.34
CA ILE C 57 5.29 -52.09 7.14
C ILE C 57 5.95 -53.47 7.16
N LYS C 58 5.17 -54.53 7.07
CA LYS C 58 5.73 -55.88 7.08
C LYS C 58 6.59 -56.13 5.84
N THR C 59 6.13 -55.66 4.68
CA THR C 59 6.86 -55.90 3.44
C THR C 59 8.00 -54.90 3.21
N GLU C 60 7.94 -53.73 3.86
CA GLU C 60 8.94 -52.69 3.63
C GLU C 60 9.98 -52.62 4.73
N ALA C 61 9.57 -52.32 5.96
CA ALA C 61 10.50 -52.15 7.08
C ALA C 61 9.83 -52.63 8.35
N PRO C 62 9.88 -53.94 8.61
CA PRO C 62 9.10 -54.51 9.73
C PRO C 62 9.63 -54.13 11.11
N GLU C 63 10.61 -53.25 11.18
CA GLU C 63 11.15 -52.80 12.46
C GLU C 63 10.49 -51.52 12.97
N VAL C 64 9.51 -50.99 12.26
CA VAL C 64 8.82 -49.76 12.65
C VAL C 64 7.68 -50.12 13.59
N VAL C 65 7.60 -49.42 14.71
CA VAL C 65 6.56 -49.69 15.71
C VAL C 65 5.29 -48.96 15.30
N LEU C 66 4.19 -49.69 15.18
CA LEU C 66 2.91 -49.14 14.78
C LEU C 66 1.97 -49.04 15.96
N LYS C 67 1.29 -47.89 16.07
CA LYS C 67 0.34 -47.65 17.14
C LYS C 67 -0.92 -47.02 16.57
N VAL C 68 -2.07 -47.54 16.95
CA VAL C 68 -3.36 -46.99 16.56
C VAL C 68 -4.11 -46.56 17.81
N THR C 69 -4.91 -45.50 17.68
CA THR C 69 -5.65 -44.95 18.80
C THR C 69 -6.69 -43.97 18.26
N VAL C 70 -7.59 -43.56 19.15
CA VAL C 70 -8.59 -42.55 18.85
C VAL C 70 -8.56 -41.49 19.95
N ASN C 71 -7.54 -41.56 20.80
CA ASN C 71 -7.38 -40.62 21.90
C ASN C 71 -6.42 -39.52 21.48
N PRO C 72 -6.84 -38.25 21.47
CA PRO C 72 -5.91 -37.19 21.06
C PRO C 72 -4.75 -37.01 22.01
N LYS C 73 -4.92 -37.28 23.30
CA LYS C 73 -3.82 -37.12 24.24
C LYS C 73 -2.75 -38.19 24.02
N GLU C 74 -3.16 -39.41 23.68
CA GLU C 74 -2.19 -40.45 23.37
C GLU C 74 -1.44 -40.15 22.09
N ALA C 75 -2.15 -39.70 21.06
CA ALA C 75 -1.54 -39.61 19.73
C ALA C 75 -0.66 -38.38 19.61
N PHE C 76 -1.03 -37.28 20.27
CA PHE C 76 -0.35 -36.00 20.06
C PHE C 76 0.64 -35.66 21.16
N THR C 77 0.69 -36.40 22.26
CA THR C 77 1.69 -36.13 23.29
C THR C 77 3.08 -36.47 22.77
N ASP C 78 4.00 -35.51 22.90
CA ASP C 78 5.38 -35.64 22.43
C ASP C 78 5.45 -35.88 20.93
N ALA C 79 4.43 -35.46 20.18
CA ALA C 79 4.42 -35.66 18.74
C ALA C 79 5.39 -34.69 18.06
N ASP C 80 6.26 -35.22 17.21
CA ASP C 80 7.26 -34.41 16.54
C ASP C 80 6.78 -33.89 15.18
N TYR C 81 6.12 -34.74 14.40
CA TYR C 81 5.59 -34.34 13.10
C TYR C 81 4.23 -34.97 12.91
N ILE C 82 3.24 -34.15 12.55
CA ILE C 82 1.87 -34.59 12.35
C ILE C 82 1.48 -34.28 10.91
N MSE C 83 1.03 -35.30 10.18
CA MSE C 83 0.55 -35.11 8.81
C MSE C 83 -0.98 -35.07 8.78
O MSE C 83 -1.64 -36.11 8.96
CB MSE C 83 1.08 -36.21 7.90
CG MSE C 83 2.50 -35.96 7.41
SE MSE C 83 3.23 -37.43 6.36
CE MSE C 83 3.48 -38.73 7.78
N ALA C 84 -1.53 -33.89 8.54
CA ALA C 84 -2.97 -33.71 8.52
C ALA C 84 -3.57 -34.35 7.28
N GLN C 85 -4.64 -35.12 7.46
CA GLN C 85 -5.23 -35.86 6.35
C GLN C 85 -6.74 -36.04 6.51
N MSE C 86 -7.39 -35.22 7.34
CA MSE C 86 -8.79 -35.44 7.68
C MSE C 86 -9.75 -35.03 6.58
O MSE C 86 -9.44 -34.18 5.74
CB MSE C 86 -9.13 -34.68 8.97
CG MSE C 86 -9.12 -33.16 8.80
SE MSE C 86 -9.51 -32.21 10.45
CE MSE C 86 -8.00 -32.82 11.53
N ARG C 87 -10.94 -35.65 6.59
CA ARG C 87 -12.07 -35.26 5.74
C ARG C 87 -13.31 -35.38 6.64
N VAL C 88 -13.56 -34.32 7.43
CA VAL C 88 -14.68 -34.33 8.35
C VAL C 88 -15.98 -34.43 7.56
N GLY C 89 -16.98 -35.06 8.18
CA GLY C 89 -18.20 -35.43 7.48
C GLY C 89 -18.11 -36.71 6.69
N GLY C 90 -16.92 -37.12 6.27
CA GLY C 90 -16.74 -38.36 5.55
C GLY C 90 -16.85 -38.18 4.05
N LEU C 91 -16.67 -39.30 3.36
CA LEU C 91 -16.71 -39.32 1.90
C LEU C 91 -18.13 -39.32 1.36
N LYS C 92 -19.15 -39.30 2.23
CA LYS C 92 -20.53 -39.23 1.78
C LYS C 92 -21.18 -37.87 2.02
N MSE C 93 -20.63 -37.05 2.91
CA MSE C 93 -21.04 -35.66 3.00
C MSE C 93 -20.49 -34.91 1.80
O MSE C 93 -21.04 -33.90 1.36
CB MSE C 93 -20.56 -35.01 4.30
CG MSE C 93 -21.39 -35.38 5.52
SE MSE C 93 -23.18 -34.59 5.47
CE MSE C 93 -22.68 -32.71 5.55
N ARG C 94 -19.39 -35.44 1.25
CA ARG C 94 -18.85 -34.92 0.00
C ARG C 94 -19.83 -35.13 -1.15
N VAL C 95 -20.52 -36.28 -1.15
CA VAL C 95 -21.50 -36.55 -2.21
C VAL C 95 -22.64 -35.54 -2.15
N LYS C 96 -23.16 -35.29 -0.94
CA LYS C 96 -24.25 -34.33 -0.78
C LYS C 96 -23.83 -32.91 -1.10
N ASP C 97 -22.54 -32.58 -0.97
CA ASP C 97 -22.07 -31.29 -1.46
C ASP C 97 -22.19 -31.22 -2.98
N GLU C 98 -21.77 -32.28 -3.67
CA GLU C 98 -21.84 -32.29 -5.11
C GLU C 98 -23.25 -32.58 -5.63
N GLN C 99 -24.14 -33.07 -4.76
CA GLN C 99 -25.53 -33.28 -5.16
C GLN C 99 -26.34 -31.99 -5.05
N ILE C 100 -26.14 -31.23 -3.98
CA ILE C 100 -26.91 -30.00 -3.79
C ILE C 100 -26.51 -28.96 -4.83
N CYS C 101 -25.22 -28.88 -5.16
CA CYS C 101 -24.77 -27.92 -6.16
C CYS C 101 -25.40 -28.19 -7.52
N LEU C 102 -25.38 -29.44 -7.97
CA LEU C 102 -26.01 -29.79 -9.23
C LEU C 102 -27.53 -29.68 -9.17
N LYS C 103 -28.11 -29.67 -7.96
CA LYS C 103 -29.56 -29.49 -7.85
C LYS C 103 -29.97 -28.07 -8.23
N HIS C 104 -29.05 -27.11 -8.09
CA HIS C 104 -29.29 -25.72 -8.45
C HIS C 104 -28.57 -25.32 -9.73
N GLY C 105 -28.08 -26.29 -10.51
CA GLY C 105 -27.39 -26.00 -11.74
C GLY C 105 -26.00 -25.41 -11.58
N CYS C 106 -25.36 -25.65 -10.44
CA CYS C 106 -24.02 -25.15 -10.18
C CYS C 106 -23.04 -26.30 -10.07
N VAL C 107 -21.75 -25.98 -10.14
CA VAL C 107 -20.72 -27.01 -10.14
C VAL C 107 -20.63 -27.64 -8.76
N GLY C 108 -20.54 -28.98 -8.74
CA GLY C 108 -20.39 -29.71 -7.50
C GLY C 108 -19.01 -30.31 -7.36
N GLN C 109 -18.09 -29.57 -6.76
CA GLN C 109 -16.70 -29.97 -6.66
C GLN C 109 -16.29 -30.09 -5.20
N GLU C 110 -15.25 -30.88 -4.95
CA GLU C 110 -14.75 -31.08 -3.60
C GLU C 110 -14.17 -29.79 -3.03
N THR C 111 -13.47 -29.01 -3.85
CA THR C 111 -12.78 -27.83 -3.39
C THR C 111 -13.24 -26.53 -4.05
N CYS C 112 -13.97 -26.62 -5.17
CA CYS C 112 -14.37 -25.44 -5.91
C CYS C 112 -15.89 -25.29 -5.89
N GLY C 113 -16.34 -24.04 -5.99
CA GLY C 113 -17.77 -23.75 -5.97
C GLY C 113 -18.35 -23.81 -4.57
N ALA C 114 -19.67 -23.93 -4.53
CA ALA C 114 -20.37 -24.03 -3.24
C ALA C 114 -20.02 -25.33 -2.51
N GLY C 115 -19.64 -26.37 -3.25
CA GLY C 115 -19.27 -27.61 -2.60
C GLY C 115 -17.98 -27.50 -1.82
N GLY C 116 -16.99 -26.80 -2.37
CA GLY C 116 -15.73 -26.61 -1.67
C GLY C 116 -15.84 -25.65 -0.50
N MSE C 117 -16.67 -24.62 -0.63
CA MSE C 117 -16.89 -23.67 0.45
C MSE C 117 -17.60 -24.35 1.61
O MSE C 117 -17.32 -24.07 2.77
CB MSE C 117 -17.71 -22.48 -0.06
CG MSE C 117 -17.03 -21.69 -1.16
SE MSE C 117 -18.13 -20.23 -1.80
CE MSE C 117 -18.51 -19.39 -0.08
N THR C 118 -18.53 -25.24 1.28
CA THR C 118 -19.21 -26.02 2.32
C THR C 118 -18.24 -26.99 2.99
N TYR C 119 -17.41 -27.68 2.19
CA TYR C 119 -16.39 -28.55 2.76
C TYR C 119 -15.42 -27.76 3.64
N GLY C 120 -15.12 -26.52 3.25
CA GLY C 120 -14.22 -25.70 4.06
C GLY C 120 -14.80 -25.36 5.42
N MSE C 121 -16.07 -24.97 5.46
CA MSE C 121 -16.72 -24.60 6.72
C MSE C 121 -16.80 -25.77 7.70
O MSE C 121 -16.87 -25.58 8.91
CB MSE C 121 -18.13 -24.05 6.45
CG MSE C 121 -18.13 -22.74 5.69
SE MSE C 121 -18.65 -21.21 6.80
CE MSE C 121 -18.29 -21.97 8.56
N ARG C 122 -16.78 -26.99 7.15
CA ARG C 122 -16.75 -28.17 8.00
C ARG C 122 -15.39 -28.40 8.63
N THR C 123 -14.31 -28.02 7.94
CA THR C 123 -12.95 -28.36 8.36
C THR C 123 -12.24 -27.25 9.11
N ILE C 124 -12.83 -26.05 9.21
CA ILE C 124 -12.12 -24.93 9.82
C ILE C 124 -11.86 -25.18 11.29
N TYR C 125 -12.91 -25.34 12.09
CA TYR C 125 -12.77 -25.49 13.53
C TYR C 125 -12.15 -26.82 13.93
N PRO C 126 -12.40 -27.93 13.22
CA PRO C 126 -11.59 -29.14 13.48
C PRO C 126 -10.10 -28.91 13.32
N MSE C 127 -9.70 -28.09 12.36
CA MSE C 127 -8.28 -27.78 12.16
C MSE C 127 -7.74 -26.90 13.28
O MSE C 127 -6.59 -27.07 13.70
CB MSE C 127 -8.08 -27.08 10.81
CG MSE C 127 -7.81 -28.04 9.68
SE MSE C 127 -6.14 -29.00 9.97
CE MSE C 127 -6.54 -30.60 8.93
N VAL C 128 -8.56 -25.97 13.77
CA VAL C 128 -8.16 -25.15 14.90
C VAL C 128 -7.97 -26.00 16.14
N GLN C 129 -8.81 -27.03 16.30
CA GLN C 129 -8.65 -27.94 17.44
C GLN C 129 -7.42 -28.81 17.28
N LEU C 130 -7.07 -29.19 16.05
CA LEU C 130 -5.83 -29.94 15.83
C LEU C 130 -4.62 -29.11 16.20
N ILE C 131 -4.65 -27.81 15.90
CA ILE C 131 -3.55 -26.93 16.27
C ILE C 131 -3.44 -26.82 17.78
N ASP C 132 -4.57 -26.56 18.45
CA ASP C 132 -4.55 -26.41 19.90
C ASP C 132 -4.19 -27.72 20.59
N TYR C 133 -4.45 -28.85 19.95
CA TYR C 133 -4.00 -30.13 20.50
C TYR C 133 -2.48 -30.21 20.51
N CYS C 134 -1.83 -29.72 19.46
CA CYS C 134 -0.38 -29.82 19.37
C CYS C 134 0.33 -28.77 20.22
N GLU C 135 -0.20 -27.53 20.24
CA GLU C 135 0.40 -26.49 21.05
C GLU C 135 0.35 -26.84 22.54
N GLU C 136 -0.62 -27.67 22.93
CA GLU C 136 -0.80 -28.08 24.32
C GLU C 136 -0.11 -29.40 24.66
N TYR C 137 -0.09 -30.35 23.72
CA TYR C 137 0.44 -31.68 23.99
C TYR C 137 1.72 -32.01 23.24
N ALA C 138 1.85 -31.59 21.98
CA ALA C 138 2.94 -32.05 21.14
C ALA C 138 4.26 -31.43 21.56
N SER C 139 5.32 -31.82 20.84
CA SER C 139 6.64 -31.27 21.08
C SER C 139 6.64 -29.76 20.85
N LYS C 140 7.52 -29.07 21.58
CA LYS C 140 7.58 -27.62 21.48
C LYS C 140 7.98 -27.14 20.10
N LYS C 141 8.60 -28.00 19.30
CA LYS C 141 8.97 -27.68 17.92
C LYS C 141 8.25 -28.61 16.95
N TYR C 142 6.96 -28.84 17.18
CA TYR C 142 6.18 -29.70 16.31
C TYR C 142 6.00 -29.06 14.94
N TRP C 143 5.57 -29.88 13.98
CA TRP C 143 5.24 -29.41 12.65
C TRP C 143 4.00 -30.14 12.16
N ILE C 144 3.04 -29.40 11.64
CA ILE C 144 1.83 -29.96 11.03
C ILE C 144 1.92 -29.73 9.53
N VAL C 145 2.17 -30.81 8.79
CA VAL C 145 2.19 -30.75 7.33
C VAL C 145 0.77 -31.02 6.86
N ASN C 146 0.01 -29.96 6.68
CA ASN C 146 -1.41 -30.06 6.32
C ASN C 146 -1.55 -30.14 4.81
N TYR C 147 -2.12 -31.24 4.32
CA TYR C 147 -2.43 -31.40 2.91
C TYR C 147 -3.86 -31.88 2.72
N SER C 148 -4.74 -31.51 3.64
CA SER C 148 -6.15 -31.88 3.56
C SER C 148 -6.97 -30.69 3.06
N ASN C 149 -7.86 -30.96 2.12
CA ASN C 149 -8.63 -29.91 1.46
C ASN C 149 -9.87 -29.54 2.29
N PRO C 150 -10.44 -28.35 2.06
CA PRO C 150 -9.98 -27.29 1.15
C PRO C 150 -8.79 -26.53 1.72
N ALA C 151 -7.61 -26.74 1.13
CA ALA C 151 -6.39 -26.13 1.66
C ALA C 151 -6.45 -24.61 1.59
N ALA C 152 -7.16 -24.05 0.61
CA ALA C 152 -7.24 -22.60 0.47
C ALA C 152 -7.98 -21.99 1.64
N ILE C 153 -9.18 -22.49 1.94
CA ILE C 153 -9.99 -21.92 3.01
C ILE C 153 -9.40 -22.28 4.38
N VAL C 154 -8.84 -23.48 4.50
CA VAL C 154 -8.28 -23.91 5.79
C VAL C 154 -7.04 -23.09 6.13
N ALA C 155 -6.14 -22.90 5.17
CA ALA C 155 -4.93 -22.13 5.42
C ALA C 155 -5.25 -20.68 5.77
N LYS C 156 -6.29 -20.13 5.15
CA LYS C 156 -6.68 -18.76 5.46
C LYS C 156 -7.33 -18.68 6.83
N ALA C 157 -8.12 -19.70 7.20
CA ALA C 157 -8.77 -19.69 8.51
C ALA C 157 -7.77 -20.01 9.62
N THR C 158 -6.83 -20.93 9.36
CA THR C 158 -5.88 -21.29 10.39
C THR C 158 -4.85 -20.20 10.64
N TYR C 159 -4.58 -19.37 9.63
CA TYR C 159 -3.63 -18.27 9.85
C TYR C 159 -4.29 -17.09 10.54
N LYS C 160 -5.56 -16.80 10.23
CA LYS C 160 -6.25 -15.71 10.90
C LYS C 160 -6.55 -16.05 12.35
N LEU C 161 -6.82 -17.33 12.65
CA LEU C 161 -7.13 -17.74 14.01
C LEU C 161 -5.89 -18.15 14.79
N ARG C 162 -4.97 -18.90 14.17
CA ARG C 162 -3.74 -19.35 14.82
C ARG C 162 -2.55 -18.88 13.99
N PRO C 163 -2.17 -17.60 14.12
CA PRO C 163 -1.05 -17.10 13.32
C PRO C 163 0.28 -17.72 13.69
N LYS C 164 0.53 -17.93 14.98
CA LYS C 164 1.78 -18.51 15.46
C LYS C 164 1.76 -20.04 15.43
N ALA C 165 0.85 -20.64 14.67
CA ALA C 165 0.80 -22.09 14.58
C ALA C 165 1.93 -22.61 13.69
N ARG C 166 2.57 -23.69 14.15
CA ARG C 166 3.64 -24.33 13.39
C ARG C 166 3.00 -25.29 12.38
N ILE C 167 2.45 -24.71 11.32
CA ILE C 167 1.73 -25.47 10.30
C ILE C 167 2.25 -25.06 8.93
N ILE C 168 2.26 -26.01 8.00
CA ILE C 168 2.65 -25.79 6.61
C ILE C 168 1.60 -26.42 5.73
N ASN C 169 0.90 -25.60 4.94
CA ASN C 169 -0.15 -26.05 4.05
C ASN C 169 0.42 -26.27 2.66
N ILE C 170 0.22 -27.48 2.12
CA ILE C 170 0.75 -27.87 0.83
C ILE C 170 -0.37 -28.44 -0.02
N CYS C 171 -0.04 -28.74 -1.27
CA CYS C 171 -0.99 -29.32 -2.21
C CYS C 171 -0.22 -29.99 -3.34
N ASP C 172 -0.65 -31.20 -3.71
CA ASP C 172 0.03 -31.96 -4.76
C ASP C 172 -0.54 -31.72 -6.14
N MSE C 173 -1.54 -30.84 -6.28
CA MSE C 173 -2.10 -30.53 -7.59
C MSE C 173 -1.08 -29.88 -8.53
O MSE C 173 -0.98 -30.29 -9.70
CB MSE C 173 -3.34 -29.63 -7.44
CG MSE C 173 -4.03 -29.30 -8.76
SE MSE C 173 -5.03 -30.80 -9.49
CE MSE C 173 -3.69 -31.56 -10.69
N PRO C 174 -0.31 -28.89 -8.06
CA PRO C 174 0.79 -28.41 -8.91
C PRO C 174 1.83 -29.48 -9.20
N VAL C 175 2.06 -30.39 -8.26
CA VAL C 175 3.03 -31.46 -8.49
C VAL C 175 2.45 -32.50 -9.43
N GLU C 176 1.14 -32.75 -9.35
CA GLU C 176 0.50 -33.68 -10.29
C GLU C 176 0.56 -33.13 -11.71
N ILE C 177 0.41 -31.81 -11.87
CA ILE C 177 0.59 -31.20 -13.18
C ILE C 177 2.05 -31.29 -13.60
N GLU C 178 2.97 -30.97 -12.70
CA GLU C 178 4.39 -31.09 -12.99
C GLU C 178 4.76 -32.51 -13.40
N ALA C 179 4.07 -33.50 -12.84
CA ALA C 179 4.25 -34.88 -13.30
C ALA C 179 3.81 -35.03 -14.75
N ARG C 180 2.64 -34.47 -15.08
CA ARG C 180 2.14 -34.54 -16.45
C ARG C 180 3.04 -33.78 -17.42
N MSE C 181 3.53 -32.61 -17.00
CA MSE C 181 4.40 -31.80 -17.85
C MSE C 181 5.71 -32.54 -18.14
O MSE C 181 6.25 -32.45 -19.25
CB MSE C 181 4.71 -30.45 -17.19
CG MSE C 181 3.48 -29.62 -16.89
SE MSE C 181 3.95 -27.82 -16.31
CE MSE C 181 5.40 -28.26 -15.08
N ALA C 182 6.21 -33.28 -17.14
CA ALA C 182 7.44 -34.03 -17.32
C ALA C 182 7.26 -35.18 -18.30
N GLU C 183 6.06 -35.78 -18.33
CA GLU C 183 5.81 -36.88 -19.26
C GLU C 183 5.64 -36.39 -20.69
N ILE C 184 5.36 -35.11 -20.90
CA ILE C 184 5.23 -34.57 -22.24
C ILE C 184 6.61 -34.35 -22.86
N LEU C 185 7.57 -33.89 -22.06
CA LEU C 185 8.88 -33.49 -22.54
C LEU C 185 9.94 -34.58 -22.32
N ASP C 186 9.54 -35.77 -21.88
CA ASP C 186 10.46 -36.83 -21.50
C ASP C 186 11.42 -36.37 -20.40
N CYS C 187 10.98 -35.39 -19.61
CA CYS C 187 11.76 -34.90 -18.49
C CYS C 187 11.42 -35.71 -17.24
N LYS C 188 12.37 -35.75 -16.30
CA LYS C 188 12.16 -36.44 -15.05
C LYS C 188 11.57 -35.48 -14.03
N LEU C 189 10.69 -36.01 -13.17
CA LEU C 189 10.02 -35.18 -12.19
C LEU C 189 11.01 -34.55 -11.20
N GLU C 190 12.17 -35.17 -11.01
CA GLU C 190 13.17 -34.60 -10.12
C GLU C 190 13.83 -33.38 -10.74
N ASP C 191 13.83 -33.28 -12.07
CA ASP C 191 14.42 -32.14 -12.77
C ASP C 191 13.42 -31.06 -13.11
N ILE C 192 12.13 -31.28 -12.86
CA ILE C 192 11.12 -30.27 -13.15
C ILE C 192 11.15 -29.21 -12.06
N GLU C 193 10.87 -27.97 -12.46
CA GLU C 193 10.77 -26.86 -11.51
C GLU C 193 10.06 -25.72 -12.21
N SER C 194 9.11 -25.09 -11.52
CA SER C 194 8.27 -24.09 -12.14
C SER C 194 8.05 -22.93 -11.19
N ASP C 195 7.87 -21.74 -11.77
CA ASP C 195 7.44 -20.57 -11.03
C ASP C 195 5.92 -20.49 -11.08
N TYR C 196 5.31 -20.08 -9.97
CA TYR C 196 3.88 -20.29 -9.78
C TYR C 196 3.35 -19.27 -8.77
N PHE C 197 2.19 -18.69 -9.09
CA PHE C 197 1.51 -17.78 -8.17
C PHE C 197 0.01 -18.02 -8.27
N GLY C 198 -0.69 -17.62 -7.20
CA GLY C 198 -2.13 -17.75 -7.11
C GLY C 198 -2.53 -18.39 -5.81
N LEU C 199 -3.82 -18.66 -5.68
CA LEU C 199 -4.34 -19.36 -4.51
C LEU C 199 -4.34 -20.86 -4.75
N ASN C 200 -4.64 -21.61 -3.69
CA ASN C 200 -4.72 -23.06 -3.81
C ASN C 200 -5.84 -23.45 -4.78
N HIS C 201 -5.48 -24.26 -5.78
CA HIS C 201 -6.40 -24.60 -6.87
C HIS C 201 -6.91 -23.34 -7.57
N TYR C 202 -5.99 -22.40 -7.80
CA TYR C 202 -6.36 -21.09 -8.33
C TYR C 202 -5.12 -20.33 -8.81
N GLY C 203 -4.14 -21.07 -9.34
CA GLY C 203 -2.86 -20.51 -9.70
C GLY C 203 -2.52 -20.68 -11.17
N TRP C 204 -1.31 -20.23 -11.51
CA TRP C 204 -0.81 -20.24 -12.87
C TRP C 204 0.68 -20.54 -12.87
N PHE C 205 1.12 -21.34 -13.84
CA PHE C 205 2.54 -21.65 -14.02
C PHE C 205 3.14 -20.62 -14.96
N THR C 206 3.96 -19.72 -14.42
CA THR C 206 4.54 -18.65 -15.22
C THR C 206 5.74 -19.11 -16.03
N HIS C 207 6.61 -19.92 -15.43
CA HIS C 207 7.76 -20.47 -16.12
C HIS C 207 7.97 -21.90 -15.69
N VAL C 208 8.51 -22.72 -16.59
CA VAL C 208 8.79 -24.13 -16.32
C VAL C 208 10.19 -24.44 -16.83
N ARG C 209 10.95 -25.20 -16.04
CA ARG C 209 12.33 -25.54 -16.36
C ARG C 209 12.57 -27.03 -16.19
N CYS C 210 13.26 -27.63 -17.16
CA CYS C 210 13.72 -29.01 -17.10
C CYS C 210 15.24 -28.99 -17.04
N LYS C 211 15.78 -29.34 -15.88
CA LYS C 211 17.23 -29.24 -15.61
C LYS C 211 17.74 -27.82 -15.86
N GLY C 212 16.99 -26.83 -15.39
CA GLY C 212 17.41 -25.44 -15.48
C GLY C 212 17.24 -24.78 -16.81
N VAL C 213 16.62 -25.43 -17.79
CA VAL C 213 16.38 -24.88 -19.12
C VAL C 213 14.89 -24.60 -19.26
N ASP C 214 14.55 -23.40 -19.71
CA ASP C 214 13.15 -23.00 -19.82
C ASP C 214 12.44 -23.82 -20.89
N VAL C 215 11.26 -24.35 -20.55
CA VAL C 215 10.50 -25.17 -21.49
C VAL C 215 9.08 -24.64 -21.62
N THR C 216 8.82 -23.43 -21.11
CA THR C 216 7.46 -22.92 -21.07
C THR C 216 6.85 -22.78 -22.46
N ASP C 217 7.63 -22.27 -23.41
CA ASP C 217 7.13 -22.14 -24.78
C ASP C 217 6.90 -23.50 -25.43
N LYS C 218 7.74 -24.49 -25.11
CA LYS C 218 7.54 -25.82 -25.66
C LYS C 218 6.32 -26.50 -25.04
N LEU C 219 6.01 -26.21 -23.77
CA LEU C 219 4.84 -26.79 -23.14
C LEU C 219 3.56 -26.12 -23.62
N LYS C 220 3.58 -24.79 -23.79
CA LYS C 220 2.42 -24.09 -24.34
C LYS C 220 2.02 -24.64 -25.69
N GLU C 221 2.99 -25.12 -26.48
CA GLU C 221 2.70 -25.62 -27.81
C GLU C 221 1.92 -26.94 -27.75
N HIS C 222 2.23 -27.78 -26.75
CA HIS C 222 1.55 -29.05 -26.58
C HIS C 222 0.24 -28.92 -25.79
N VAL C 223 0.24 -28.08 -24.74
CA VAL C 223 -0.94 -27.98 -23.89
C VAL C 223 -2.08 -27.29 -24.63
N ARG C 224 -1.77 -26.32 -25.49
CA ARG C 224 -2.83 -25.67 -26.27
C ARG C 224 -3.46 -26.60 -27.30
N LYS C 225 -2.86 -27.77 -27.55
CA LYS C 225 -3.39 -28.74 -28.51
C LYS C 225 -4.08 -29.91 -27.81
N TYR C 226 -3.37 -30.62 -26.94
CA TYR C 226 -3.90 -31.79 -26.27
C TYR C 226 -4.15 -31.57 -24.79
N GLY C 227 -3.87 -30.38 -24.26
CA GLY C 227 -3.91 -30.18 -22.83
C GLY C 227 -2.70 -30.79 -22.16
N TYR C 228 -2.86 -31.09 -20.86
CA TYR C 228 -1.83 -31.78 -20.11
C TYR C 228 -1.78 -33.27 -20.39
N VAL C 229 -2.61 -33.77 -21.31
CA VAL C 229 -2.60 -35.18 -21.67
C VAL C 229 -1.53 -35.44 -22.73
N SER C 230 -0.74 -36.49 -22.52
CA SER C 230 0.24 -36.96 -23.47
C SER C 230 0.10 -38.46 -23.63
N GLU C 231 0.98 -39.05 -24.44
CA GLU C 231 0.93 -40.49 -24.65
C GLU C 231 1.51 -41.26 -23.47
N ALA C 232 2.62 -40.77 -22.90
CA ALA C 232 3.21 -41.39 -21.72
C ALA C 232 2.35 -41.20 -20.48
N SER C 233 1.50 -40.17 -20.45
CA SER C 233 0.63 -39.95 -19.30
C SER C 233 -0.40 -41.06 -19.17
N MSE C 234 -0.90 -41.56 -20.31
CA MSE C 234 -1.92 -42.61 -20.33
C MSE C 234 -1.49 -43.85 -19.57
O MSE C 234 -2.33 -44.53 -18.96
CB MSE C 234 -2.27 -43.00 -21.77
CG MSE C 234 -2.73 -41.84 -22.64
SE MSE C 234 -4.54 -41.20 -22.28
CE MSE C 234 -4.81 -40.31 -24.00
N ASN C 235 -0.19 -44.15 -19.59
CA ASN C 235 0.32 -45.33 -18.90
C ASN C 235 0.22 -45.20 -17.38
N ASP C 236 0.27 -43.98 -16.87
CA ASP C 236 0.19 -43.78 -15.43
C ASP C 236 -1.20 -44.12 -14.91
N ALA C 237 -1.26 -44.52 -13.63
CA ALA C 237 -2.50 -45.03 -13.06
C ALA C 237 -3.57 -43.95 -12.94
N LEU C 238 -3.17 -42.69 -12.80
CA LEU C 238 -4.16 -41.61 -12.66
C LEU C 238 -4.95 -41.40 -13.94
N LEU C 239 -4.34 -41.70 -15.09
CA LEU C 239 -5.03 -41.55 -16.37
C LEU C 239 -5.94 -42.72 -16.69
N LYS C 240 -5.97 -43.77 -15.86
CA LYS C 240 -6.96 -44.82 -16.05
C LYS C 240 -8.34 -44.38 -15.58
N ASP C 241 -8.41 -43.31 -14.79
CA ASP C 241 -9.69 -42.74 -14.38
C ASP C 241 -10.20 -41.82 -15.49
N PRO C 242 -11.42 -42.03 -15.99
CA PRO C 242 -11.91 -41.21 -17.11
C PRO C 242 -12.07 -39.74 -16.77
N ASP C 243 -12.18 -39.38 -15.49
CA ASP C 243 -12.34 -37.98 -15.14
C ASP C 243 -11.01 -37.25 -15.16
N TRP C 244 -9.93 -37.89 -14.73
CA TRP C 244 -8.62 -37.23 -14.72
C TRP C 244 -8.03 -37.06 -16.11
N VAL C 245 -8.64 -37.67 -17.14
CA VAL C 245 -8.24 -37.40 -18.51
C VAL C 245 -9.02 -36.23 -19.10
N HIS C 246 -10.31 -36.12 -18.72
CA HIS C 246 -11.11 -34.98 -19.16
C HIS C 246 -10.64 -33.69 -18.51
N THR C 247 -10.09 -33.77 -17.30
CA THR C 247 -9.62 -32.57 -16.61
C THR C 247 -8.31 -32.07 -17.19
N PHE C 248 -7.42 -32.97 -17.61
CA PHE C 248 -6.13 -32.56 -18.15
C PHE C 248 -6.21 -32.14 -19.60
N LYS C 249 -7.21 -32.60 -20.35
CA LYS C 249 -7.42 -32.16 -21.72
C LYS C 249 -8.31 -30.92 -21.80
N ASN C 250 -9.10 -30.65 -20.75
CA ASN C 250 -9.93 -29.44 -20.75
C ASN C 250 -9.08 -28.17 -20.70
N SER C 251 -7.85 -28.26 -20.22
CA SER C 251 -6.96 -27.11 -20.12
C SER C 251 -6.48 -26.59 -21.47
N ALA C 252 -6.94 -27.20 -22.58
CA ALA C 252 -6.49 -26.75 -23.89
C ALA C 252 -7.09 -25.39 -24.24
N LEU C 253 -8.37 -25.19 -23.96
CA LEU C 253 -9.01 -23.92 -24.30
C LEU C 253 -8.53 -22.79 -23.41
N ILE C 254 -8.41 -23.04 -22.10
CA ILE C 254 -7.97 -22.00 -21.18
C ILE C 254 -6.57 -21.54 -21.52
N SER C 255 -5.69 -22.48 -21.88
CA SER C 255 -4.33 -22.12 -22.27
C SER C 255 -4.29 -21.43 -23.64
N SER C 256 -5.31 -21.63 -24.47
CA SER C 256 -5.35 -21.02 -25.78
C SER C 256 -5.96 -19.63 -25.78
N MSE C 257 -6.86 -19.33 -24.85
CA MSE C 257 -7.50 -18.03 -24.78
C MSE C 257 -6.64 -17.04 -24.00
O MSE C 257 -6.48 -15.89 -24.42
CB MSE C 257 -8.88 -18.15 -24.13
CG MSE C 257 -9.81 -19.12 -24.86
SE MSE C 257 -11.51 -19.38 -23.96
CE MSE C 257 -12.28 -17.61 -24.26
N PHE C 258 -6.09 -17.47 -22.87
CA PHE C 258 -5.20 -16.67 -22.05
C PHE C 258 -3.80 -17.24 -22.20
N THR C 259 -3.01 -16.64 -23.08
CA THR C 259 -1.74 -17.20 -23.52
C THR C 259 -0.55 -16.76 -22.66
N ASP C 260 -0.80 -16.16 -21.50
CA ASP C 260 0.31 -15.71 -20.66
C ASP C 260 1.01 -16.88 -19.98
N TYR C 261 0.26 -17.67 -19.22
CA TYR C 261 0.82 -18.74 -18.42
C TYR C 261 0.09 -20.05 -18.67
N LEU C 262 0.68 -21.14 -18.18
CA LEU C 262 0.02 -22.43 -18.18
C LEU C 262 -0.90 -22.51 -16.97
N PRO C 263 -2.18 -22.86 -17.15
CA PRO C 263 -3.14 -22.77 -16.04
C PRO C 263 -3.17 -24.02 -15.18
N ASN C 264 -3.50 -23.80 -13.91
CA ASN C 264 -3.84 -24.91 -13.02
C ASN C 264 -5.10 -25.58 -13.52
N THR C 265 -5.14 -26.92 -13.42
CA THR C 265 -6.25 -27.67 -14.00
C THR C 265 -7.58 -27.41 -13.30
N TYR C 266 -7.57 -26.79 -12.12
CA TYR C 266 -8.80 -26.45 -11.42
C TYR C 266 -9.48 -25.21 -11.99
N TRP C 267 -8.88 -24.54 -12.98
CA TRP C 267 -9.50 -23.37 -13.57
C TRP C 267 -10.67 -23.71 -14.48
N GLN C 268 -10.89 -25.00 -14.79
CA GLN C 268 -12.05 -25.38 -15.57
C GLN C 268 -13.36 -25.18 -14.80
N TYR C 269 -13.30 -25.16 -13.48
CA TYR C 269 -14.50 -25.00 -12.67
C TYR C 269 -14.87 -23.53 -12.45
N TYR C 270 -13.89 -22.64 -12.52
CA TYR C 270 -14.15 -21.21 -12.37
C TYR C 270 -14.39 -20.52 -13.70
N LEU C 271 -13.58 -20.84 -14.71
CA LEU C 271 -13.71 -20.24 -16.03
C LEU C 271 -14.71 -20.97 -16.92
N MSE C 272 -15.12 -22.18 -16.55
CA MSE C 272 -16.12 -22.91 -17.34
C MSE C 272 -17.17 -23.61 -16.49
O MSE C 272 -17.25 -24.83 -16.49
CB MSE C 272 -15.42 -23.95 -18.22
CG MSE C 272 -14.56 -23.39 -19.33
SE MSE C 272 -13.29 -24.71 -19.97
CE MSE C 272 -13.10 -24.07 -21.80
N PRO C 273 -18.00 -22.85 -15.77
CA PRO C 273 -19.11 -23.47 -15.04
C PRO C 273 -20.21 -23.99 -15.94
N ASP C 274 -20.25 -23.58 -17.21
CA ASP C 274 -21.23 -24.13 -18.14
C ASP C 274 -20.84 -25.53 -18.59
N SER C 275 -19.57 -25.72 -18.96
CA SER C 275 -19.12 -27.01 -19.46
C SER C 275 -19.07 -28.07 -18.37
N ILE C 276 -18.90 -27.66 -17.11
CA ILE C 276 -18.75 -28.64 -16.04
C ILE C 276 -20.10 -29.17 -15.61
N VAL C 277 -21.08 -28.28 -15.40
CA VAL C 277 -22.42 -28.73 -14.98
C VAL C 277 -23.03 -29.61 -16.06
N ASP C 278 -22.79 -29.30 -17.33
CA ASP C 278 -23.26 -30.16 -18.41
C ASP C 278 -22.59 -31.52 -18.36
N TYR C 279 -21.32 -31.56 -17.95
CA TYR C 279 -20.57 -32.81 -17.92
C TYR C 279 -20.91 -33.67 -16.71
N MSE C 280 -21.25 -33.05 -15.58
CA MSE C 280 -21.47 -33.80 -14.34
C MSE C 280 -22.82 -34.51 -14.29
O MSE C 280 -23.85 -33.95 -14.68
CB MSE C 280 -21.34 -32.86 -13.14
CG MSE C 280 -19.92 -32.46 -12.81
SE MSE C 280 -19.78 -31.38 -11.19
CE MSE C 280 -17.84 -31.39 -10.98
N ASP C 281 -22.80 -35.75 -13.80
CA ASP C 281 -24.01 -36.52 -13.57
C ASP C 281 -24.37 -36.45 -12.08
N ILE C 282 -25.61 -36.04 -11.80
CA ILE C 282 -26.00 -35.78 -10.42
C ILE C 282 -26.13 -37.08 -9.64
N ASN C 283 -26.52 -38.17 -10.31
CA ASN C 283 -26.65 -39.47 -9.66
C ASN C 283 -25.36 -40.27 -9.68
N ASN C 284 -24.26 -39.69 -10.16
CA ASN C 284 -22.95 -40.34 -10.12
C ASN C 284 -21.85 -39.29 -10.16
N THR C 285 -21.74 -38.51 -9.08
CA THR C 285 -20.76 -37.44 -9.01
C THR C 285 -19.37 -38.00 -8.73
N ARG C 286 -18.37 -37.12 -8.71
CA ARG C 286 -17.00 -37.55 -8.43
C ARG C 286 -16.89 -38.12 -7.01
N GLY C 287 -17.63 -37.54 -6.06
CA GLY C 287 -17.64 -38.07 -4.71
C GLY C 287 -18.26 -39.46 -4.61
N MSE C 288 -19.05 -39.86 -5.60
CA MSE C 288 -19.61 -41.20 -5.65
C MSE C 288 -18.64 -42.16 -6.35
O MSE C 288 -18.57 -43.33 -6.02
CB MSE C 288 -20.96 -41.21 -6.36
CG MSE C 288 -22.12 -40.75 -5.50
SE MSE C 288 -23.77 -40.56 -6.54
CE MSE C 288 -25.06 -40.57 -5.07
N GLN C 289 -17.90 -41.62 -7.33
CA GLN C 289 -16.94 -42.42 -8.06
C GLN C 289 -15.78 -42.87 -7.18
N VAL C 290 -15.49 -42.14 -6.10
CA VAL C 290 -14.45 -42.57 -5.16
C VAL C 290 -15.00 -43.52 -4.10
N ILE C 291 -16.31 -43.52 -3.87
CA ILE C 291 -16.91 -44.49 -2.96
C ILE C 291 -16.75 -45.90 -3.50
N ASN C 292 -17.30 -46.13 -4.69
CA ASN C 292 -17.21 -47.43 -5.37
C ASN C 292 -15.92 -47.59 -6.16
N GLY C 293 -14.98 -46.67 -6.00
CA GLY C 293 -13.71 -46.75 -6.71
C GLY C 293 -12.52 -46.84 -5.80
N ARG C 294 -12.05 -45.69 -5.31
CA ARG C 294 -10.87 -45.69 -4.44
C ARG C 294 -11.20 -46.29 -3.07
N GLU C 295 -12.37 -45.94 -2.51
CA GLU C 295 -12.75 -46.46 -1.20
C GLU C 295 -13.11 -47.94 -1.24
N LYS C 296 -13.52 -48.45 -2.41
CA LYS C 296 -13.85 -49.87 -2.51
C LYS C 296 -12.59 -50.73 -2.59
N ARG C 297 -11.56 -50.24 -3.28
CA ARG C 297 -10.32 -51.00 -3.40
C ARG C 297 -9.53 -51.06 -2.10
N ILE C 298 -9.77 -50.13 -1.18
CA ILE C 298 -9.06 -50.16 0.10
C ILE C 298 -9.80 -50.98 1.15
N PHE C 299 -11.14 -51.01 1.10
CA PHE C 299 -11.89 -51.88 1.99
C PHE C 299 -11.93 -53.32 1.48
N LYS C 300 -11.75 -53.53 0.18
CA LYS C 300 -11.53 -54.87 -0.33
C LYS C 300 -10.21 -55.44 0.21
N ALA C 301 -9.16 -54.63 0.21
CA ALA C 301 -7.87 -55.08 0.70
C ALA C 301 -7.88 -55.28 2.21
N ALA C 302 -8.63 -54.45 2.95
CA ALA C 302 -8.73 -54.62 4.39
C ALA C 302 -9.42 -55.94 4.75
N GLU C 303 -10.42 -56.33 3.96
CA GLU C 303 -11.08 -57.61 4.20
C GLU C 303 -10.21 -58.77 3.75
N ASP C 304 -9.38 -58.57 2.72
CA ASP C 304 -8.49 -59.63 2.24
C ASP C 304 -7.42 -59.97 3.27
N ILE C 305 -7.03 -59.02 4.11
CA ILE C 305 -5.98 -59.27 5.09
C ILE C 305 -6.50 -60.10 6.26
N ARG C 306 -7.64 -59.69 6.83
CA ARG C 306 -8.17 -60.38 8.00
C ARG C 306 -8.57 -61.81 7.70
N GLU C 307 -8.79 -62.15 6.43
CA GLU C 307 -9.07 -63.52 6.04
C GLU C 307 -7.81 -64.33 5.76
N GLY C 308 -6.71 -63.67 5.41
CA GLY C 308 -5.46 -64.33 5.12
C GLY C 308 -5.03 -64.24 3.66
N LYS C 309 -5.91 -63.81 2.77
CA LYS C 309 -5.56 -63.69 1.36
C LYS C 309 -4.50 -62.63 1.18
N PRO C 310 -3.37 -62.93 0.52
CA PRO C 310 -2.36 -61.90 0.28
C PRO C 310 -2.91 -60.78 -0.60
N VAL C 311 -2.58 -59.55 -0.22
CA VAL C 311 -3.08 -58.35 -0.88
C VAL C 311 -2.02 -57.79 -1.82
N ASP C 312 -2.48 -57.25 -2.95
CA ASP C 312 -1.62 -56.44 -3.80
C ASP C 312 -1.56 -55.04 -3.23
N LEU C 313 -0.39 -54.66 -2.71
CA LEU C 313 -0.21 -53.37 -2.06
C LEU C 313 0.24 -52.26 -3.02
N GLN C 314 0.65 -52.62 -4.24
CA GLN C 314 1.17 -51.63 -5.17
C GLN C 314 0.08 -50.82 -5.86
N GLN C 315 -1.19 -51.24 -5.75
CA GLN C 315 -2.29 -50.40 -6.21
C GLN C 315 -2.45 -49.15 -5.35
N PHE C 316 -1.85 -49.11 -4.17
CA PHE C 316 -1.84 -47.91 -3.33
C PHE C 316 -0.52 -47.17 -3.40
N TYR C 317 0.44 -47.63 -4.21
CA TYR C 317 1.78 -47.06 -4.26
C TYR C 317 2.00 -46.21 -5.51
N VAL C 318 0.96 -45.53 -5.99
CA VAL C 318 1.06 -44.72 -7.20
C VAL C 318 0.68 -43.29 -6.88
N GLY C 319 1.32 -42.36 -7.56
CA GLY C 319 1.00 -40.95 -7.44
C GLY C 319 2.12 -40.16 -6.79
N VAL C 320 2.29 -38.91 -7.25
CA VAL C 320 3.25 -38.00 -6.64
C VAL C 320 2.76 -37.45 -5.31
N HIS C 321 1.56 -37.84 -4.87
CA HIS C 321 0.97 -37.30 -3.65
C HIS C 321 1.83 -37.64 -2.44
N GLY C 322 2.14 -38.92 -2.25
CA GLY C 322 2.87 -39.32 -1.05
C GLY C 322 4.32 -38.87 -1.05
N LYS C 323 4.99 -38.98 -2.20
CA LYS C 323 6.41 -38.62 -2.27
C LYS C 323 6.61 -37.12 -2.02
N PHE C 324 5.70 -36.29 -2.55
CA PHE C 324 5.84 -34.85 -2.37
C PHE C 324 5.63 -34.44 -0.91
N ILE C 325 4.77 -35.16 -0.17
CA ILE C 325 4.54 -34.83 1.23
C ILE C 325 5.73 -35.27 2.09
N VAL C 326 6.26 -36.47 1.82
CA VAL C 326 7.39 -36.97 2.61
C VAL C 326 8.64 -36.13 2.36
N LYS C 327 8.77 -35.57 1.15
CA LYS C 327 9.92 -34.70 0.88
C LYS C 327 9.84 -33.40 1.68
N VAL C 328 8.63 -32.91 1.94
CA VAL C 328 8.48 -31.67 2.70
C VAL C 328 8.84 -31.90 4.16
N VAL C 329 8.36 -32.99 4.75
CA VAL C 329 8.67 -33.26 6.16
C VAL C 329 10.14 -33.61 6.32
N GLU C 330 10.74 -34.26 5.32
CA GLU C 330 12.18 -34.54 5.38
C GLU C 330 12.99 -33.25 5.31
N SER C 331 12.51 -32.27 4.53
CA SER C 331 13.22 -30.99 4.45
C SER C 331 13.15 -30.22 5.76
N LEU C 332 12.08 -30.43 6.54
CA LEU C 332 11.98 -29.76 7.83
C LEU C 332 12.93 -30.37 8.87
N ILE C 333 13.21 -31.66 8.74
CA ILE C 333 14.08 -32.33 9.71
C ILE C 333 15.54 -31.96 9.48
N HIS C 334 16.03 -32.13 8.26
CA HIS C 334 17.44 -31.95 7.94
C HIS C 334 17.76 -30.58 7.38
N ASP C 335 16.78 -29.67 7.33
CA ASP C 335 16.99 -28.30 6.87
C ASP C 335 17.55 -28.30 5.44
N GLU C 336 16.91 -29.09 4.57
CA GLU C 336 17.42 -29.31 3.21
C GLU C 336 17.15 -28.16 2.26
N ARG C 337 16.29 -27.20 2.64
CA ARG C 337 15.97 -26.04 1.81
C ARG C 337 15.39 -26.47 0.46
N SER C 338 14.42 -27.37 0.51
CA SER C 338 13.76 -27.84 -0.70
C SER C 338 12.77 -26.80 -1.18
N ARG C 339 12.86 -26.46 -2.47
CA ARG C 339 12.01 -25.43 -3.07
C ARG C 339 10.70 -26.07 -3.52
N GLN C 340 9.61 -25.76 -2.81
CA GLN C 340 8.31 -26.34 -3.08
C GLN C 340 7.27 -25.24 -3.24
N LEU C 341 6.19 -25.58 -3.95
CA LEU C 341 5.04 -24.69 -4.11
C LEU C 341 4.13 -24.89 -2.92
N VAL C 342 4.15 -23.95 -1.98
CA VAL C 342 3.41 -24.08 -0.73
C VAL C 342 2.47 -22.90 -0.55
N ILE C 343 1.66 -22.94 0.50
CA ILE C 343 0.68 -21.90 0.80
C ILE C 343 1.15 -21.15 2.04
N VAL C 344 1.41 -19.86 1.89
CA VAL C 344 1.97 -19.05 2.97
C VAL C 344 1.16 -17.75 3.07
N PRO C 345 1.22 -17.08 4.22
CA PRO C 345 0.66 -15.72 4.30
C PRO C 345 1.40 -14.79 3.36
N ASN C 346 0.66 -13.95 2.65
CA ASN C 346 1.23 -13.03 1.67
C ASN C 346 2.20 -12.07 2.33
N ASN C 347 1.66 -11.04 3.00
CA ASN C 347 2.46 -10.06 3.73
C ASN C 347 3.51 -9.42 2.83
N GLY C 348 3.11 -9.13 1.59
CA GLY C 348 4.00 -8.49 0.63
C GLY C 348 4.66 -9.43 -0.36
N ALA C 349 4.46 -10.74 -0.24
CA ALA C 349 5.04 -11.67 -1.20
C ALA C 349 4.54 -11.36 -2.61
N ILE C 350 3.22 -11.29 -2.77
CA ILE C 350 2.60 -10.71 -3.96
C ILE C 350 2.15 -9.31 -3.58
N GLU C 351 2.81 -8.31 -4.17
CA GLU C 351 2.69 -6.95 -3.65
C GLU C 351 1.28 -6.40 -3.82
N ASN C 352 0.66 -6.64 -4.97
CA ASN C 352 -0.64 -6.04 -5.25
C ASN C 352 -1.78 -6.91 -4.74
N LEU C 353 -1.54 -7.67 -3.68
CA LEU C 353 -2.56 -8.45 -3.01
C LEU C 353 -2.54 -8.14 -1.52
N SER C 354 -3.64 -8.46 -0.85
CA SER C 354 -3.77 -8.18 0.57
C SER C 354 -2.78 -9.01 1.39
N ASP C 355 -2.54 -8.57 2.62
CA ASP C 355 -1.57 -9.23 3.47
C ASP C 355 -2.09 -10.56 3.98
N ASP C 356 -3.35 -10.60 4.40
CA ASP C 356 -3.92 -11.83 4.95
C ASP C 356 -4.26 -12.86 3.87
N ALA C 357 -3.95 -12.58 2.60
CA ALA C 357 -4.21 -13.54 1.55
C ALA C 357 -3.22 -14.69 1.63
N THR C 358 -3.73 -15.92 1.51
CA THR C 358 -2.90 -17.13 1.54
C THR C 358 -2.65 -17.54 0.09
N VAL C 359 -1.48 -17.18 -0.42
CA VAL C 359 -1.13 -17.42 -1.82
C VAL C 359 -0.26 -18.67 -1.91
N GLU C 360 -0.24 -19.27 -3.09
CA GLU C 360 0.51 -20.49 -3.37
C GLU C 360 1.71 -20.09 -4.22
N ILE C 361 2.87 -19.94 -3.58
CA ILE C 361 4.08 -19.47 -4.24
C ILE C 361 5.24 -20.37 -3.85
N PRO C 362 6.30 -20.42 -4.66
CA PRO C 362 7.46 -21.23 -4.30
C PRO C 362 8.19 -20.69 -3.09
N GLY C 363 8.69 -21.60 -2.26
CA GLY C 363 9.43 -21.23 -1.07
C GLY C 363 10.35 -22.35 -0.65
N TYR C 364 11.40 -21.98 0.09
CA TYR C 364 12.40 -22.93 0.54
C TYR C 364 12.04 -23.42 1.94
N VAL C 365 11.83 -24.73 2.06
CA VAL C 365 11.42 -25.32 3.32
C VAL C 365 12.64 -25.50 4.21
N THR C 366 12.75 -24.69 5.25
CA THR C 366 13.82 -24.78 6.22
C THR C 366 13.35 -25.61 7.42
N ASP C 367 14.20 -25.69 8.44
CA ASP C 367 13.81 -26.32 9.69
C ASP C 367 13.02 -25.38 10.59
N ARG C 368 12.84 -24.13 10.19
CA ARG C 368 12.10 -23.13 10.96
C ARG C 368 10.81 -22.70 10.27
N GLY C 369 10.46 -23.34 9.16
CA GLY C 369 9.30 -22.98 8.38
C GLY C 369 9.67 -22.80 6.92
N VAL C 370 8.78 -22.14 6.19
CA VAL C 370 8.96 -21.88 4.78
C VAL C 370 9.48 -20.46 4.59
N GLU C 371 10.46 -20.30 3.70
CA GLU C 371 10.94 -18.99 3.29
C GLU C 371 10.45 -18.70 1.89
N PRO C 372 9.35 -17.96 1.73
CA PRO C 372 8.80 -17.71 0.39
C PRO C 372 9.57 -16.61 -0.33
N VAL C 373 9.67 -16.77 -1.64
CA VAL C 373 10.39 -15.80 -2.46
C VAL C 373 9.47 -14.63 -2.77
N ARG C 374 10.08 -13.45 -2.94
CA ARG C 374 9.34 -12.25 -3.31
C ARG C 374 9.11 -12.26 -4.82
N VAL C 375 7.86 -12.48 -5.22
CA VAL C 375 7.55 -12.61 -6.65
C VAL C 375 7.17 -11.29 -7.31
N GLY C 376 6.77 -10.29 -6.54
CA GLY C 376 6.40 -9.01 -7.10
C GLY C 376 4.92 -8.90 -7.42
N SER C 377 4.61 -7.93 -8.27
CA SER C 377 3.23 -7.66 -8.65
C SER C 377 2.79 -8.59 -9.78
N ILE C 378 1.50 -8.89 -9.81
CA ILE C 378 0.91 -9.76 -10.82
C ILE C 378 0.05 -8.92 -11.76
N PRO C 379 -0.17 -9.35 -13.00
CA PRO C 379 -0.96 -8.54 -13.95
C PRO C 379 -2.38 -8.32 -13.47
N ARG C 380 -3.09 -7.46 -14.22
CA ARG C 380 -4.41 -7.02 -13.80
C ARG C 380 -5.44 -8.14 -13.89
N PHE C 381 -5.43 -8.90 -14.98
CA PHE C 381 -6.43 -9.96 -15.15
C PHE C 381 -6.29 -11.02 -14.07
N TYR C 382 -5.07 -11.29 -13.62
CA TYR C 382 -4.84 -12.28 -12.58
C TYR C 382 -4.98 -11.70 -11.19
N LYS C 383 -4.84 -10.38 -11.03
CA LYS C 383 -5.13 -9.74 -9.76
C LYS C 383 -6.63 -9.75 -9.48
N GLY C 384 -7.44 -9.38 -10.48
CA GLY C 384 -8.87 -9.30 -10.27
C GLY C 384 -9.50 -10.66 -9.97
N LEU C 385 -9.02 -11.71 -10.63
CA LEU C 385 -9.54 -13.04 -10.35
C LEU C 385 -9.20 -13.49 -8.94
N ILE C 386 -7.96 -13.29 -8.51
CA ILE C 386 -7.55 -13.68 -7.17
C ILE C 386 -8.25 -12.82 -6.13
N GLU C 387 -8.37 -11.52 -6.38
CA GLU C 387 -9.03 -10.63 -5.43
C GLU C 387 -10.47 -11.05 -5.18
N GLN C 388 -11.16 -11.52 -6.22
CA GLN C 388 -12.53 -11.98 -6.05
C GLN C 388 -12.58 -13.25 -5.20
N GLN C 389 -11.71 -14.22 -5.51
CA GLN C 389 -11.68 -15.45 -4.72
C GLN C 389 -11.15 -15.20 -3.31
N ASP C 390 -10.18 -14.29 -3.18
CA ASP C 390 -9.64 -13.97 -1.86
C ASP C 390 -10.71 -13.35 -0.97
N ALA C 391 -11.55 -12.49 -1.55
CA ALA C 391 -12.67 -11.94 -0.79
C ALA C 391 -13.71 -13.01 -0.50
N CYS C 392 -13.91 -13.95 -1.42
CA CYS C 392 -14.85 -15.03 -1.21
C CYS C 392 -14.41 -15.90 -0.03
N GLU C 393 -13.16 -16.35 -0.04
CA GLU C 393 -12.64 -17.15 1.06
C GLU C 393 -12.53 -16.32 2.34
N GLY C 394 -12.24 -15.03 2.22
CA GLY C 394 -12.16 -14.19 3.41
C GLY C 394 -13.51 -14.00 4.08
N LEU C 395 -14.56 -13.77 3.28
CA LEU C 395 -15.89 -13.65 3.85
C LEU C 395 -16.38 -14.96 4.45
N LEU C 396 -15.93 -16.09 3.91
CA LEU C 396 -16.33 -17.39 4.46
C LEU C 396 -15.67 -17.63 5.80
N VAL C 397 -14.41 -17.23 5.95
CA VAL C 397 -13.73 -17.37 7.23
C VAL C 397 -14.37 -16.48 8.29
N GLU C 398 -14.77 -15.27 7.89
CA GLU C 398 -15.46 -14.38 8.82
C GLU C 398 -16.79 -14.95 9.26
N ALA C 399 -17.48 -15.66 8.37
CA ALA C 399 -18.75 -16.29 8.74
C ALA C 399 -18.55 -17.38 9.79
N ALA C 400 -17.40 -18.06 9.75
CA ALA C 400 -17.12 -19.07 10.78
C ALA C 400 -16.81 -18.44 12.12
N ILE C 401 -16.00 -17.38 12.11
CA ILE C 401 -15.59 -16.75 13.36
C ILE C 401 -16.74 -15.96 13.98
N GLU C 402 -17.37 -15.10 13.19
CA GLU C 402 -18.41 -14.20 13.69
C GLU C 402 -19.79 -14.86 13.75
N HIS C 403 -19.92 -16.11 13.28
CA HIS C 403 -21.18 -16.83 13.31
C HIS C 403 -22.29 -16.05 12.60
N SER C 404 -21.95 -15.44 11.48
CA SER C 404 -22.86 -14.55 10.75
C SER C 404 -23.42 -15.25 9.52
N TYR C 405 -24.75 -15.20 9.37
CA TYR C 405 -25.38 -15.71 8.16
C TYR C 405 -25.12 -14.81 6.96
N GLU C 406 -25.03 -13.50 7.20
CA GLU C 406 -24.84 -12.55 6.09
C GLU C 406 -23.45 -12.68 5.48
N LYS C 407 -22.43 -12.88 6.32
CA LYS C 407 -21.09 -13.10 5.81
C LYS C 407 -21.02 -14.34 4.94
N ALA C 408 -21.75 -15.39 5.31
CA ALA C 408 -21.80 -16.59 4.49
C ALA C 408 -22.51 -16.33 3.17
N LEU C 409 -23.61 -15.57 3.20
CA LEU C 409 -24.31 -15.23 1.98
C LEU C 409 -23.45 -14.34 1.08
N MSE C 410 -22.67 -13.45 1.67
CA MSE C 410 -21.75 -12.60 0.93
C MSE C 410 -20.67 -13.44 0.25
O MSE C 410 -20.27 -13.18 -0.88
CB MSE C 410 -21.10 -11.56 1.85
CG MSE C 410 -22.04 -10.44 2.28
SE MSE C 410 -21.21 -9.26 3.59
CE MSE C 410 -22.61 -7.90 3.69
N ALA C 411 -20.18 -14.45 0.98
CA ALA C 411 -19.14 -15.32 0.43
C ALA C 411 -19.68 -16.19 -0.69
N PHE C 412 -20.89 -16.74 -0.53
CA PHE C 412 -21.48 -17.55 -1.58
C PHE C 412 -21.85 -16.69 -2.80
N THR C 413 -22.09 -15.40 -2.60
CA THR C 413 -22.42 -14.52 -3.73
C THR C 413 -21.16 -14.15 -4.52
N MSE C 414 -20.05 -13.93 -3.82
CA MSE C 414 -18.80 -13.52 -4.45
C MSE C 414 -18.23 -14.60 -5.37
O MSE C 414 -17.53 -14.30 -6.34
CB MSE C 414 -17.77 -13.16 -3.38
CG MSE C 414 -16.49 -12.57 -3.92
SE MSE C 414 -16.72 -10.75 -4.55
CE MSE C 414 -17.42 -9.96 -2.91
N ASN C 415 -18.54 -15.86 -5.07
CA ASN C 415 -17.97 -16.98 -5.80
C ASN C 415 -18.35 -16.91 -7.28
N ARG C 416 -17.36 -17.17 -8.14
CA ARG C 416 -17.59 -17.07 -9.58
C ARG C 416 -18.59 -18.12 -10.07
N THR C 417 -18.59 -19.30 -9.46
CA THR C 417 -19.47 -20.38 -9.91
C THR C 417 -20.92 -20.14 -9.55
N ILE C 418 -21.23 -19.12 -8.77
CA ILE C 418 -22.60 -18.81 -8.37
C ILE C 418 -23.08 -17.62 -9.21
N PRO C 419 -24.04 -17.82 -10.12
CA PRO C 419 -24.40 -16.76 -11.07
C PRO C 419 -25.32 -15.69 -10.51
N SER C 420 -25.78 -15.82 -9.26
CA SER C 420 -26.75 -14.86 -8.74
C SER C 420 -26.76 -14.90 -7.22
N SER C 421 -27.15 -13.77 -6.62
CA SER C 421 -27.41 -13.75 -5.18
C SER C 421 -28.61 -14.61 -4.83
N LEU C 422 -29.59 -14.69 -5.72
CA LEU C 422 -30.76 -15.53 -5.48
C LEU C 422 -30.35 -17.00 -5.39
N VAL C 423 -29.48 -17.44 -6.32
CA VAL C 423 -28.96 -18.80 -6.24
C VAL C 423 -28.03 -18.95 -5.04
N ALA C 424 -27.28 -17.90 -4.70
CA ALA C 424 -26.38 -17.97 -3.56
C ALA C 424 -27.15 -18.16 -2.26
N LYS C 425 -28.33 -17.55 -2.16
CA LYS C 425 -29.14 -17.72 -0.95
C LYS C 425 -29.77 -19.11 -0.90
N LYS C 426 -30.20 -19.64 -2.04
CA LYS C 426 -30.82 -20.96 -2.06
C LYS C 426 -29.80 -22.05 -1.80
N LEU C 427 -28.58 -21.90 -2.32
CA LEU C 427 -27.53 -22.88 -2.04
C LEU C 427 -27.12 -22.84 -0.58
N LEU C 428 -26.99 -21.63 -0.01
CA LEU C 428 -26.56 -21.51 1.38
C LEU C 428 -27.58 -22.13 2.33
N ASP C 429 -28.87 -21.92 2.06
CA ASP C 429 -29.90 -22.47 2.93
C ASP C 429 -29.93 -24.00 2.89
N ASP C 430 -29.63 -24.60 1.74
CA ASP C 430 -29.61 -26.05 1.65
C ASP C 430 -28.37 -26.62 2.33
N MSE C 431 -27.24 -25.96 2.20
CA MSE C 431 -26.00 -26.40 2.83
C MSE C 431 -26.08 -26.32 4.35
O MSE C 431 -25.50 -27.14 5.05
CB MSE C 431 -24.81 -25.59 2.32
CG MSE C 431 -24.51 -25.76 0.85
SE MSE C 431 -24.15 -27.62 0.37
CE MSE C 431 -23.70 -27.35 -1.51
N ILE C 432 -26.82 -25.32 4.84
CA ILE C 432 -27.01 -25.18 6.28
C ILE C 432 -27.78 -26.36 6.84
N GLU C 433 -28.83 -26.79 6.13
CA GLU C 433 -29.64 -27.91 6.62
C GLU C 433 -28.90 -29.23 6.48
N ALA C 434 -28.12 -29.39 5.42
CA ALA C 434 -27.41 -30.66 5.21
C ALA C 434 -26.19 -30.79 6.12
N ASN C 435 -25.59 -29.68 6.52
CA ASN C 435 -24.38 -29.68 7.35
C ASN C 435 -24.67 -29.35 8.81
N LYS C 436 -25.86 -29.66 9.29
CA LYS C 436 -26.19 -29.42 10.68
C LYS C 436 -25.43 -30.38 11.58
N GLY C 437 -24.71 -29.84 12.56
CA GLY C 437 -23.79 -30.59 13.38
C GLY C 437 -22.35 -30.49 12.94
N TYR C 438 -22.10 -30.10 11.70
CA TYR C 438 -20.76 -29.86 11.16
C TYR C 438 -20.46 -28.37 10.99
N TRP C 439 -21.42 -27.60 10.48
CA TRP C 439 -21.24 -26.16 10.34
C TRP C 439 -21.48 -25.46 11.67
N PRO C 440 -20.75 -24.38 11.94
CA PRO C 440 -21.07 -23.54 13.09
C PRO C 440 -22.40 -22.83 12.89
N GLU C 441 -22.96 -22.38 14.01
CA GLU C 441 -24.22 -21.64 13.97
C GLU C 441 -24.05 -20.32 13.24
N LEU C 442 -25.03 -19.98 12.40
CA LEU C 442 -25.03 -18.75 11.63
C LEU C 442 -26.32 -17.98 11.96
N LYS C 443 -26.24 -17.03 12.87
CA LYS C 443 -27.39 -16.20 13.23
C LYS C 443 -27.79 -15.31 12.06
N ASP D 2 31.76 -27.30 -16.52
CA ASP D 2 30.84 -27.28 -17.66
C ASP D 2 31.46 -26.56 -18.85
N LYS D 3 30.83 -25.47 -19.28
CA LYS D 3 31.37 -24.68 -20.37
C LYS D 3 32.58 -23.87 -19.89
N GLU D 4 33.61 -23.79 -20.75
CA GLU D 4 34.74 -22.92 -20.47
C GLU D 4 34.28 -21.47 -20.51
N LEU D 5 34.39 -20.78 -19.38
CA LEU D 5 33.87 -19.42 -19.23
C LEU D 5 34.98 -18.39 -19.37
N LYS D 6 34.58 -17.18 -19.74
CA LYS D 6 35.49 -16.04 -19.86
C LYS D 6 35.25 -15.12 -18.67
N ILE D 7 36.14 -15.19 -17.69
CA ILE D 7 36.03 -14.39 -16.48
C ILE D 7 36.74 -13.06 -16.70
N VAL D 8 36.08 -11.96 -16.35
CA VAL D 8 36.60 -10.62 -16.53
C VAL D 8 36.59 -9.91 -15.19
N ILE D 9 37.71 -9.27 -14.85
CA ILE D 9 37.83 -8.47 -13.64
C ILE D 9 37.81 -7.01 -14.05
N CYS D 10 36.70 -6.33 -13.73
CA CYS D 10 36.54 -4.91 -14.05
C CYS D 10 37.22 -4.10 -12.95
N GLY D 11 38.49 -3.77 -13.18
CA GLY D 11 39.28 -3.07 -12.19
C GLY D 11 40.51 -3.86 -11.81
N GLY D 12 41.33 -4.22 -12.80
CA GLY D 12 42.50 -5.05 -12.55
C GLY D 12 43.58 -4.37 -11.74
N GLY D 13 43.57 -3.04 -11.70
CA GLY D 13 44.57 -2.31 -10.93
C GLY D 13 44.18 -2.12 -9.48
N SER D 14 43.28 -2.96 -8.99
CA SER D 14 42.83 -2.86 -7.61
C SER D 14 43.80 -3.58 -6.68
N THR D 15 43.86 -3.10 -5.44
CA THR D 15 44.71 -3.75 -4.44
C THR D 15 44.14 -5.08 -3.96
N TYR D 16 42.91 -5.42 -4.36
CA TYR D 16 42.30 -6.69 -4.01
C TYR D 16 42.45 -7.74 -5.09
N THR D 17 42.89 -7.37 -6.28
CA THR D 17 42.96 -8.31 -7.40
C THR D 17 43.75 -9.57 -7.11
N PRO D 18 44.94 -9.52 -6.50
CA PRO D 18 45.64 -10.78 -6.18
C PRO D 18 44.87 -11.71 -5.27
N GLY D 19 44.02 -11.17 -4.39
CA GLY D 19 43.23 -12.00 -3.51
C GLY D 19 42.05 -12.65 -4.22
N ILE D 20 41.37 -11.89 -5.09
CA ILE D 20 40.22 -12.44 -5.81
C ILE D 20 40.68 -13.52 -6.79
N VAL D 21 41.85 -13.33 -7.40
CA VAL D 21 42.34 -14.30 -8.39
C VAL D 21 42.60 -15.65 -7.73
N LYS D 22 43.31 -15.65 -6.60
CA LYS D 22 43.61 -16.92 -5.93
C LYS D 22 42.35 -17.60 -5.43
N ASP D 23 41.45 -16.84 -4.79
CA ASP D 23 40.18 -17.40 -4.33
C ASP D 23 39.37 -17.97 -5.49
N LEU D 24 39.56 -17.42 -6.69
CA LEU D 24 38.90 -17.97 -7.86
C LEU D 24 39.63 -19.19 -8.40
N LEU D 25 40.95 -19.27 -8.19
CA LEU D 25 41.69 -20.44 -8.65
C LEU D 25 41.46 -21.65 -7.75
N ASP D 26 41.12 -21.41 -6.48
CA ASP D 26 40.87 -22.52 -5.57
C ASP D 26 39.62 -23.30 -5.97
N GLN D 27 38.65 -22.64 -6.60
CA GLN D 27 37.43 -23.29 -7.07
C GLN D 27 37.50 -23.63 -8.55
N ARG D 28 38.69 -23.90 -9.07
CA ARG D 28 38.85 -24.19 -10.49
C ARG D 28 38.21 -25.50 -10.90
N GLN D 29 37.98 -26.41 -9.96
CA GLN D 29 37.29 -27.66 -10.27
C GLN D 29 35.81 -27.45 -10.58
N LYS D 30 35.23 -26.35 -10.10
CA LYS D 30 33.84 -26.02 -10.38
C LYS D 30 33.68 -24.91 -11.40
N ILE D 31 34.63 -23.99 -11.46
CA ILE D 31 34.61 -22.89 -12.42
C ILE D 31 35.55 -23.26 -13.57
N ASN D 32 34.98 -23.54 -14.73
CA ASN D 32 35.76 -23.93 -15.91
C ASN D 32 36.26 -22.67 -16.59
N ILE D 33 37.47 -22.26 -16.24
CA ILE D 33 38.05 -21.03 -16.75
C ILE D 33 38.75 -21.31 -18.07
N LYS D 34 38.43 -20.52 -19.10
CA LYS D 34 39.15 -20.59 -20.36
C LYS D 34 40.23 -19.52 -20.46
N GLU D 35 39.97 -18.33 -19.91
CA GLU D 35 40.93 -17.24 -19.92
C GLU D 35 40.51 -16.19 -18.91
N LEU D 36 41.43 -15.81 -18.02
CA LEU D 36 41.18 -14.80 -17.00
C LEU D 36 41.58 -13.44 -17.55
N TRP D 37 40.65 -12.50 -17.55
CA TRP D 37 40.86 -11.17 -18.10
C TRP D 37 40.95 -10.12 -17.00
N LEU D 38 41.74 -9.09 -17.26
CA LEU D 38 41.89 -7.94 -16.37
C LEU D 38 41.57 -6.69 -17.17
N TYR D 39 40.44 -6.06 -16.88
CA TYR D 39 40.03 -4.83 -17.54
C TYR D 39 40.21 -3.65 -16.59
N ASP D 40 40.65 -2.52 -17.15
CA ASP D 40 40.86 -1.30 -16.38
C ASP D 40 41.02 -0.15 -17.37
N ILE D 41 41.02 1.07 -16.84
CA ILE D 41 41.26 2.27 -17.65
C ILE D 41 42.62 2.88 -17.38
N ASP D 42 43.36 2.39 -16.40
CA ASP D 42 44.71 2.86 -16.10
C ASP D 42 45.67 1.72 -16.44
N GLU D 43 46.10 1.67 -17.70
CA GLU D 43 46.95 0.58 -18.16
C GLU D 43 48.30 0.60 -17.46
N GLU D 44 48.76 1.77 -17.02
CA GLU D 44 50.01 1.84 -16.27
C GLU D 44 49.87 1.18 -14.91
N ARG D 45 48.74 1.43 -14.23
CA ARG D 45 48.51 0.81 -12.93
C ARG D 45 48.15 -0.66 -13.06
N GLN D 46 47.42 -1.03 -14.11
CA GLN D 46 46.97 -2.41 -14.26
C GLN D 46 48.15 -3.34 -14.57
N ASN D 47 49.09 -2.88 -15.39
CA ASN D 47 50.22 -3.73 -15.77
C ASN D 47 51.09 -4.07 -14.57
N LYS D 48 51.19 -3.17 -13.58
CA LYS D 48 51.99 -3.46 -12.41
C LYS D 48 51.31 -4.45 -11.48
N VAL D 49 49.99 -4.31 -11.30
CA VAL D 49 49.24 -5.29 -10.50
C VAL D 49 49.20 -6.62 -11.22
N ALA D 50 49.14 -6.61 -12.55
CA ALA D 50 49.12 -7.85 -13.33
C ALA D 50 50.38 -8.68 -13.12
N LEU D 51 51.49 -8.05 -12.75
CA LEU D 51 52.70 -8.81 -12.43
C LEU D 51 52.48 -9.70 -11.21
N ILE D 52 51.68 -9.22 -10.25
CA ILE D 52 51.35 -10.02 -9.09
C ILE D 52 50.41 -11.15 -9.47
N VAL D 53 49.55 -10.92 -10.46
CA VAL D 53 48.54 -11.91 -10.83
C VAL D 53 49.19 -13.14 -11.47
N LYS D 54 50.01 -12.93 -12.49
CA LYS D 54 50.67 -14.06 -13.15
C LYS D 54 51.58 -14.81 -12.19
N GLU D 55 52.21 -14.11 -11.24
CA GLU D 55 52.97 -14.80 -10.21
C GLU D 55 52.06 -15.57 -9.27
N VAL D 56 50.85 -15.05 -9.02
CA VAL D 56 49.86 -15.81 -8.27
C VAL D 56 49.33 -16.97 -9.12
N ILE D 57 49.22 -16.76 -10.43
CA ILE D 57 48.73 -17.80 -11.33
C ILE D 57 49.69 -18.99 -11.33
N LYS D 58 50.95 -18.73 -11.65
CA LYS D 58 51.92 -19.81 -11.79
C LYS D 58 52.31 -20.46 -10.47
N THR D 59 51.99 -19.83 -9.34
CA THR D 59 52.20 -20.46 -8.03
C THR D 59 50.96 -21.20 -7.54
N GLU D 60 49.87 -21.13 -8.28
CA GLU D 60 48.61 -21.79 -7.91
C GLU D 60 48.05 -22.67 -9.02
N ALA D 61 48.04 -22.16 -10.26
CA ALA D 61 47.51 -22.90 -11.40
C ALA D 61 48.10 -22.34 -12.69
N PRO D 62 49.29 -22.79 -13.10
CA PRO D 62 49.97 -22.17 -14.24
C PRO D 62 49.46 -22.63 -15.60
N GLU D 63 48.20 -23.05 -15.67
CA GLU D 63 47.61 -23.51 -16.92
C GLU D 63 46.44 -22.65 -17.39
N VAL D 64 46.14 -21.56 -16.68
CA VAL D 64 45.06 -20.65 -17.09
C VAL D 64 45.69 -19.46 -17.81
N VAL D 65 44.98 -18.96 -18.82
CA VAL D 65 45.49 -17.89 -19.66
C VAL D 65 45.12 -16.54 -19.04
N LEU D 66 46.09 -15.65 -18.92
CA LEU D 66 45.87 -14.31 -18.41
C LEU D 66 45.85 -13.32 -19.57
N LYS D 67 44.94 -12.35 -19.48
CA LYS D 67 44.80 -11.31 -20.49
C LYS D 67 44.66 -9.96 -19.81
N VAL D 68 45.40 -8.98 -20.31
CA VAL D 68 45.42 -7.62 -19.76
C VAL D 68 45.15 -6.66 -20.91
N THR D 69 43.99 -6.01 -20.89
CA THR D 69 43.61 -5.08 -21.93
C THR D 69 42.89 -3.89 -21.32
N VAL D 70 42.84 -2.80 -22.08
CA VAL D 70 42.05 -1.63 -21.71
C VAL D 70 40.99 -1.29 -22.73
N ASN D 71 40.95 -1.98 -23.86
CA ASN D 71 39.88 -1.78 -24.83
C ASN D 71 38.60 -2.41 -24.31
N PRO D 72 37.51 -1.64 -24.13
CA PRO D 72 36.29 -2.24 -23.57
C PRO D 72 35.68 -3.32 -24.44
N LYS D 73 35.78 -3.18 -25.77
CA LYS D 73 35.27 -4.22 -26.64
C LYS D 73 36.10 -5.50 -26.53
N GLU D 74 37.40 -5.36 -26.29
CA GLU D 74 38.26 -6.54 -26.15
C GLU D 74 37.94 -7.31 -24.88
N ALA D 75 37.73 -6.62 -23.77
CA ALA D 75 37.60 -7.30 -22.48
C ALA D 75 36.22 -7.94 -22.32
N PHE D 76 35.19 -7.36 -22.91
CA PHE D 76 33.82 -7.78 -22.65
C PHE D 76 33.17 -8.50 -23.82
N THR D 77 33.93 -8.84 -24.86
CA THR D 77 33.36 -9.60 -25.98
C THR D 77 33.22 -11.07 -25.57
N ASP D 78 32.01 -11.60 -25.70
CA ASP D 78 31.68 -12.97 -25.31
C ASP D 78 32.01 -13.23 -23.85
N ALA D 79 31.93 -12.20 -23.01
CA ALA D 79 32.20 -12.34 -21.59
C ALA D 79 31.04 -13.01 -20.89
N ASP D 80 31.34 -13.99 -20.05
CA ASP D 80 30.32 -14.73 -19.31
C ASP D 80 30.13 -14.22 -17.88
N TYR D 81 31.19 -13.75 -17.24
CA TYR D 81 31.11 -13.25 -15.87
C TYR D 81 32.05 -12.07 -15.71
N ILE D 82 31.52 -10.94 -15.27
CA ILE D 82 32.27 -9.71 -15.08
C ILE D 82 32.20 -9.35 -13.60
N MSE D 83 33.37 -9.31 -12.95
CA MSE D 83 33.42 -9.02 -11.52
C MSE D 83 33.93 -7.61 -11.29
O MSE D 83 35.13 -7.35 -11.38
CB MSE D 83 34.32 -10.04 -10.83
CG MSE D 83 33.87 -11.47 -11.06
SE MSE D 83 35.20 -12.81 -10.57
CE MSE D 83 35.08 -12.68 -8.64
N ALA D 84 33.01 -6.70 -11.00
CA ALA D 84 33.34 -5.28 -10.93
C ALA D 84 33.88 -4.92 -9.55
N GLN D 85 35.05 -4.30 -9.52
CA GLN D 85 35.66 -3.79 -8.29
C GLN D 85 36.33 -2.46 -8.54
N MSE D 86 35.68 -1.59 -9.31
CA MSE D 86 36.26 -0.31 -9.67
C MSE D 86 36.18 0.69 -8.52
O MSE D 86 35.35 0.55 -7.62
CB MSE D 86 35.56 0.27 -10.91
CG MSE D 86 34.14 0.74 -10.63
SE MSE D 86 33.32 1.63 -12.17
CE MSE D 86 33.37 0.14 -13.44
N ARG D 87 37.05 1.70 -8.57
CA ARG D 87 37.01 2.82 -7.61
C ARG D 87 37.21 4.08 -8.44
N VAL D 88 36.10 4.72 -8.82
CA VAL D 88 36.17 5.93 -9.62
C VAL D 88 36.86 7.03 -8.83
N GLY D 89 37.84 7.68 -9.45
CA GLY D 89 38.66 8.66 -8.77
C GLY D 89 39.85 8.08 -8.04
N GLY D 90 39.88 6.77 -7.82
CA GLY D 90 40.99 6.14 -7.13
C GLY D 90 41.05 6.50 -5.66
N LEU D 91 42.08 5.98 -5.00
CA LEU D 91 42.31 6.27 -3.59
C LEU D 91 42.76 7.71 -3.36
N LYS D 92 43.15 8.43 -4.42
CA LYS D 92 43.58 9.82 -4.30
C LYS D 92 42.39 10.78 -4.19
N MSE D 93 41.17 10.33 -4.48
CA MSE D 93 40.00 11.17 -4.33
C MSE D 93 39.23 10.79 -3.07
O MSE D 93 38.46 11.59 -2.53
CB MSE D 93 39.10 11.08 -5.55
CG MSE D 93 39.65 11.79 -6.79
SE MSE D 93 38.76 13.48 -7.18
CE MSE D 93 39.23 14.48 -5.57
N ARG D 94 39.43 9.55 -2.61
CA ARG D 94 38.85 9.14 -1.34
C ARG D 94 39.42 9.95 -0.19
N VAL D 95 40.74 10.23 -0.23
CA VAL D 95 41.34 11.05 0.80
C VAL D 95 40.79 12.47 0.76
N LYS D 96 40.37 12.93 -0.42
CA LYS D 96 39.80 14.26 -0.53
C LYS D 96 38.35 14.30 -0.08
N ASP D 97 37.60 13.22 -0.29
CA ASP D 97 36.25 13.14 0.23
C ASP D 97 36.24 13.17 1.75
N GLU D 98 37.21 12.50 2.37
CA GLU D 98 37.25 12.44 3.83
C GLU D 98 37.82 13.72 4.44
N GLN D 99 38.73 14.40 3.73
CA GLN D 99 39.26 15.66 4.23
C GLN D 99 38.21 16.77 4.18
N ILE D 100 37.36 16.76 3.15
CA ILE D 100 36.33 17.79 3.02
C ILE D 100 35.27 17.63 4.10
N CYS D 101 34.92 16.39 4.46
CA CYS D 101 33.96 16.18 5.53
C CYS D 101 34.53 16.64 6.87
N LEU D 102 35.79 16.29 7.15
CA LEU D 102 36.43 16.75 8.37
C LEU D 102 36.74 18.24 8.33
N LYS D 103 36.75 18.85 7.15
CA LYS D 103 36.85 20.31 7.07
C LYS D 103 35.64 20.98 7.71
N HIS D 104 34.48 20.33 7.67
CA HIS D 104 33.25 20.87 8.24
C HIS D 104 32.81 20.14 9.48
N GLY D 105 33.65 19.27 10.04
CA GLY D 105 33.29 18.56 11.26
C GLY D 105 32.27 17.46 11.07
N CYS D 106 32.22 16.85 9.89
CA CYS D 106 31.30 15.77 9.61
C CYS D 106 32.05 14.46 9.42
N VAL D 107 31.29 13.38 9.28
CA VAL D 107 31.88 12.05 9.16
C VAL D 107 32.60 11.93 7.82
N GLY D 108 33.91 11.76 7.86
CA GLY D 108 34.69 11.55 6.66
C GLY D 108 34.95 10.07 6.39
N GLN D 109 33.98 9.40 5.78
CA GLN D 109 34.06 7.97 5.54
C GLN D 109 33.92 7.68 4.05
N GLU D 110 34.37 6.49 3.65
CA GLU D 110 34.35 6.11 2.25
C GLU D 110 32.93 5.95 1.73
N THR D 111 32.03 5.39 2.55
CA THR D 111 30.69 5.04 2.09
C THR D 111 29.56 5.64 2.92
N CYS D 112 29.84 6.27 4.06
CA CYS D 112 28.81 6.80 4.93
C CYS D 112 29.01 8.30 5.10
N GLY D 113 27.96 9.06 4.86
CA GLY D 113 28.00 10.50 4.97
C GLY D 113 28.22 11.18 3.64
N ALA D 114 28.77 12.39 3.71
CA ALA D 114 29.07 13.15 2.50
C ALA D 114 30.17 12.49 1.68
N GLY D 115 31.12 11.82 2.35
CA GLY D 115 32.17 11.12 1.63
C GLY D 115 31.62 9.96 0.80
N GLY D 116 30.58 9.30 1.31
CA GLY D 116 29.97 8.21 0.59
C GLY D 116 29.09 8.68 -0.56
N MSE D 117 28.31 9.72 -0.30
CA MSE D 117 27.46 10.31 -1.34
C MSE D 117 28.29 10.88 -2.47
O MSE D 117 27.94 10.74 -3.65
CB MSE D 117 26.57 11.41 -0.74
CG MSE D 117 25.46 10.87 0.16
SE MSE D 117 24.24 12.25 0.77
CE MSE D 117 25.44 13.26 1.92
N THR D 118 29.41 11.51 -2.12
CA THR D 118 30.33 12.03 -3.14
C THR D 118 30.94 10.90 -3.95
N TYR D 119 31.36 9.83 -3.27
CA TYR D 119 31.89 8.67 -3.98
C TYR D 119 30.81 8.03 -4.84
N GLY D 120 29.58 7.96 -4.34
CA GLY D 120 28.51 7.36 -5.12
C GLY D 120 28.22 8.11 -6.40
N MSE D 121 28.33 9.43 -6.37
CA MSE D 121 28.05 10.26 -7.54
C MSE D 121 29.13 10.10 -8.61
O MSE D 121 28.93 10.48 -9.76
CB MSE D 121 27.92 11.73 -7.14
CG MSE D 121 26.67 12.03 -6.33
SE MSE D 121 25.45 13.21 -7.29
CE MSE D 121 25.63 12.44 -9.07
N ARG D 122 30.27 9.53 -8.23
CA ARG D 122 31.33 9.24 -9.20
C ARG D 122 31.17 7.88 -9.85
N THR D 123 30.48 6.95 -9.20
CA THR D 123 30.41 5.57 -9.67
C THR D 123 29.12 5.25 -10.44
N ILE D 124 28.14 6.15 -10.44
CA ILE D 124 26.85 5.85 -11.04
C ILE D 124 27.00 5.60 -12.55
N TYR D 125 27.42 6.63 -13.28
CA TYR D 125 27.47 6.54 -14.74
C TYR D 125 28.58 5.62 -15.25
N PRO D 126 29.76 5.57 -14.60
CA PRO D 126 30.72 4.51 -14.97
C PRO D 126 30.15 3.10 -14.82
N MSE D 127 29.26 2.90 -13.87
CA MSE D 127 28.60 1.60 -13.70
C MSE D 127 27.59 1.36 -14.80
O MSE D 127 27.48 0.24 -15.31
CB MSE D 127 27.92 1.51 -12.34
CG MSE D 127 28.80 0.90 -11.27
SE MSE D 127 29.27 -0.93 -11.72
CE MSE D 127 30.99 -1.01 -10.83
N VAL D 128 26.87 2.40 -15.18
CA VAL D 128 25.91 2.29 -16.28
C VAL D 128 26.63 1.95 -17.57
N GLN D 129 27.82 2.51 -17.78
CA GLN D 129 28.58 2.21 -18.99
C GLN D 129 29.09 0.78 -18.99
N LEU D 130 29.44 0.25 -17.82
CA LEU D 130 29.80 -1.16 -17.72
C LEU D 130 28.63 -2.05 -18.08
N ILE D 131 27.41 -1.65 -17.71
CA ILE D 131 26.22 -2.41 -18.06
C ILE D 131 26.01 -2.39 -19.57
N ASP D 132 26.10 -1.20 -20.19
CA ASP D 132 25.90 -1.10 -21.62
C ASP D 132 27.03 -1.70 -22.42
N TYR D 133 28.21 -1.87 -21.80
CA TYR D 133 29.29 -2.60 -22.47
C TYR D 133 28.96 -4.08 -22.59
N CYS D 134 28.40 -4.67 -21.53
CA CYS D 134 28.12 -6.10 -21.53
C CYS D 134 26.84 -6.45 -22.28
N GLU D 135 25.89 -5.51 -22.34
CA GLU D 135 24.62 -5.80 -23.02
C GLU D 135 24.80 -5.99 -24.51
N GLU D 136 25.87 -5.46 -25.10
CA GLU D 136 26.13 -5.57 -26.52
C GLU D 136 27.29 -6.49 -26.87
N TYR D 137 28.31 -6.56 -26.02
CA TYR D 137 29.51 -7.35 -26.29
C TYR D 137 29.52 -8.70 -25.58
N ALA D 138 29.06 -8.75 -24.34
CA ALA D 138 29.15 -9.98 -23.56
C ALA D 138 28.08 -10.97 -24.00
N SER D 139 28.16 -12.17 -23.42
CA SER D 139 27.16 -13.20 -23.69
C SER D 139 25.78 -12.73 -23.25
N LYS D 140 24.75 -13.23 -23.93
CA LYS D 140 23.39 -12.81 -23.62
C LYS D 140 22.90 -13.29 -22.27
N LYS D 141 23.62 -14.21 -21.61
CA LYS D 141 23.29 -14.64 -20.27
C LYS D 141 24.38 -14.26 -19.28
N TYR D 142 25.14 -13.21 -19.58
CA TYR D 142 26.23 -12.76 -18.73
C TYR D 142 25.72 -12.42 -17.33
N TRP D 143 26.66 -12.32 -16.39
CA TRP D 143 26.35 -11.93 -15.02
C TRP D 143 27.42 -10.99 -14.51
N ILE D 144 27.01 -9.82 -14.03
CA ILE D 144 27.91 -8.84 -13.43
C ILE D 144 27.76 -8.94 -11.92
N VAL D 145 28.77 -9.47 -11.24
CA VAL D 145 28.79 -9.55 -9.79
C VAL D 145 29.54 -8.31 -9.30
N ASN D 146 28.79 -7.27 -8.95
CA ASN D 146 29.35 -5.99 -8.56
C ASN D 146 29.43 -5.90 -7.04
N TYR D 147 30.62 -5.61 -6.53
CA TYR D 147 30.82 -5.37 -5.10
C TYR D 147 31.62 -4.09 -4.86
N SER D 148 31.66 -3.18 -5.83
CA SER D 148 32.37 -1.93 -5.70
C SER D 148 31.49 -0.89 -5.02
N ASN D 149 32.04 -0.24 -4.00
CA ASN D 149 31.34 0.75 -3.21
C ASN D 149 31.18 2.06 -3.97
N PRO D 150 30.19 2.89 -3.60
CA PRO D 150 29.13 2.60 -2.63
C PRO D 150 28.02 1.73 -3.21
N ALA D 151 27.89 0.51 -2.70
CA ALA D 151 26.93 -0.44 -3.27
C ALA D 151 25.49 0.03 -3.11
N ALA D 152 25.20 0.76 -2.02
CA ALA D 152 23.83 1.21 -1.80
C ALA D 152 23.40 2.23 -2.84
N ILE D 153 24.27 3.18 -3.17
CA ILE D 153 23.92 4.20 -4.15
C ILE D 153 24.01 3.63 -5.57
N VAL D 154 24.97 2.74 -5.82
CA VAL D 154 25.13 2.17 -7.15
C VAL D 154 23.96 1.26 -7.50
N ALA D 155 23.56 0.39 -6.55
CA ALA D 155 22.48 -0.54 -6.83
C ALA D 155 21.16 0.18 -7.09
N LYS D 156 20.89 1.25 -6.34
CA LYS D 156 19.66 2.01 -6.57
C LYS D 156 19.72 2.77 -7.87
N ALA D 157 20.87 3.36 -8.21
CA ALA D 157 20.98 4.11 -9.45
C ALA D 157 20.97 3.19 -10.66
N THR D 158 21.68 2.07 -10.59
CA THR D 158 21.73 1.17 -11.74
C THR D 158 20.40 0.46 -11.97
N TYR D 159 19.64 0.21 -10.91
CA TYR D 159 18.35 -0.45 -11.10
C TYR D 159 17.32 0.47 -11.72
N LYS D 160 17.36 1.77 -11.40
CA LYS D 160 16.43 2.70 -12.02
C LYS D 160 16.87 3.04 -13.45
N LEU D 161 18.18 3.17 -13.67
CA LEU D 161 18.67 3.50 -15.00
C LEU D 161 18.70 2.28 -15.91
N ARG D 162 19.12 1.12 -15.40
CA ARG D 162 19.16 -0.12 -16.17
C ARG D 162 18.39 -1.19 -15.40
N PRO D 163 17.07 -1.20 -15.52
CA PRO D 163 16.29 -2.21 -14.78
C PRO D 163 16.55 -3.63 -15.23
N LYS D 164 16.80 -3.85 -16.52
CA LYS D 164 17.03 -5.19 -17.06
C LYS D 164 18.48 -5.61 -16.99
N ALA D 165 19.30 -4.93 -16.18
CA ALA D 165 20.71 -5.26 -16.08
C ALA D 165 20.89 -6.56 -15.31
N ARG D 166 21.66 -7.49 -15.89
CA ARG D 166 21.99 -8.75 -15.24
C ARG D 166 23.15 -8.51 -14.27
N ILE D 167 22.82 -7.87 -13.15
CA ILE D 167 23.80 -7.44 -12.17
C ILE D 167 23.39 -7.97 -10.79
N ILE D 168 24.40 -8.24 -9.97
CA ILE D 168 24.21 -8.68 -8.59
C ILE D 168 25.11 -7.84 -7.70
N ASN D 169 24.52 -7.08 -6.79
CA ASN D 169 25.26 -6.19 -5.91
C ASN D 169 25.40 -6.85 -4.54
N ILE D 170 26.64 -7.04 -4.10
CA ILE D 170 26.94 -7.71 -2.84
C ILE D 170 27.91 -6.84 -2.04
N CYS D 171 28.21 -7.30 -0.82
CA CYS D 171 29.13 -6.60 0.07
C CYS D 171 29.62 -7.59 1.11
N ASP D 172 30.92 -7.53 1.41
CA ASP D 172 31.54 -8.50 2.32
C ASP D 172 31.49 -8.07 3.78
N MSE D 173 31.09 -6.83 4.07
CA MSE D 173 30.99 -6.36 5.45
C MSE D 173 30.02 -7.20 6.29
O MSE D 173 30.34 -7.53 7.44
CB MSE D 173 30.59 -4.88 5.48
CG MSE D 173 30.48 -4.28 6.88
SE MSE D 173 32.19 -3.85 7.71
CE MSE D 173 32.52 -5.53 8.67
N PRO D 174 28.84 -7.54 5.76
CA PRO D 174 28.00 -8.51 6.48
C PRO D 174 28.66 -9.87 6.64
N VAL D 175 29.52 -10.26 5.69
CA VAL D 175 30.23 -11.52 5.81
C VAL D 175 31.40 -11.39 6.78
N GLU D 176 32.05 -10.24 6.83
CA GLU D 176 33.13 -10.03 7.79
C GLU D 176 32.62 -10.08 9.22
N ILE D 177 31.44 -9.51 9.46
CA ILE D 177 30.83 -9.61 10.79
C ILE D 177 30.48 -11.06 11.10
N GLU D 178 29.95 -11.78 10.11
CA GLU D 178 29.68 -13.20 10.30
C GLU D 178 30.96 -13.99 10.57
N ALA D 179 32.11 -13.50 10.09
CA ALA D 179 33.37 -14.16 10.39
C ALA D 179 33.77 -13.93 11.84
N ARG D 180 33.62 -12.69 12.32
CA ARG D 180 33.95 -12.40 13.72
C ARG D 180 32.97 -13.04 14.67
N MSE D 181 31.72 -13.22 14.24
CA MSE D 181 30.71 -13.90 15.04
C MSE D 181 31.09 -15.37 15.25
O MSE D 181 30.97 -15.89 16.36
CB MSE D 181 29.34 -13.83 14.38
CG MSE D 181 28.64 -12.48 14.52
SE MSE D 181 26.98 -12.41 13.51
CE MSE D 181 26.28 -10.72 14.17
N ALA D 182 31.54 -16.02 14.18
CA ALA D 182 31.95 -17.42 14.27
C ALA D 182 33.15 -17.60 15.20
N GLU D 183 34.06 -16.62 15.22
CA GLU D 183 35.21 -16.71 16.11
C GLU D 183 34.78 -16.56 17.56
N ILE D 184 33.69 -15.84 17.83
CA ILE D 184 33.20 -15.70 19.19
C ILE D 184 32.57 -17.01 19.67
N LEU D 185 31.91 -17.72 18.78
CA LEU D 185 31.16 -18.93 19.12
C LEU D 185 31.95 -20.21 18.92
N ASP D 186 33.20 -20.13 18.46
CA ASP D 186 34.00 -21.28 18.09
C ASP D 186 33.25 -22.14 17.06
N CYS D 187 32.86 -21.48 15.97
CA CYS D 187 32.07 -22.09 14.92
C CYS D 187 32.78 -21.94 13.58
N LYS D 188 32.63 -22.94 12.73
CA LYS D 188 33.13 -22.84 11.37
C LYS D 188 32.29 -21.84 10.58
N LEU D 189 32.96 -21.03 9.75
CA LEU D 189 32.27 -19.95 9.07
C LEU D 189 31.18 -20.46 8.13
N GLU D 190 31.38 -21.62 7.53
CA GLU D 190 30.38 -22.16 6.62
C GLU D 190 29.14 -22.66 7.35
N ASP D 191 29.22 -22.89 8.65
CA ASP D 191 28.09 -23.36 9.44
C ASP D 191 27.28 -22.23 10.05
N ILE D 192 27.72 -20.98 9.91
CA ILE D 192 26.98 -19.85 10.45
C ILE D 192 26.05 -19.31 9.37
N GLU D 193 24.91 -18.80 9.80
CA GLU D 193 23.90 -18.25 8.90
C GLU D 193 22.99 -17.34 9.71
N SER D 194 22.66 -16.18 9.13
CA SER D 194 21.93 -15.16 9.87
C SER D 194 20.81 -14.58 9.02
N ASP D 195 19.78 -14.10 9.69
CA ASP D 195 18.73 -13.31 9.06
C ASP D 195 19.06 -11.83 9.18
N TYR D 196 18.82 -11.09 8.10
CA TYR D 196 19.35 -9.74 7.97
C TYR D 196 18.37 -8.90 7.15
N PHE D 197 18.32 -7.60 7.46
CA PHE D 197 17.50 -6.67 6.69
C PHE D 197 18.07 -5.27 6.84
N GLY D 198 17.80 -4.43 5.83
CA GLY D 198 18.23 -3.06 5.82
C GLY D 198 18.91 -2.69 4.52
N LEU D 199 19.38 -1.46 4.45
CA LEU D 199 20.16 -1.01 3.31
C LEU D 199 21.61 -1.47 3.46
N ASN D 200 22.37 -1.34 2.37
CA ASN D 200 23.78 -1.70 2.42
C ASN D 200 24.52 -0.79 3.38
N HIS D 201 25.32 -1.39 4.27
CA HIS D 201 25.99 -0.66 5.34
C HIS D 201 24.97 0.08 6.22
N TYR D 202 23.80 -0.54 6.41
CA TYR D 202 22.70 0.11 7.11
C TYR D 202 21.66 -0.92 7.54
N GLY D 203 22.12 -2.09 8.02
CA GLY D 203 21.22 -3.17 8.35
C GLY D 203 21.42 -3.72 9.74
N TRP D 204 20.71 -4.81 10.05
CA TRP D 204 20.71 -5.41 11.37
C TRP D 204 20.64 -6.92 11.26
N PHE D 205 21.22 -7.62 12.23
CA PHE D 205 21.14 -9.07 12.34
C PHE D 205 20.03 -9.43 13.31
N THR D 206 18.93 -9.98 12.78
CA THR D 206 17.80 -10.32 13.62
C THR D 206 18.00 -11.67 14.31
N HIS D 207 18.49 -12.67 13.59
CA HIS D 207 18.74 -13.99 14.12
C HIS D 207 20.03 -14.54 13.53
N VAL D 208 20.85 -15.16 14.37
CA VAL D 208 22.09 -15.81 13.95
C VAL D 208 22.09 -17.23 14.50
N ARG D 209 22.51 -18.18 13.68
CA ARG D 209 22.53 -19.58 14.08
C ARG D 209 23.76 -20.27 13.50
N CYS D 210 24.38 -21.11 14.32
CA CYS D 210 25.53 -21.92 13.91
C CYS D 210 25.14 -23.39 14.02
N LYS D 211 25.27 -24.12 12.91
CA LYS D 211 24.86 -25.52 12.82
C LYS D 211 23.38 -25.70 13.16
N GLY D 212 22.56 -24.71 12.81
CA GLY D 212 21.13 -24.76 13.05
C GLY D 212 20.68 -24.21 14.38
N VAL D 213 21.54 -24.20 15.40
CA VAL D 213 21.15 -23.74 16.73
C VAL D 213 21.25 -22.23 16.79
N ASP D 214 20.16 -21.58 17.19
CA ASP D 214 20.13 -20.12 17.30
C ASP D 214 21.08 -19.67 18.41
N VAL D 215 21.93 -18.70 18.10
CA VAL D 215 22.96 -18.23 19.02
C VAL D 215 22.90 -16.72 19.17
N THR D 216 21.73 -16.13 18.90
CA THR D 216 21.61 -14.69 18.94
C THR D 216 21.80 -14.15 20.35
N ASP D 217 21.18 -14.79 21.34
CA ASP D 217 21.28 -14.31 22.72
C ASP D 217 22.70 -14.44 23.26
N LYS D 218 23.38 -15.55 22.95
CA LYS D 218 24.76 -15.70 23.40
C LYS D 218 25.68 -14.70 22.71
N LEU D 219 25.40 -14.36 21.46
CA LEU D 219 26.21 -13.38 20.74
C LEU D 219 26.05 -11.99 21.37
N LYS D 220 24.82 -11.49 21.44
CA LYS D 220 24.59 -10.14 21.94
C LYS D 220 25.01 -9.99 23.39
N GLU D 221 25.10 -11.09 24.15
CA GLU D 221 25.72 -11.01 25.47
C GLU D 221 27.19 -10.64 25.36
N HIS D 222 27.90 -11.26 24.41
CA HIS D 222 29.33 -10.97 24.22
C HIS D 222 29.54 -9.66 23.49
N VAL D 223 28.71 -9.36 22.49
CA VAL D 223 28.90 -8.16 21.69
C VAL D 223 28.62 -6.90 22.51
N ARG D 224 27.72 -6.99 23.50
CA ARG D 224 27.48 -5.83 24.35
C ARG D 224 28.64 -5.53 25.29
N LYS D 225 29.54 -6.48 25.49
CA LYS D 225 30.69 -6.30 26.38
C LYS D 225 31.96 -5.94 25.64
N TYR D 226 32.33 -6.72 24.62
CA TYR D 226 33.58 -6.52 23.88
C TYR D 226 33.35 -6.16 22.42
N GLY D 227 32.10 -5.95 22.01
CA GLY D 227 31.86 -5.72 20.61
C GLY D 227 32.01 -7.01 19.82
N TYR D 228 32.21 -6.86 18.51
CA TYR D 228 32.48 -8.01 17.66
C TYR D 228 33.90 -8.53 17.81
N VAL D 229 34.75 -7.83 18.57
CA VAL D 229 36.11 -8.32 18.82
C VAL D 229 36.05 -9.46 19.84
N SER D 230 36.88 -10.46 19.62
CA SER D 230 37.01 -11.60 20.53
C SER D 230 38.46 -11.73 20.97
N GLU D 231 38.68 -12.64 21.91
CA GLU D 231 40.04 -12.88 22.40
C GLU D 231 40.90 -13.59 21.37
N ALA D 232 40.27 -14.38 20.50
CA ALA D 232 41.01 -15.09 19.45
C ALA D 232 40.99 -14.28 18.14
N THR D 247 36.64 0.30 15.84
CA THR D 247 35.57 0.08 14.87
C THR D 247 34.69 -1.09 15.29
N PHE D 248 35.32 -2.25 15.57
CA PHE D 248 34.55 -3.40 16.02
C PHE D 248 34.09 -3.24 17.46
N LYS D 249 35.00 -2.77 18.33
CA LYS D 249 34.67 -2.62 19.75
C LYS D 249 33.65 -1.52 19.99
N ASN D 250 33.48 -0.61 19.02
CA ASN D 250 32.54 0.50 19.19
C ASN D 250 31.09 0.04 19.10
N SER D 251 30.83 -1.13 18.53
CA SER D 251 29.47 -1.63 18.38
C SER D 251 28.88 -2.15 19.69
N ALA D 252 29.65 -2.15 20.78
CA ALA D 252 29.11 -2.59 22.06
C ALA D 252 28.09 -1.59 22.60
N LEU D 253 28.26 -0.30 22.30
CA LEU D 253 27.30 0.70 22.76
C LEU D 253 26.00 0.60 21.97
N ILE D 254 26.09 0.38 20.66
CA ILE D 254 24.89 0.30 19.82
C ILE D 254 24.07 -0.94 20.17
N SER D 255 24.74 -2.07 20.41
CA SER D 255 24.03 -3.29 20.75
C SER D 255 23.43 -3.23 22.15
N SER D 256 23.91 -2.33 23.01
CA SER D 256 23.40 -2.20 24.36
C SER D 256 22.23 -1.22 24.46
N MSE D 257 22.26 -0.15 23.68
CA MSE D 257 21.19 0.84 23.71
C MSE D 257 19.93 0.34 23.00
O MSE D 257 18.81 0.73 23.34
CB MSE D 257 21.65 2.15 23.07
CG MSE D 257 22.63 2.95 23.92
SE MSE D 257 23.14 4.64 23.09
CE MSE D 257 24.12 5.42 24.60
N PHE D 258 20.12 -0.52 21.99
CA PHE D 258 19.03 -1.10 21.23
C PHE D 258 19.19 -2.61 21.25
N THR D 259 18.29 -3.29 21.97
CA THR D 259 18.48 -4.68 22.34
C THR D 259 17.80 -5.67 21.41
N ASP D 260 17.14 -5.19 20.35
CA ASP D 260 16.41 -6.11 19.48
C ASP D 260 17.36 -6.95 18.63
N TYR D 261 18.16 -6.30 17.80
CA TYR D 261 18.98 -6.98 16.81
C TYR D 261 20.46 -6.70 17.05
N LEU D 262 21.31 -7.48 16.39
CA LEU D 262 22.74 -7.24 16.38
C LEU D 262 23.07 -6.27 15.26
N PRO D 263 23.70 -5.13 15.54
CA PRO D 263 23.82 -4.08 14.53
C PRO D 263 24.97 -4.31 13.56
N ASN D 264 24.82 -3.76 12.37
CA ASN D 264 25.94 -3.65 11.45
C ASN D 264 26.94 -2.64 12.00
N THR D 265 28.23 -2.91 11.73
CA THR D 265 29.28 -2.06 12.29
C THR D 265 29.21 -0.64 11.77
N TYR D 266 28.68 -0.45 10.55
CA TYR D 266 28.62 0.88 9.95
C TYR D 266 27.65 1.81 10.66
N TRP D 267 26.88 1.34 11.64
CA TRP D 267 26.00 2.21 12.38
C TRP D 267 26.74 3.16 13.32
N GLN D 268 28.05 3.01 13.47
CA GLN D 268 28.82 3.92 14.30
C GLN D 268 28.95 5.30 13.67
N TYR D 269 28.68 5.42 12.37
CA TYR D 269 28.74 6.72 11.70
C TYR D 269 27.40 7.43 11.69
N TYR D 270 26.29 6.70 11.68
CA TYR D 270 24.97 7.30 11.66
C TYR D 270 24.41 7.54 13.06
N LEU D 271 24.63 6.59 13.97
CA LEU D 271 24.08 6.71 15.33
C LEU D 271 24.99 7.51 16.24
N MSE D 272 26.29 7.56 15.95
CA MSE D 272 27.21 8.36 16.75
C MSE D 272 28.21 9.07 15.85
O MSE D 272 29.40 8.74 15.85
CB MSE D 272 27.92 7.49 17.79
CG MSE D 272 28.19 6.06 17.33
SE MSE D 272 28.32 4.81 18.82
CE MSE D 272 29.79 5.64 19.80
N PRO D 273 27.74 10.06 15.07
CA PRO D 273 28.62 10.71 14.08
C PRO D 273 29.67 11.60 14.69
N ASP D 274 29.27 12.48 15.61
CA ASP D 274 30.21 13.41 16.22
C ASP D 274 31.27 12.68 17.04
N SER D 275 30.95 11.49 17.55
CA SER D 275 31.96 10.71 18.26
C SER D 275 33.04 10.22 17.31
N ILE D 276 32.69 9.93 16.06
CA ILE D 276 33.68 9.52 15.07
C ILE D 276 34.55 10.70 14.66
N VAL D 277 33.97 11.90 14.59
CA VAL D 277 34.72 13.08 14.17
C VAL D 277 35.85 13.38 15.15
N ASP D 278 35.59 13.21 16.44
CA ASP D 278 36.64 13.38 17.44
C ASP D 278 37.71 12.30 17.34
N TYR D 279 37.35 11.13 16.80
CA TYR D 279 38.31 10.04 16.68
C TYR D 279 39.16 10.16 15.42
N MSE D 280 38.63 10.79 14.37
CA MSE D 280 39.34 10.89 13.11
C MSE D 280 40.31 12.05 13.05
O MSE D 280 40.00 13.16 13.49
CB MSE D 280 38.33 11.00 11.95
CG MSE D 280 37.65 9.68 11.61
SE MSE D 280 36.50 9.83 10.04
CE MSE D 280 36.13 7.92 9.77
N ASP D 281 41.50 11.80 12.50
CA ASP D 281 42.52 12.82 12.30
C ASP D 281 42.49 13.27 10.85
N ILE D 282 42.35 14.58 10.64
CA ILE D 282 42.22 15.10 9.28
C ILE D 282 43.53 15.00 8.51
N ASN D 283 44.67 15.16 9.21
CA ASN D 283 45.96 15.09 8.53
C ASN D 283 46.29 13.66 8.11
N ASN D 284 45.73 12.66 8.79
CA ASN D 284 45.92 11.25 8.47
C ASN D 284 44.55 10.59 8.47
N THR D 285 43.87 10.61 7.32
CA THR D 285 42.55 10.02 7.20
C THR D 285 42.68 8.51 6.97
N ARG D 286 41.53 7.84 6.93
CA ARG D 286 41.52 6.40 6.66
C ARG D 286 42.04 6.10 5.27
N GLY D 287 41.71 6.95 4.29
CA GLY D 287 42.21 6.76 2.94
C GLY D 287 43.70 6.89 2.81
N MSE D 288 44.37 7.50 3.79
CA MSE D 288 45.82 7.62 3.77
C MSE D 288 46.47 6.44 4.48
O MSE D 288 47.62 6.09 4.21
CB MSE D 288 46.25 8.94 4.42
CG MSE D 288 45.82 10.16 3.64
SE MSE D 288 45.86 11.80 4.69
CE MSE D 288 45.01 12.99 3.40
N GLN D 289 45.71 5.81 5.37
CA GLN D 289 46.19 4.59 6.02
C GLN D 289 46.32 3.46 5.00
N VAL D 290 45.42 3.40 4.02
CA VAL D 290 45.51 2.39 2.98
C VAL D 290 46.52 2.80 1.90
N ILE D 291 46.71 4.10 1.70
CA ILE D 291 47.74 4.56 0.76
C ILE D 291 49.11 4.09 1.22
N ASN D 292 49.46 4.37 2.48
CA ASN D 292 50.71 3.91 3.06
C ASN D 292 50.56 2.58 3.78
N GLY D 293 49.58 1.76 3.37
CA GLY D 293 49.36 0.46 3.98
C GLY D 293 49.12 -0.63 2.97
N ARG D 294 47.87 -0.80 2.54
CA ARG D 294 47.55 -1.88 1.62
C ARG D 294 48.02 -1.56 0.20
N GLU D 295 47.74 -0.34 -0.27
CA GLU D 295 48.10 0.03 -1.64
C GLU D 295 49.61 0.04 -1.84
N LYS D 296 50.37 0.49 -0.83
CA LYS D 296 51.82 0.57 -0.99
C LYS D 296 52.46 -0.81 -0.95
N ARG D 297 51.86 -1.76 -0.24
CA ARG D 297 52.36 -3.12 -0.24
C ARG D 297 52.12 -3.84 -1.56
N ILE D 298 51.16 -3.37 -2.36
CA ILE D 298 50.92 -3.97 -3.67
C ILE D 298 51.94 -3.47 -4.68
N PHE D 299 52.25 -2.17 -4.66
CA PHE D 299 53.19 -1.61 -5.63
C PHE D 299 54.63 -1.98 -5.30
N LYS D 300 54.98 -2.04 -4.01
CA LYS D 300 56.31 -2.53 -3.64
C LYS D 300 56.49 -3.99 -4.00
N ALA D 301 55.42 -4.79 -3.89
CA ALA D 301 55.49 -6.18 -4.31
C ALA D 301 55.69 -6.28 -5.82
N ALA D 302 54.97 -5.47 -6.59
CA ALA D 302 55.19 -5.43 -8.04
C ALA D 302 56.56 -4.89 -8.38
N GLU D 303 57.08 -3.95 -7.58
CA GLU D 303 58.44 -3.47 -7.78
C GLU D 303 59.46 -4.56 -7.50
N ASP D 304 59.28 -5.30 -6.41
CA ASP D 304 60.21 -6.38 -6.09
C ASP D 304 60.12 -7.52 -7.10
N ILE D 305 58.94 -7.71 -7.72
CA ILE D 305 58.82 -8.68 -8.79
C ILE D 305 59.61 -8.24 -10.01
N ARG D 306 59.57 -6.95 -10.33
CA ARG D 306 60.31 -6.44 -11.48
C ARG D 306 61.81 -6.53 -11.26
N GLU D 307 62.26 -6.49 -10.00
CA GLU D 307 63.68 -6.61 -9.68
C GLU D 307 64.09 -8.04 -9.35
N GLY D 308 63.18 -9.00 -9.46
CA GLY D 308 63.50 -10.40 -9.21
C GLY D 308 63.52 -10.81 -7.75
N LYS D 309 63.30 -9.89 -6.82
CA LYS D 309 63.27 -10.23 -5.41
C LYS D 309 62.10 -11.17 -5.12
N PRO D 310 62.32 -12.22 -4.33
CA PRO D 310 61.20 -13.10 -3.96
C PRO D 310 60.12 -12.33 -3.21
N VAL D 311 58.87 -12.52 -3.63
CA VAL D 311 57.74 -11.80 -3.07
C VAL D 311 56.90 -12.77 -2.25
N ASP D 312 56.26 -12.23 -1.21
CA ASP D 312 55.33 -12.99 -0.39
C ASP D 312 53.92 -12.76 -0.95
N LEU D 313 53.35 -13.79 -1.57
CA LEU D 313 52.01 -13.68 -2.14
C LEU D 313 50.92 -14.00 -1.14
N GLN D 314 51.26 -14.43 0.08
CA GLN D 314 50.25 -14.75 1.07
C GLN D 314 49.70 -13.52 1.77
N GLN D 315 50.39 -12.38 1.70
CA GLN D 315 49.89 -11.16 2.32
C GLN D 315 48.62 -10.67 1.64
N PHE D 316 48.40 -11.03 0.38
CA PHE D 316 47.19 -10.64 -0.33
C PHE D 316 46.09 -11.69 -0.25
N TYR D 317 46.42 -12.92 0.16
CA TYR D 317 45.45 -14.00 0.24
C TYR D 317 44.56 -13.91 1.47
N VAL D 318 44.70 -12.87 2.27
CA VAL D 318 43.95 -12.73 3.51
C VAL D 318 42.52 -12.27 3.21
N GLY D 319 41.60 -12.69 4.04
CA GLY D 319 40.25 -12.15 4.02
C GLY D 319 39.25 -13.12 3.43
N VAL D 320 38.01 -13.03 3.94
CA VAL D 320 36.88 -13.74 3.36
C VAL D 320 36.27 -12.86 2.28
N HIS D 321 37.00 -11.80 1.91
CA HIS D 321 36.55 -10.87 0.89
C HIS D 321 36.36 -11.57 -0.45
N GLY D 322 37.42 -12.22 -0.94
CA GLY D 322 37.36 -12.82 -2.26
C GLY D 322 36.56 -14.11 -2.29
N LYS D 323 36.65 -14.91 -1.22
CA LYS D 323 35.95 -16.20 -1.18
C LYS D 323 34.43 -16.03 -1.22
N PHE D 324 33.92 -14.89 -0.73
CA PHE D 324 32.49 -14.66 -0.76
C PHE D 324 32.00 -14.31 -2.16
N ILE D 325 32.80 -13.54 -2.91
CA ILE D 325 32.39 -13.14 -4.25
C ILE D 325 32.48 -14.33 -5.20
N VAL D 326 33.46 -15.20 -5.02
CA VAL D 326 33.59 -16.38 -5.87
C VAL D 326 32.43 -17.34 -5.62
N LYS D 327 31.98 -17.43 -4.37
CA LYS D 327 30.86 -18.32 -4.04
C LYS D 327 29.59 -17.90 -4.76
N VAL D 328 29.37 -16.60 -4.89
CA VAL D 328 28.19 -16.12 -5.60
C VAL D 328 28.30 -16.44 -7.10
N VAL D 329 29.49 -16.34 -7.65
CA VAL D 329 29.69 -16.66 -9.06
C VAL D 329 29.50 -18.16 -9.29
N GLU D 330 30.07 -18.99 -8.41
CA GLU D 330 29.91 -20.44 -8.55
C GLU D 330 28.45 -20.84 -8.42
N SER D 331 27.69 -20.16 -7.56
CA SER D 331 26.27 -20.46 -7.43
C SER D 331 25.50 -20.03 -8.67
N LEU D 332 25.96 -18.98 -9.36
CA LEU D 332 25.33 -18.58 -10.62
C LEU D 332 25.61 -19.59 -11.72
N ILE D 333 26.78 -20.25 -11.68
CA ILE D 333 27.16 -21.17 -12.73
C ILE D 333 26.34 -22.46 -12.64
N HIS D 334 26.45 -23.15 -11.51
CA HIS D 334 25.90 -24.49 -11.35
C HIS D 334 24.56 -24.49 -10.63
N ASP D 335 23.97 -23.33 -10.38
CA ASP D 335 22.63 -23.21 -9.79
C ASP D 335 22.56 -23.94 -8.45
N GLU D 336 23.37 -23.46 -7.50
CA GLU D 336 23.58 -24.15 -6.23
C GLU D 336 22.68 -23.65 -5.12
N ARG D 337 21.89 -22.60 -5.36
CA ARG D 337 20.93 -22.08 -4.37
C ARG D 337 21.62 -21.62 -3.10
N SER D 338 22.76 -20.92 -3.25
CA SER D 338 23.50 -20.43 -2.10
C SER D 338 22.78 -19.23 -1.50
N ARG D 339 22.44 -19.32 -0.21
CA ARG D 339 21.73 -18.25 0.48
C ARG D 339 22.75 -17.20 0.93
N GLN D 340 22.65 -16.00 0.36
CA GLN D 340 23.56 -14.91 0.68
C GLN D 340 22.77 -13.64 0.91
N LEU D 341 23.42 -12.67 1.57
CA LEU D 341 22.84 -11.35 1.81
C LEU D 341 23.13 -10.50 0.58
N VAL D 342 22.12 -10.30 -0.26
CA VAL D 342 22.27 -9.65 -1.55
C VAL D 342 21.37 -8.42 -1.59
N ILE D 343 21.90 -7.34 -2.16
CA ILE D 343 21.13 -6.11 -2.35
C ILE D 343 20.20 -6.31 -3.54
N VAL D 344 18.91 -6.21 -3.31
CA VAL D 344 17.91 -6.46 -4.35
C VAL D 344 16.85 -5.37 -4.31
N PRO D 345 16.16 -5.15 -5.42
CA PRO D 345 14.99 -4.26 -5.39
C PRO D 345 13.90 -4.83 -4.50
N ASN D 346 13.33 -3.96 -3.66
CA ASN D 346 12.35 -4.38 -2.65
C ASN D 346 11.14 -5.00 -3.30
N ASN D 347 10.22 -4.17 -3.81
CA ASN D 347 9.03 -4.63 -4.51
C ASN D 347 8.17 -5.55 -3.63
N GLY D 348 8.14 -5.25 -2.33
CA GLY D 348 7.32 -6.00 -1.39
C GLY D 348 8.08 -6.95 -0.49
N ALA D 349 9.40 -7.05 -0.64
CA ALA D 349 10.17 -7.87 0.29
C ALA D 349 10.10 -7.30 1.71
N ILE D 350 10.10 -5.98 1.83
CA ILE D 350 9.82 -5.30 3.09
C ILE D 350 8.62 -4.40 2.84
N GLU D 351 7.49 -4.70 3.49
CA GLU D 351 6.23 -4.06 3.14
C GLU D 351 6.25 -2.56 3.43
N ASN D 352 6.85 -2.17 4.55
CA ASN D 352 6.78 -0.78 4.99
C ASN D 352 7.77 0.13 4.27
N LEU D 353 8.45 -0.35 3.23
CA LEU D 353 9.41 0.44 2.49
C LEU D 353 8.95 0.58 1.04
N SER D 354 9.47 1.61 0.37
CA SER D 354 9.09 1.87 -1.01
C SER D 354 9.60 0.77 -1.93
N ASP D 355 8.97 0.68 -3.10
CA ASP D 355 9.31 -0.36 -4.06
C ASP D 355 10.74 -0.23 -4.56
N ASP D 356 11.17 0.98 -4.85
CA ASP D 356 12.51 1.22 -5.38
C ASP D 356 13.58 1.26 -4.31
N ALA D 357 13.31 0.76 -3.10
CA ALA D 357 14.31 0.70 -2.06
C ALA D 357 15.19 -0.52 -2.26
N THR D 358 16.51 -0.33 -2.24
CA THR D 358 17.45 -1.42 -2.43
C THR D 358 17.79 -1.99 -1.06
N VAL D 359 17.07 -3.02 -0.67
CA VAL D 359 17.23 -3.65 0.63
C VAL D 359 18.29 -4.75 0.53
N GLU D 360 18.98 -4.99 1.63
CA GLU D 360 20.01 -6.02 1.75
C GLU D 360 19.42 -7.15 2.60
N ILE D 361 18.85 -8.15 1.93
CA ILE D 361 18.16 -9.24 2.61
C ILE D 361 18.69 -10.57 2.07
N PRO D 362 18.54 -11.66 2.82
CA PRO D 362 19.02 -12.96 2.32
C PRO D 362 18.23 -13.43 1.12
N GLY D 363 18.95 -13.95 0.12
CA GLY D 363 18.32 -14.48 -1.07
C GLY D 363 19.08 -15.68 -1.59
N TYR D 364 18.36 -16.53 -2.29
CA TYR D 364 18.92 -17.77 -2.84
C TYR D 364 19.44 -17.52 -4.25
N VAL D 365 20.75 -17.66 -4.42
CA VAL D 365 21.40 -17.38 -5.70
C VAL D 365 21.12 -18.53 -6.66
N THR D 366 20.32 -18.26 -7.70
CA THR D 366 20.00 -19.24 -8.72
C THR D 366 20.79 -18.95 -9.99
N ASP D 367 20.65 -19.84 -10.98
CA ASP D 367 21.29 -19.62 -12.27
C ASP D 367 20.63 -18.49 -13.05
N ARG D 368 19.49 -17.98 -12.59
CA ARG D 368 18.75 -16.93 -13.28
C ARG D 368 18.70 -15.64 -12.47
N GLY D 369 19.42 -15.57 -11.36
CA GLY D 369 19.45 -14.40 -10.50
C GLY D 369 19.23 -14.80 -9.06
N VAL D 370 18.98 -13.79 -8.23
CA VAL D 370 18.75 -13.98 -6.80
C VAL D 370 17.25 -14.02 -6.53
N GLU D 371 16.82 -15.02 -5.77
CA GLU D 371 15.43 -15.11 -5.31
C GLU D 371 15.37 -14.62 -3.87
N PRO D 372 14.94 -13.39 -3.62
CA PRO D 372 14.94 -12.88 -2.24
C PRO D 372 13.74 -13.40 -1.46
N VAL D 373 13.98 -13.70 -0.18
CA VAL D 373 12.92 -14.19 0.69
C VAL D 373 12.04 -13.03 1.10
N ARG D 374 10.76 -13.31 1.34
CA ARG D 374 9.81 -12.31 1.80
C ARG D 374 10.04 -12.07 3.29
N VAL D 375 10.58 -10.90 3.62
CA VAL D 375 10.93 -10.61 5.01
C VAL D 375 9.70 -10.23 5.81
N GLY D 376 8.87 -9.33 5.28
CA GLY D 376 7.69 -8.87 5.99
C GLY D 376 7.83 -7.46 6.51
N SER D 377 7.12 -7.14 7.59
CA SER D 377 7.14 -5.80 8.16
C SER D 377 8.24 -5.68 9.21
N ILE D 378 8.90 -4.54 9.23
CA ILE D 378 9.96 -4.25 10.21
C ILE D 378 9.42 -3.23 11.20
N PRO D 379 9.88 -3.26 12.46
CA PRO D 379 9.36 -2.33 13.47
C PRO D 379 9.65 -0.88 13.11
N ARG D 380 9.04 0.03 13.90
CA ARG D 380 9.00 1.44 13.54
C ARG D 380 10.38 2.08 13.56
N PHE D 381 11.18 1.79 14.60
CA PHE D 381 12.48 2.46 14.75
C PHE D 381 13.39 2.18 13.56
N TYR D 382 13.35 0.95 13.04
CA TYR D 382 14.19 0.59 11.91
C TYR D 382 13.58 1.01 10.57
N LYS D 383 12.26 1.19 10.52
CA LYS D 383 11.65 1.77 9.33
C LYS D 383 12.03 3.24 9.18
N GLY D 384 11.95 3.99 10.27
CA GLY D 384 12.24 5.41 10.20
C GLY D 384 13.67 5.70 9.79
N LEU D 385 14.63 4.92 10.29
CA LEU D 385 16.02 5.12 9.91
C LEU D 385 16.25 4.74 8.45
N ILE D 386 15.62 3.65 7.99
CA ILE D 386 15.80 3.24 6.61
C ILE D 386 15.08 4.19 5.66
N GLU D 387 13.88 4.64 6.04
CA GLU D 387 13.15 5.59 5.20
C GLU D 387 13.93 6.88 5.00
N GLN D 388 14.70 7.30 6.01
CA GLN D 388 15.50 8.50 5.88
C GLN D 388 16.67 8.29 4.94
N GLN D 389 17.39 7.18 5.11
CA GLN D 389 18.55 6.91 4.26
C GLN D 389 18.12 6.56 2.83
N ASP D 390 16.98 5.87 2.69
CA ASP D 390 16.50 5.52 1.36
C ASP D 390 16.10 6.79 0.59
N ALA D 391 15.40 7.71 1.25
CA ALA D 391 15.10 8.99 0.64
C ALA D 391 16.37 9.79 0.39
N CYS D 392 17.37 9.66 1.26
CA CYS D 392 18.64 10.33 1.05
C CYS D 392 19.34 9.82 -0.20
N GLU D 393 19.42 8.49 -0.34
CA GLU D 393 20.05 7.90 -1.52
C GLU D 393 19.19 8.05 -2.76
N GLY D 394 17.86 8.05 -2.60
CA GLY D 394 16.99 8.25 -3.74
C GLY D 394 17.09 9.65 -4.33
N LEU D 395 17.22 10.65 -3.45
CA LEU D 395 17.37 12.02 -3.93
C LEU D 395 18.70 12.22 -4.64
N LEU D 396 19.76 11.56 -4.15
CA LEU D 396 21.06 11.70 -4.79
C LEU D 396 21.07 11.07 -6.17
N VAL D 397 20.35 9.95 -6.33
CA VAL D 397 20.24 9.33 -7.65
C VAL D 397 19.44 10.22 -8.60
N GLU D 398 18.37 10.85 -8.09
CA GLU D 398 17.62 11.77 -8.92
C GLU D 398 18.45 12.99 -9.31
N ALA D 399 19.40 13.38 -8.46
CA ALA D 399 20.28 14.48 -8.81
C ALA D 399 21.21 14.11 -9.97
N ALA D 400 21.59 12.83 -10.04
CA ALA D 400 22.43 12.37 -11.15
C ALA D 400 21.65 12.38 -12.46
N ILE D 401 20.42 11.89 -12.44
CA ILE D 401 19.64 11.76 -13.67
C ILE D 401 19.12 13.12 -14.11
N GLU D 402 18.53 13.88 -13.19
CA GLU D 402 17.91 15.15 -13.53
C GLU D 402 18.90 16.31 -13.57
N HIS D 403 20.16 16.08 -13.20
CA HIS D 403 21.19 17.13 -13.20
C HIS D 403 20.76 18.33 -12.37
N SER D 404 20.26 18.06 -11.17
CA SER D 404 19.68 19.08 -10.30
C SER D 404 20.60 19.33 -9.11
N TYR D 405 20.95 20.60 -8.91
CA TYR D 405 21.70 21.00 -7.72
C TYR D 405 20.83 20.94 -6.48
N GLU D 406 19.54 21.25 -6.60
CA GLU D 406 18.66 21.23 -5.44
C GLU D 406 18.41 19.82 -4.94
N LYS D 407 18.33 18.85 -5.87
CA LYS D 407 18.16 17.45 -5.47
C LYS D 407 19.39 16.96 -4.70
N ALA D 408 20.59 17.32 -5.16
CA ALA D 408 21.79 16.93 -4.43
C ALA D 408 21.85 17.62 -3.07
N LEU D 409 21.37 18.86 -3.00
CA LEU D 409 21.30 19.56 -1.71
C LEU D 409 20.29 18.90 -0.79
N MSE D 410 19.17 18.46 -1.33
CA MSE D 410 18.15 17.76 -0.56
C MSE D 410 18.68 16.45 -0.01
O MSE D 410 18.39 16.08 1.13
CB MSE D 410 16.91 17.50 -1.42
CG MSE D 410 16.04 18.74 -1.64
SE MSE D 410 14.62 18.42 -2.95
CE MSE D 410 13.55 20.02 -2.63
N ALA D 411 19.47 15.74 -0.82
CA ALA D 411 20.07 14.49 -0.37
C ALA D 411 21.09 14.72 0.72
N PHE D 412 21.88 15.79 0.59
CA PHE D 412 22.85 16.12 1.64
C PHE D 412 22.17 16.51 2.94
N THR D 413 21.06 17.24 2.85
CA THR D 413 20.33 17.63 4.05
C THR D 413 19.70 16.43 4.74
N MSE D 414 19.30 15.42 3.98
CA MSE D 414 18.60 14.25 4.52
C MSE D 414 19.53 13.36 5.34
O MSE D 414 19.08 12.69 6.28
CB MSE D 414 17.98 13.45 3.38
CG MSE D 414 17.04 12.35 3.85
SE MSE D 414 15.37 13.06 4.57
CE MSE D 414 14.70 13.91 2.95
N ASN D 415 20.82 13.34 4.98
CA ASN D 415 21.76 12.45 5.65
C ASN D 415 21.89 12.80 7.13
N ARG D 416 21.99 11.76 7.96
CA ARG D 416 22.03 11.97 9.41
C ARG D 416 23.33 12.64 9.84
N THR D 417 24.45 12.27 9.22
CA THR D 417 25.75 12.78 9.62
C THR D 417 25.89 14.28 9.39
N ILE D 418 24.98 14.90 8.63
CA ILE D 418 25.02 16.32 8.35
C ILE D 418 24.19 17.03 9.43
N PRO D 419 24.77 17.98 10.18
CA PRO D 419 24.02 18.57 11.29
C PRO D 419 22.86 19.44 10.85
N SER D 420 23.02 20.19 9.76
CA SER D 420 21.98 21.10 9.30
C SER D 420 22.08 21.27 7.79
N SER D 421 21.09 21.96 7.23
CA SER D 421 21.12 22.27 5.80
C SER D 421 22.19 23.31 5.48
N LEU D 422 22.54 24.16 6.45
CA LEU D 422 23.59 25.14 6.23
C LEU D 422 24.93 24.46 5.96
N VAL D 423 25.29 23.48 6.80
CA VAL D 423 26.51 22.72 6.57
C VAL D 423 26.40 21.89 5.29
N ALA D 424 25.18 21.45 4.96
CA ALA D 424 25.00 20.63 3.76
C ALA D 424 25.34 21.41 2.50
N LYS D 425 24.96 22.69 2.44
CA LYS D 425 25.26 23.48 1.26
C LYS D 425 26.75 23.77 1.16
N LYS D 426 27.39 24.10 2.28
CA LYS D 426 28.84 24.29 2.29
C LYS D 426 29.56 22.99 1.99
N LEU D 427 28.97 21.86 2.35
CA LEU D 427 29.59 20.56 2.09
C LEU D 427 29.43 20.17 0.63
N LEU D 428 28.25 20.42 0.04
CA LEU D 428 28.03 20.09 -1.36
C LEU D 428 28.86 20.97 -2.28
N ASP D 429 28.97 22.26 -1.95
CA ASP D 429 29.74 23.18 -2.78
C ASP D 429 31.21 22.81 -2.81
N ASP D 430 31.75 22.31 -1.69
CA ASP D 430 33.13 21.87 -1.68
C ASP D 430 33.33 20.60 -2.51
N MSE D 431 32.32 19.75 -2.57
CA MSE D 431 32.40 18.51 -3.34
C MSE D 431 32.35 18.79 -4.84
O MSE D 431 33.00 18.10 -5.63
CB MSE D 431 31.28 17.54 -2.94
CG MSE D 431 31.37 17.06 -1.50
SE MSE D 431 33.06 16.18 -1.09
CE MSE D 431 32.62 15.51 0.69
N ILE D 432 31.56 19.80 -5.23
CA ILE D 432 31.48 20.16 -6.63
C ILE D 432 32.80 20.74 -7.12
N GLU D 433 33.51 21.46 -6.24
CA GLU D 433 34.81 22.00 -6.62
C GLU D 433 35.84 20.89 -6.82
N ALA D 434 35.81 19.87 -5.96
CA ALA D 434 36.84 18.83 -5.99
C ALA D 434 36.52 17.68 -6.94
N ASN D 435 35.29 17.55 -7.39
CA ASN D 435 34.88 16.42 -8.22
C ASN D 435 34.49 16.85 -9.63
N LYS D 436 35.02 17.97 -10.11
CA LYS D 436 34.78 18.39 -11.48
C LYS D 436 35.52 17.45 -12.43
N GLY D 437 34.78 16.86 -13.37
CA GLY D 437 35.29 15.82 -14.23
C GLY D 437 34.82 14.43 -13.85
N TYR D 438 34.31 14.25 -12.64
CA TYR D 438 33.73 12.99 -12.18
C TYR D 438 32.23 13.08 -11.98
N TRP D 439 31.74 14.19 -11.44
CA TRP D 439 30.32 14.38 -11.21
C TRP D 439 29.63 14.87 -12.48
N PRO D 440 28.33 14.58 -12.62
CA PRO D 440 27.55 15.21 -13.69
C PRO D 440 27.29 16.67 -13.37
N GLU D 441 26.90 17.42 -14.41
CA GLU D 441 26.57 18.82 -14.23
C GLU D 441 25.32 18.94 -13.36
N LEU D 442 25.28 19.99 -12.54
CA LEU D 442 24.17 20.22 -11.61
C LEU D 442 23.66 21.65 -11.80
N LYS D 443 22.57 21.79 -12.55
CA LYS D 443 21.94 23.09 -12.74
C LYS D 443 20.81 23.30 -11.74
MN MN E . 1.09 25.10 17.05
C1 G6P F . 2.32 29.84 17.58
C2 G6P F . 2.65 28.36 17.66
C3 G6P F . 2.61 27.86 19.10
C4 G6P F . 3.47 28.76 19.98
C5 G6P F . 3.03 30.21 19.81
C6 G6P F . 3.81 31.17 20.70
O1 G6P F . 0.96 30.06 17.98
O2 G6P F . 1.68 27.62 16.89
O3 G6P F . 3.10 26.52 19.16
O4 G6P F . 3.35 28.38 21.35
O5 G6P F . 3.19 30.58 18.43
O6 G6P F . 4.68 30.47 21.58
P G6P F . 5.35 31.24 22.82
O1P G6P F . 6.76 30.70 22.87
O2P G6P F . 4.48 30.87 24.00
O3P G6P F . 5.26 32.69 22.43
PA NAD G . -0.03 28.82 30.79
O1A NAD G . 1.05 28.03 31.46
O2A NAD G . 0.00 30.31 30.94
O5B NAD G . -1.46 28.27 31.26
C5B NAD G . -1.76 26.85 31.09
C4B NAD G . -2.86 26.46 32.04
O4B NAD G . -3.14 25.04 31.92
C3B NAD G . -2.59 26.71 33.53
O3B NAD G . -3.71 27.38 34.12
C2B NAD G . -2.47 25.29 34.10
O2B NAD G . -2.75 25.19 35.48
C1B NAD G . -3.46 24.56 33.20
N9A NAD G . -3.34 23.11 33.23
C8A NAD G . -2.17 22.39 33.32
N7A NAD G . -2.37 21.10 33.33
C5A NAD G . -3.74 20.94 33.24
C6A NAD G . -4.57 19.81 33.21
N6A NAD G . -4.11 18.56 33.26
N1A NAD G . -5.91 20.01 33.12
C2A NAD G . -6.35 21.28 33.06
N3A NAD G . -5.67 22.41 33.09
C4A NAD G . -4.36 22.18 33.17
O3 NAD G . -0.03 28.48 29.22
PN NAD G . -0.17 29.39 27.90
O1N NAD G . -1.38 30.25 28.04
O2N NAD G . 1.15 30.03 27.64
O5D NAD G . -0.44 28.26 26.80
C5D NAD G . -1.54 27.34 27.03
C4D NAD G . -1.47 26.21 26.03
O4D NAD G . -1.80 26.71 24.72
C3D NAD G . -0.08 25.56 25.87
O3D NAD G . -0.22 24.15 25.85
C2D NAD G . 0.35 26.11 24.51
O2D NAD G . 1.37 25.37 23.86
C1D NAD G . -0.99 26.06 23.77
N1N NAD G . -0.98 26.86 22.51
C2N NAD G . -0.94 26.22 21.30
C3N NAD G . -0.91 26.95 20.12
C7N NAD G . -0.94 26.19 18.82
O7N NAD G . -0.29 26.62 17.86
N7N NAD G . -1.68 25.10 18.75
C4N NAD G . -0.88 28.34 20.18
C5N NAD G . -0.95 28.97 21.41
C6N NAD G . -1.00 28.22 22.56
MN MN H . -25.92 7.34 -14.88
P PO4 I . -32.55 5.27 -20.16
O1 PO4 I . -31.35 5.74 -20.93
O2 PO4 I . -32.63 6.02 -18.84
O3 PO4 I . -33.80 5.54 -20.96
O4 PO4 I . -32.43 3.79 -19.89
PA NAD J . -29.28 10.34 -28.21
O1A NAD J . -28.76 9.18 -29.00
O2A NAD J . -30.73 10.67 -28.32
O5B NAD J . -28.41 11.64 -28.58
C5B NAD J . -26.96 11.59 -28.46
C4B NAD J . -26.37 12.70 -29.29
O4B NAD J . -24.92 12.62 -29.24
C3B NAD J . -26.73 12.70 -30.78
O3B NAD J . -27.03 14.02 -31.21
C2B NAD J . -25.43 12.24 -31.44
O2B NAD J . -25.30 12.63 -32.80
C1B NAD J . -24.43 12.93 -30.52
N9A NAD J . -23.06 12.45 -30.65
C8A NAD J . -22.66 11.15 -30.90
N7A NAD J . -21.36 11.01 -30.97
C5A NAD J . -20.87 12.30 -30.79
C6A NAD J . -19.56 12.81 -30.76
N6A NAD J . -18.47 12.06 -30.94
N1A NAD J . -19.42 14.14 -30.55
C2A NAD J . -20.51 14.88 -30.37
N3A NAD J . -21.79 14.51 -30.36
C4A NAD J . -21.90 13.19 -30.59
O3 NAD J . -28.91 10.13 -26.67
PN NAD J . -29.63 10.59 -25.31
O1N NAD J . -29.99 12.04 -25.42
O2N NAD J . -30.70 9.61 -24.97
O5D NAD J . -28.42 10.43 -24.27
C5D NAD J . -27.22 11.20 -24.51
C4D NAD J . -26.16 10.79 -23.52
O4D NAD J . -26.59 11.10 -22.19
C3D NAD J . -25.81 9.28 -23.49
O3D NAD J . -24.40 9.11 -23.54
C2D NAD J . -26.36 8.87 -22.12
O2D NAD J . -25.77 7.69 -21.58
C1D NAD J . -26.06 10.12 -21.30
N1N NAD J . -26.81 10.17 -20.02
C2N NAD J . -26.16 9.89 -18.85
C3N NAD J . -26.81 10.00 -17.63
C7N NAD J . -26.00 9.76 -16.38
O7N NAD J . -26.56 9.81 -15.28
N7N NAD J . -24.70 9.53 -16.52
C4N NAD J . -28.16 10.31 -17.61
C5N NAD J . -28.82 10.55 -18.80
C6N NAD J . -28.12 10.48 -19.98
MN MN K . -5.14 -29.49 -3.03
C1 G6P L . -5.93 -33.11 -6.95
C2 G6P L . -5.48 -32.23 -5.77
C3 G6P L . -6.18 -32.51 -4.45
C4 G6P L . -7.59 -33.01 -4.72
C5 G6P L . -7.47 -34.34 -5.43
C6 G6P L . -8.89 -34.83 -5.73
O1 G6P L . -4.75 -33.53 -7.66
O2 G6P L . -4.07 -32.34 -5.58
O3 G6P L . -6.25 -31.29 -3.69
O4 G6P L . -8.30 -33.15 -3.50
O5 G6P L . -6.76 -34.25 -6.66
O6 G6P L . -8.89 -36.21 -6.07
P G6P L . -10.30 -37.00 -6.09
O1P G6P L . -9.95 -38.36 -6.67
O2P G6P L . -10.73 -37.02 -4.65
O3P G6P L . -11.17 -36.15 -6.99
PA NAD M . -11.37 -40.46 3.54
O1A NAD M . -12.79 -40.05 3.70
O2A NAD M . -11.09 -41.78 2.89
O5B NAD M . -10.64 -40.40 4.97
C5B NAD M . -10.70 -39.19 5.77
C4B NAD M . -10.51 -39.55 7.22
O4B NAD M . -10.55 -38.37 8.06
C3B NAD M . -11.56 -40.51 7.83
O3B NAD M . -10.90 -41.67 8.32
C2B NAD M . -12.17 -39.68 8.97
O2B NAD M . -12.67 -40.46 10.04
C1B NAD M . -10.99 -38.79 9.33
N9A NAD M . -11.34 -37.64 10.15
C8A NAD M . -12.50 -36.91 10.11
N7A NAD M . -12.54 -35.93 10.99
C5A NAD M . -11.32 -36.03 11.65
C6A NAD M . -10.76 -35.28 12.69
N6A NAD M . -11.36 -34.24 13.27
N1A NAD M . -9.53 -35.63 13.13
C2A NAD M . -8.92 -36.68 12.55
N3A NAD M . -9.35 -37.45 11.56
C4A NAD M . -10.57 -37.08 11.15
O3 NAD M . -10.59 -39.32 2.71
PN NAD M . -9.49 -39.39 1.55
O1N NAD M . -8.39 -40.32 1.98
O2N NAD M . -10.17 -39.65 0.25
O5D NAD M . -8.95 -37.88 1.58
C5D NAD M . -8.49 -37.36 2.86
C4D NAD M . -8.23 -35.88 2.73
O4D NAD M . -7.10 -35.67 1.85
C3D NAD M . -9.37 -35.05 2.12
O3D NAD M . -9.61 -33.90 2.92
C2D NAD M . -8.79 -34.69 0.75
O2D NAD M . -9.38 -33.55 0.14
C1D NAD M . -7.33 -34.48 1.12
N1N NAD M . -6.42 -34.49 -0.06
C2N NAD M . -5.90 -33.31 -0.54
C3N NAD M . -4.78 -33.35 -1.36
C7N NAD M . -4.02 -32.08 -1.63
O7N NAD M . -4.62 -31.00 -1.57
N7N NAD M . -2.72 -32.17 -1.85
C4N NAD M . -4.42 -34.57 -1.94
C5N NAD M . -5.13 -35.71 -1.63
C6N NAD M . -6.11 -35.65 -0.67
P PO4 N . 5.49 -12.87 -12.80
O1 PO4 N . 6.27 -11.82 -12.05
O2 PO4 N . 6.24 -13.26 -14.05
O3 PO4 N . 4.13 -12.32 -13.17
O4 PO4 N . 5.31 -14.08 -11.91
C1 EDO O . 6.18 2.98 -4.30
O1 EDO O . 7.34 3.81 -4.36
C2 EDO O . 6.02 2.44 -2.88
O2 EDO O . 4.90 1.55 -2.82
MN MN P . 30.91 -3.01 1.59
C1 G6P Q . 34.62 -2.34 4.26
C2 G6P Q . 34.12 -1.88 2.88
C3 G6P Q . 35.25 -1.57 1.90
C4 G6P Q . 36.54 -1.32 2.65
C5 G6P Q . 36.92 -2.54 3.47
C6 G6P Q . 38.03 -2.11 4.44
O1 G6P Q . 33.60 -3.13 4.89
O2 G6P Q . 33.25 -2.87 2.32
O3 G6P Q . 34.91 -0.41 1.14
O4 G6P Q . 37.57 -1.04 1.69
O5 G6P Q . 35.83 -3.07 4.24
O6 G6P Q . 38.18 -0.70 4.31
P G6P Q . 39.62 -0.05 4.05
O1P G6P Q . 40.57 -1.20 4.27
O2P G6P Q . 39.70 1.08 5.04
O3P G6P Q . 39.53 0.39 2.61
PA NAD R . 42.00 0.77 -6.29
O1A NAD R . 42.14 2.23 -6.62
O2A NAD R . 43.22 0.06 -5.82
O5B NAD R . 41.40 0.00 -7.57
C5B NAD R . 40.27 0.55 -8.30
C4B NAD R . 40.50 0.31 -9.77
O4B NAD R . 39.34 0.74 -10.52
C3B NAD R . 41.69 1.05 -10.40
O3B NAD R . 42.50 0.13 -11.13
C2B NAD R . 41.02 2.03 -11.36
O2B NAD R . 41.84 2.42 -12.46
C1B NAD R . 39.80 1.21 -11.76
N9A NAD R . 38.75 1.98 -12.42
C8A NAD R . 38.44 3.30 -12.20
N7A NAD R . 37.45 3.73 -12.95
C5A NAD R . 37.08 2.62 -13.71
C6A NAD R . 36.10 2.43 -14.70
N6A NAD R . 35.27 3.38 -15.10
N1A NAD R . 36.01 1.20 -15.26
C2A NAD R . 36.85 0.25 -14.85
N3A NAD R . 37.82 0.31 -13.94
C4A NAD R . 37.89 1.54 -13.40
O3 NAD R . 40.85 0.59 -5.20
PN NAD R . 40.24 -0.68 -4.42
O1N NAD R . 41.29 -1.74 -4.33
O2N NAD R . 39.63 -0.19 -3.14
O5D NAD R . 39.07 -1.14 -5.41
C5D NAD R . 38.09 -2.08 -4.91
C4D NAD R . 36.73 -1.42 -4.92
O4D NAD R . 35.80 -2.28 -4.23
C3D NAD R . 36.63 -0.07 -4.21
O3D NAD R . 35.53 0.67 -4.72
C2D NAD R . 36.35 -0.55 -2.78
O2D NAD R . 35.88 0.46 -1.90
C1D NAD R . 35.29 -1.61 -3.07
N1N NAD R . 35.17 -2.60 -1.96
C2N NAD R . 33.93 -3.03 -1.58
C3N NAD R . 33.80 -4.04 -0.62
C7N NAD R . 32.41 -4.52 -0.29
O7N NAD R . 32.27 -5.40 0.55
N7N NAD R . 31.40 -3.95 -0.92
C4N NAD R . 34.95 -4.54 -0.01
C5N NAD R . 36.18 -4.05 -0.37
C6N NAD R . 36.28 -3.08 -1.34
#